data_6OGP
# 
_entry.id   6OGP 
# 
_audit_conform.dict_name       mmcif_pdbx.dic 
_audit_conform.dict_version    5.380 
_audit_conform.dict_location   http://mmcif.pdb.org/dictionaries/ascii/mmcif_pdbx.dic 
# 
loop_
_database_2.database_id 
_database_2.database_code 
_database_2.pdbx_database_accession 
_database_2.pdbx_DOI 
PDB   6OGP         pdb_00006ogp 10.2210/pdb6ogp/pdb 
WWPDB D_1000240351 ?            ?                   
# 
_pdbx_database_status.status_code                     REL 
_pdbx_database_status.status_code_sf                  REL 
_pdbx_database_status.status_code_mr                  ? 
_pdbx_database_status.entry_id                        6OGP 
_pdbx_database_status.recvd_initial_deposition_date   2019-04-03 
_pdbx_database_status.SG_entry                        N 
_pdbx_database_status.deposit_site                    RCSB 
_pdbx_database_status.process_site                    RCSB 
_pdbx_database_status.status_code_cs                  ? 
_pdbx_database_status.methods_development_category    ? 
_pdbx_database_status.pdb_format_compatible           Y 
_pdbx_database_status.status_code_nmr_data            ? 
# 
loop_
_audit_author.name 
_audit_author.pdbx_ordinal 
_audit_author.identifier_ORCID 
'Bulut, H.'      1 0000-0003-0262-6296 
'Hattori, S.I.'  2 ?                   
'Aoki-Ogata, H.' 3 ?                   
'Hayashi, H.'    4 ?                   
'Aoki, M.'       5 ?                   
'Ghosh, A.K.'    6 ?                   
'Mitsuya, H.'    7 ?                   
# 
_citation.abstract                  ? 
_citation.abstract_id_CAS           ? 
_citation.book_id_ISBN              ? 
_citation.book_publisher            ? 
_citation.book_publisher_city       ? 
_citation.book_title                ? 
_citation.coordinate_linkage        ? 
_citation.country                   UK 
_citation.database_id_Medline       ? 
_citation.details                   ? 
_citation.id                        primary 
_citation.journal_abbrev            'Sci Rep' 
_citation.journal_id_ASTM           ? 
_citation.journal_id_CSD            ? 
_citation.journal_id_ISSN           2045-2322 
_citation.journal_full              ? 
_citation.journal_issue             ? 
_citation.journal_volume            10 
_citation.language                  ? 
_citation.page_first                10664 
_citation.page_last                 10664 
_citation.title                     
;Single atom changes in newly synthesized HIV protease inhibitors reveal structural basis for extreme affinity, high genetic barrier, and adaptation to the HIV protease plasticity.
;
_citation.year                      2020 
_citation.database_id_CSD           ? 
_citation.pdbx_database_id_DOI      10.1038/s41598-020-65993-z 
_citation.pdbx_database_id_PubMed   32606378 
_citation.unpublished_flag          ? 
# 
loop_
_citation_author.citation_id 
_citation_author.name 
_citation_author.ordinal 
_citation_author.identifier_ORCID 
primary 'Bulut, H.'        1  ? 
primary 'Hattori, S.I.'    2  ? 
primary 'Aoki-Ogata, H.'   3  ? 
primary 'Hayashi, H.'      4  ? 
primary 'Das, D.'          5  ? 
primary 'Aoki, M.'         6  ? 
primary 'Davis, D.A.'      7  ? 
primary 'Rao, K.V.'        8  ? 
primary 'Nyalapatla, P.R.' 9  ? 
primary 'Ghosh, A.K.'      10 ? 
primary 'Mitsuya, H.'      11 ? 
# 
_cell.angle_alpha                  90.00 
_cell.angle_alpha_esd              ? 
_cell.angle_beta                   90.00 
_cell.angle_beta_esd               ? 
_cell.angle_gamma                  120.00 
_cell.angle_gamma_esd              ? 
_cell.entry_id                     6OGP 
_cell.details                      ? 
_cell.formula_units_Z              ? 
_cell.length_a                     63.087 
_cell.length_a_esd                 ? 
_cell.length_b                     63.087 
_cell.length_b_esd                 ? 
_cell.length_c                     82.339 
_cell.length_c_esd                 ? 
_cell.volume                       ? 
_cell.volume_esd                   ? 
_cell.Z_PDB                        12 
_cell.reciprocal_angle_alpha       ? 
_cell.reciprocal_angle_beta        ? 
_cell.reciprocal_angle_gamma       ? 
_cell.reciprocal_angle_alpha_esd   ? 
_cell.reciprocal_angle_beta_esd    ? 
_cell.reciprocal_angle_gamma_esd   ? 
_cell.reciprocal_length_a          ? 
_cell.reciprocal_length_b          ? 
_cell.reciprocal_length_c          ? 
_cell.reciprocal_length_a_esd      ? 
_cell.reciprocal_length_b_esd      ? 
_cell.reciprocal_length_c_esd      ? 
_cell.pdbx_unique_axis             ? 
# 
_symmetry.entry_id                         6OGP 
_symmetry.cell_setting                     ? 
_symmetry.Int_Tables_number                178 
_symmetry.space_group_name_Hall            ? 
_symmetry.space_group_name_H-M             'P 61 2 2' 
_symmetry.pdbx_full_space_group_name_H-M   ? 
# 
loop_
_entity.id 
_entity.type 
_entity.src_method 
_entity.pdbx_description 
_entity.formula_weight 
_entity.pdbx_number_of_molecules 
_entity.pdbx_ec 
_entity.pdbx_mutation 
_entity.pdbx_fragment 
_entity.details 
1 polymer     man Protease 10830.781 1  ? ? ? ? 
2 non-polymer syn 1,2-ETHANEDIOL 62.068    1  ? ? ? ? 
3 non-polymer syn 
;(3S,3aR,5R,7aS,8S)-hexahydro-4H-3,5-methanofuro[2,3-b]pyran-8-yl {(2S,3R)-1-(3,5-difluorophenyl)-3-hydroxy-4-[(2-methylpropyl)({2-[(propan-2-yl)amino]-1,3-benzoxazol-6-yl}sulfonyl)amino]butan-2-yl}carbamate
;
692.770   1  ? ? ? ? 
4 water       nat water 18.015    34 ? ? ? ? 
# 
_entity_poly.entity_id                      1 
_entity_poly.type                           'polypeptide(L)' 
_entity_poly.nstd_linkage                   no 
_entity_poly.nstd_monomer                   no 
_entity_poly.pdbx_seq_one_letter_code       
;PQITLWQRPLVTIKIGGQLKEALLDTGADDTVLEEMNLPGRWKPKMIGGIGGFIKVRQYDQILIEICGHKAIGTVLVGPT
PVNIIGRNLLTQIGCTLNF
;
_entity_poly.pdbx_seq_one_letter_code_can   
;PQITLWQRPLVTIKIGGQLKEALLDTGADDTVLEEMNLPGRWKPKMIGGIGGFIKVRQYDQILIEICGHKAIGTVLVGPT
PVNIIGRNLLTQIGCTLNF
;
_entity_poly.pdbx_strand_id                 A 
_entity_poly.pdbx_target_identifier         ? 
# 
loop_
_entity_poly_seq.entity_id 
_entity_poly_seq.num 
_entity_poly_seq.mon_id 
_entity_poly_seq.hetero 
1 1  PRO n 
1 2  GLN n 
1 3  ILE n 
1 4  THR n 
1 5  LEU n 
1 6  TRP n 
1 7  GLN n 
1 8  ARG n 
1 9  PRO n 
1 10 LEU n 
1 11 VAL n 
1 12 THR n 
1 13 ILE n 
1 14 LYS n 
1 15 ILE n 
1 16 GLY n 
1 17 GLY n 
1 18 GLN n 
1 19 LEU n 
1 20 LYS n 
1 21 GLU n 
1 22 ALA n 
1 23 LEU n 
1 24 LEU n 
1 25 ASP n 
1 26 THR n 
1 27 GLY n 
1 28 ALA n 
1 29 ASP n 
1 30 ASP n 
1 31 THR n 
1 32 VAL n 
1 33 LEU n 
1 34 GLU n 
1 35 GLU n 
1 36 MET n 
1 37 ASN n 
1 38 LEU n 
1 39 PRO n 
1 40 GLY n 
1 41 ARG n 
1 42 TRP n 
1 43 LYS n 
1 44 PRO n 
1 45 LYS n 
1 46 MET n 
1 47 ILE n 
1 48 GLY n 
1 49 GLY n 
1 50 ILE n 
1 51 GLY n 
1 52 GLY n 
1 53 PHE n 
1 54 ILE n 
1 55 LYS n 
1 56 VAL n 
1 57 ARG n 
1 58 GLN n 
1 59 TYR n 
1 60 ASP n 
1 61 GLN n 
1 62 ILE n 
1 63 LEU n 
1 64 ILE n 
1 65 GLU n 
1 66 ILE n 
1 67 CYS n 
1 68 GLY n 
1 69 HIS n 
1 70 LYS n 
1 71 ALA n 
1 72 ILE n 
1 73 GLY n 
1 74 THR n 
1 75 VAL n 
1 76 LEU n 
1 77 VAL n 
1 78 GLY n 
1 79 PRO n 
1 80 THR n 
1 81 PRO n 
1 82 VAL n 
1 83 ASN n 
1 84 ILE n 
1 85 ILE n 
1 86 GLY n 
1 87 ARG n 
1 88 ASN n 
1 89 LEU n 
1 90 LEU n 
1 91 THR n 
1 92 GLN n 
1 93 ILE n 
1 94 GLY n 
1 95 CYS n 
1 96 THR n 
1 97 LEU n 
1 98 ASN n 
1 99 PHE n 
# 
_entity_src_gen.entity_id                          1 
_entity_src_gen.pdbx_src_id                        1 
_entity_src_gen.pdbx_alt_source_flag               sample 
_entity_src_gen.pdbx_seq_type                      'Biological sequence' 
_entity_src_gen.pdbx_beg_seq_num                   1 
_entity_src_gen.pdbx_end_seq_num                   99 
_entity_src_gen.gene_src_common_name               ? 
_entity_src_gen.gene_src_genus                     ? 
_entity_src_gen.pdbx_gene_src_gene                 pol 
_entity_src_gen.gene_src_species                   ? 
_entity_src_gen.gene_src_strain                    ? 
_entity_src_gen.gene_src_tissue                    ? 
_entity_src_gen.gene_src_tissue_fraction           ? 
_entity_src_gen.gene_src_details                   ? 
_entity_src_gen.pdbx_gene_src_fragment             ? 
_entity_src_gen.pdbx_gene_src_scientific_name      'Human immunodeficiency virus 1' 
_entity_src_gen.pdbx_gene_src_ncbi_taxonomy_id     11676 
_entity_src_gen.pdbx_gene_src_variant              ? 
_entity_src_gen.pdbx_gene_src_cell_line            ? 
_entity_src_gen.pdbx_gene_src_atcc                 ? 
_entity_src_gen.pdbx_gene_src_organ                ? 
_entity_src_gen.pdbx_gene_src_organelle            ? 
_entity_src_gen.pdbx_gene_src_cell                 ? 
_entity_src_gen.pdbx_gene_src_cellular_location    ? 
_entity_src_gen.host_org_common_name               ? 
_entity_src_gen.pdbx_host_org_scientific_name      'Escherichia coli' 
_entity_src_gen.pdbx_host_org_ncbi_taxonomy_id     562 
_entity_src_gen.host_org_genus                     ? 
_entity_src_gen.pdbx_host_org_gene                 ? 
_entity_src_gen.pdbx_host_org_organ                ? 
_entity_src_gen.host_org_species                   ? 
_entity_src_gen.pdbx_host_org_tissue               ? 
_entity_src_gen.pdbx_host_org_tissue_fraction      ? 
_entity_src_gen.pdbx_host_org_strain               ? 
_entity_src_gen.pdbx_host_org_variant              ? 
_entity_src_gen.pdbx_host_org_cell_line            ? 
_entity_src_gen.pdbx_host_org_atcc                 ? 
_entity_src_gen.pdbx_host_org_culture_collection   ? 
_entity_src_gen.pdbx_host_org_cell                 ? 
_entity_src_gen.pdbx_host_org_organelle            ? 
_entity_src_gen.pdbx_host_org_cellular_location    ? 
_entity_src_gen.pdbx_host_org_vector_type          ? 
_entity_src_gen.pdbx_host_org_vector               ? 
_entity_src_gen.host_org_details                   ? 
_entity_src_gen.expression_system_id               ? 
_entity_src_gen.plasmid_name                       ? 
_entity_src_gen.plasmid_details                    ? 
_entity_src_gen.pdbx_description                   ? 
# 
_struct_ref.id                         1 
_struct_ref.db_name                    UNP 
_struct_ref.db_code                    Q8ULI2_9HIV1 
_struct_ref.pdbx_db_accession          Q8ULI2 
_struct_ref.pdbx_db_isoform            ? 
_struct_ref.entity_id                  1 
_struct_ref.pdbx_seq_one_letter_code   
;PQITLWQRPLVTIKIGGQLKEALLDTGADDTVLEEMNLPGRWKPKMIGGIGGFIKVRQYDQILIEICGHKAIGTVLVGPT
PVNIIGRNLLTQIGCTLNF
;
_struct_ref.pdbx_align_begin           1 
# 
_struct_ref_seq.align_id                      1 
_struct_ref_seq.ref_id                        1 
_struct_ref_seq.pdbx_PDB_id_code              6OGP 
_struct_ref_seq.pdbx_strand_id                A 
_struct_ref_seq.seq_align_beg                 1 
_struct_ref_seq.pdbx_seq_align_beg_ins_code   ? 
_struct_ref_seq.seq_align_end                 99 
_struct_ref_seq.pdbx_seq_align_end_ins_code   ? 
_struct_ref_seq.pdbx_db_accession             Q8ULI2 
_struct_ref_seq.db_align_beg                  1 
_struct_ref_seq.pdbx_db_align_beg_ins_code    ? 
_struct_ref_seq.db_align_end                  99 
_struct_ref_seq.pdbx_db_align_end_ins_code    ? 
_struct_ref_seq.pdbx_auth_seq_align_beg       1 
_struct_ref_seq.pdbx_auth_seq_align_end       99 
# 
loop_
_chem_comp.id 
_chem_comp.type 
_chem_comp.mon_nstd_flag 
_chem_comp.name 
_chem_comp.pdbx_synonyms 
_chem_comp.formula 
_chem_comp.formula_weight 
ALA 'L-peptide linking' y ALANINE ?                 'C3 H7 N O2'         89.093  
ARG 'L-peptide linking' y ARGININE ?                 'C6 H15 N4 O2 1'     175.209 
ASN 'L-peptide linking' y ASPARAGINE ?                 'C4 H8 N2 O3'        132.118 
ASP 'L-peptide linking' y 'ASPARTIC ACID' ?                 'C4 H7 N O4'         133.103 
CYS 'L-peptide linking' y CYSTEINE ?                 'C3 H7 N O2 S'       121.158 
EDO non-polymer         . 1,2-ETHANEDIOL 'ETHYLENE GLYCOL' 'C2 H6 O2'           62.068  
GLN 'L-peptide linking' y GLUTAMINE ?                 'C5 H10 N2 O3'       146.144 
GLU 'L-peptide linking' y 'GLUTAMIC ACID' ?                 'C5 H9 N O4'         147.129 
GLY 'peptide linking'   y GLYCINE ?                 'C2 H5 N O2'         75.067  
HIS 'L-peptide linking' y HISTIDINE ?                 'C6 H10 N3 O2 1'     156.162 
HOH non-polymer         . WATER ?                 'H2 O'               18.015  
ILE 'L-peptide linking' y ISOLEUCINE ?                 'C6 H13 N O2'        131.173 
LEU 'L-peptide linking' y LEUCINE ?                 'C6 H13 N O2'        131.173 
LYS 'L-peptide linking' y LYSINE ?                 'C6 H15 N2 O2 1'     147.195 
MET 'L-peptide linking' y METHIONINE ?                 'C5 H11 N O2 S'      149.211 
MJD non-polymer         . 
;(3S,3aR,5R,7aS,8S)-hexahydro-4H-3,5-methanofuro[2,3-b]pyran-8-yl {(2S,3R)-1-(3,5-difluorophenyl)-3-hydroxy-4-[(2-methylpropyl)({2-[(propan-2-yl)amino]-1,3-benzoxazol-6-yl}sulfonyl)amino]butan-2-yl}carbamate
;
?                 'C33 H42 F2 N4 O8 S' 692.770 
PHE 'L-peptide linking' y PHENYLALANINE ?                 'C9 H11 N O2'        165.189 
PRO 'L-peptide linking' y PROLINE ?                 'C5 H9 N O2'         115.130 
THR 'L-peptide linking' y THREONINE ?                 'C4 H9 N O3'         119.119 
TRP 'L-peptide linking' y TRYPTOPHAN ?                 'C11 H12 N2 O2'      204.225 
TYR 'L-peptide linking' y TYROSINE ?                 'C9 H11 N O3'        181.189 
VAL 'L-peptide linking' y VALINE ?                 'C5 H11 N O2'        117.146 
# 
_exptl.absorpt_coefficient_mu     ? 
_exptl.absorpt_correction_T_max   ? 
_exptl.absorpt_correction_T_min   ? 
_exptl.absorpt_correction_type    ? 
_exptl.absorpt_process_details    ? 
_exptl.entry_id                   6OGP 
_exptl.crystals_number            1 
_exptl.details                    ? 
_exptl.method                     'X-RAY DIFFRACTION' 
_exptl.method_details             ? 
# 
_exptl_crystal.colour                      ? 
_exptl_crystal.density_diffrn              ? 
_exptl_crystal.density_Matthews            2.18 
_exptl_crystal.density_method              ? 
_exptl_crystal.density_percent_sol         43.67 
_exptl_crystal.description                 ? 
_exptl_crystal.F_000                       ? 
_exptl_crystal.id                          1 
_exptl_crystal.preparation                 ? 
_exptl_crystal.size_max                    ? 
_exptl_crystal.size_mid                    ? 
_exptl_crystal.size_min                    ? 
_exptl_crystal.size_rad                    ? 
_exptl_crystal.colour_lustre               ? 
_exptl_crystal.colour_modifier             ? 
_exptl_crystal.colour_primary              ? 
_exptl_crystal.density_meas                ? 
_exptl_crystal.density_meas_esd            ? 
_exptl_crystal.density_meas_gt             ? 
_exptl_crystal.density_meas_lt             ? 
_exptl_crystal.density_meas_temp           ? 
_exptl_crystal.density_meas_temp_esd       ? 
_exptl_crystal.density_meas_temp_gt        ? 
_exptl_crystal.density_meas_temp_lt        ? 
_exptl_crystal.pdbx_crystal_image_url      ? 
_exptl_crystal.pdbx_crystal_image_format   ? 
_exptl_crystal.pdbx_mosaicity              ? 
_exptl_crystal.pdbx_mosaicity_esd          ? 
# 
_exptl_crystal_grow.apparatus       ? 
_exptl_crystal_grow.atmosphere      ? 
_exptl_crystal_grow.crystal_id      1 
_exptl_crystal_grow.details         ? 
_exptl_crystal_grow.method          'VAPOR DIFFUSION, HANGING DROP' 
_exptl_crystal_grow.method_ref      ? 
_exptl_crystal_grow.pH              7.0 
_exptl_crystal_grow.pressure        ? 
_exptl_crystal_grow.pressure_esd    ? 
_exptl_crystal_grow.seeding         ? 
_exptl_crystal_grow.seeding_ref     ? 
_exptl_crystal_grow.temp            298.0 
_exptl_crystal_grow.temp_details    ? 
_exptl_crystal_grow.temp_esd        ? 
_exptl_crystal_grow.time            ? 
_exptl_crystal_grow.pdbx_details    '0.15 M Ammonium sulfate, 0.1 M HEPES (pH 7.0), 20% (w/v) PEG4000' 
_exptl_crystal_grow.pdbx_pH_range   ? 
# 
_diffrn.ambient_environment              ? 
_diffrn.ambient_temp                     100 
_diffrn.ambient_temp_details             ? 
_diffrn.ambient_temp_esd                 ? 
_diffrn.crystal_id                       1 
_diffrn.crystal_support                  ? 
_diffrn.crystal_treatment                ? 
_diffrn.details                          ? 
_diffrn.id                               1 
_diffrn.ambient_pressure                 ? 
_diffrn.ambient_pressure_esd             ? 
_diffrn.ambient_pressure_gt              ? 
_diffrn.ambient_pressure_lt              ? 
_diffrn.ambient_temp_gt                  ? 
_diffrn.ambient_temp_lt                  ? 
_diffrn.pdbx_serial_crystal_experiment   N 
# 
_diffrn_detector.details                      ? 
_diffrn_detector.detector                     PIXEL 
_diffrn_detector.diffrn_id                    1 
_diffrn_detector.type                         'DECTRIS PILATUS 6M' 
_diffrn_detector.area_resol_mean              ? 
_diffrn_detector.dtime                        ? 
_diffrn_detector.pdbx_frames_total            ? 
_diffrn_detector.pdbx_collection_time_total   ? 
_diffrn_detector.pdbx_collection_date         2016-12-02 
_diffrn_detector.pdbx_frequency               ? 
# 
_diffrn_radiation.collimation                      ? 
_diffrn_radiation.diffrn_id                        1 
_diffrn_radiation.filter_edge                      ? 
_diffrn_radiation.inhomogeneity                    ? 
_diffrn_radiation.monochromator                    ? 
_diffrn_radiation.polarisn_norm                    ? 
_diffrn_radiation.polarisn_ratio                   ? 
_diffrn_radiation.probe                            ? 
_diffrn_radiation.type                             ? 
_diffrn_radiation.xray_symbol                      ? 
_diffrn_radiation.wavelength_id                    1 
_diffrn_radiation.pdbx_monochromatic_or_laue_m_l   M 
_diffrn_radiation.pdbx_wavelength_list             ? 
_diffrn_radiation.pdbx_wavelength                  ? 
_diffrn_radiation.pdbx_diffrn_protocol             'SINGLE WAVELENGTH' 
_diffrn_radiation.pdbx_analyzer                    ? 
_diffrn_radiation.pdbx_scattering_type             x-ray 
# 
_diffrn_radiation_wavelength.id           1 
_diffrn_radiation_wavelength.wavelength   1.0 
_diffrn_radiation_wavelength.wt           1.0 
# 
_diffrn_source.current                     ? 
_diffrn_source.details                     ? 
_diffrn_source.diffrn_id                   1 
_diffrn_source.power                       ? 
_diffrn_source.size                        ? 
_diffrn_source.source                      SYNCHROTRON 
_diffrn_source.target                      ? 
_diffrn_source.type                        'SPRING-8 BEAMLINE BL41XU' 
_diffrn_source.voltage                     ? 
_diffrn_source.take-off_angle              ? 
_diffrn_source.pdbx_wavelength_list        1.0 
_diffrn_source.pdbx_wavelength             ? 
_diffrn_source.pdbx_synchrotron_beamline   BL41XU 
_diffrn_source.pdbx_synchrotron_site       SPring-8 
# 
_reflns.B_iso_Wilson_estimate            ? 
_reflns.entry_id                         6OGP 
_reflns.data_reduction_details           ? 
_reflns.data_reduction_method            ? 
_reflns.d_resolution_high                1.53 
_reflns.d_resolution_low                 54.63 
_reflns.details                          ? 
_reflns.limit_h_max                      ? 
_reflns.limit_h_min                      ? 
_reflns.limit_k_max                      ? 
_reflns.limit_k_min                      ? 
_reflns.limit_l_max                      ? 
_reflns.limit_l_min                      ? 
_reflns.number_all                       ? 
_reflns.number_obs                       15238 
_reflns.observed_criterion               ? 
_reflns.observed_criterion_F_max         ? 
_reflns.observed_criterion_F_min         ? 
_reflns.observed_criterion_I_max         ? 
_reflns.observed_criterion_I_min         ? 
_reflns.observed_criterion_sigma_F       ? 
_reflns.observed_criterion_sigma_I       ? 
_reflns.percent_possible_obs             100.0 
_reflns.R_free_details                   ? 
_reflns.Rmerge_F_all                     ? 
_reflns.Rmerge_F_obs                     ? 
_reflns.Friedel_coverage                 ? 
_reflns.number_gt                        ? 
_reflns.threshold_expression             ? 
_reflns.pdbx_redundancy                  18.5 
_reflns.pdbx_Rmerge_I_obs                ? 
_reflns.pdbx_Rmerge_I_all                ? 
_reflns.pdbx_Rsym_value                  ? 
_reflns.pdbx_netI_over_av_sigmaI         ? 
_reflns.pdbx_netI_over_sigmaI            15.33 
_reflns.pdbx_res_netI_over_av_sigmaI_2   ? 
_reflns.pdbx_res_netI_over_sigmaI_2      ? 
_reflns.pdbx_chi_squared                 ? 
_reflns.pdbx_scaling_rejects             ? 
_reflns.pdbx_d_res_high_opt              ? 
_reflns.pdbx_d_res_low_opt               ? 
_reflns.pdbx_d_res_opt_method            ? 
_reflns.phase_calculation_details        ? 
_reflns.pdbx_Rrim_I_all                  ? 
_reflns.pdbx_Rpim_I_all                  ? 
_reflns.pdbx_d_opt                       ? 
_reflns.pdbx_number_measured_all         ? 
_reflns.pdbx_diffrn_id                   1 
_reflns.pdbx_ordinal                     1 
_reflns.pdbx_CC_half                     ? 
_reflns.pdbx_R_split                     ? 
# 
_reflns_shell.d_res_high                  1.53 
_reflns_shell.d_res_low                   1.58 
_reflns_shell.meanI_over_sigI_all         ? 
_reflns_shell.meanI_over_sigI_obs         ? 
_reflns_shell.number_measured_all         ? 
_reflns_shell.number_measured_obs         ? 
_reflns_shell.number_possible             ? 
_reflns_shell.number_unique_all           ? 
_reflns_shell.number_unique_obs           15199 
_reflns_shell.percent_possible_all        ? 
_reflns_shell.percent_possible_obs        ? 
_reflns_shell.Rmerge_F_all                ? 
_reflns_shell.Rmerge_F_obs                ? 
_reflns_shell.Rmerge_I_all                ? 
_reflns_shell.Rmerge_I_obs                ? 
_reflns_shell.meanI_over_sigI_gt          ? 
_reflns_shell.meanI_over_uI_all           ? 
_reflns_shell.meanI_over_uI_gt            ? 
_reflns_shell.number_measured_gt          ? 
_reflns_shell.number_unique_gt            ? 
_reflns_shell.percent_possible_gt         ? 
_reflns_shell.Rmerge_F_gt                 ? 
_reflns_shell.Rmerge_I_gt                 ? 
_reflns_shell.pdbx_redundancy             ? 
_reflns_shell.pdbx_Rsym_value             ? 
_reflns_shell.pdbx_chi_squared            ? 
_reflns_shell.pdbx_netI_over_sigmaI_all   ? 
_reflns_shell.pdbx_netI_over_sigmaI_obs   ? 
_reflns_shell.pdbx_Rrim_I_all             ? 
_reflns_shell.pdbx_Rpim_I_all             ? 
_reflns_shell.pdbx_rejects                ? 
_reflns_shell.pdbx_ordinal                1 
_reflns_shell.pdbx_diffrn_id              1 
_reflns_shell.pdbx_CC_half                ? 
_reflns_shell.pdbx_R_split                ? 
# 
_refine.aniso_B[1][1]                            0.22 
_refine.aniso_B[1][2]                            0.11 
_refine.aniso_B[1][3]                            0.00 
_refine.aniso_B[2][2]                            0.22 
_refine.aniso_B[2][3]                            0.00 
_refine.aniso_B[3][3]                            -0.71 
_refine.B_iso_max                                ? 
_refine.B_iso_mean                               24.970 
_refine.B_iso_min                                ? 
_refine.correlation_coeff_Fo_to_Fc               0.959 
_refine.correlation_coeff_Fo_to_Fc_free          0.939 
_refine.details                                  'HYDROGENS HAVE BEEN ADDED IN THE RIDING POSITIONS' 
_refine.diff_density_max                         ? 
_refine.diff_density_max_esd                     ? 
_refine.diff_density_min                         ? 
_refine.diff_density_min_esd                     ? 
_refine.diff_density_rms                         ? 
_refine.diff_density_rms_esd                     ? 
_refine.entry_id                                 6OGP 
_refine.pdbx_refine_id                           'X-RAY DIFFRACTION' 
_refine.ls_abs_structure_details                 ? 
_refine.ls_abs_structure_Flack                   ? 
_refine.ls_abs_structure_Flack_esd               ? 
_refine.ls_abs_structure_Rogers                  ? 
_refine.ls_abs_structure_Rogers_esd              ? 
_refine.ls_d_res_high                            1.53 
_refine.ls_d_res_low                             1.58 
_refine.ls_extinction_coef                       ? 
_refine.ls_extinction_coef_esd                   ? 
_refine.ls_extinction_expression                 ? 
_refine.ls_extinction_method                     ? 
_refine.ls_goodness_of_fit_all                   ? 
_refine.ls_goodness_of_fit_all_esd               ? 
_refine.ls_goodness_of_fit_obs                   ? 
_refine.ls_goodness_of_fit_obs_esd               ? 
_refine.ls_hydrogen_treatment                    ? 
_refine.ls_matrix_type                           ? 
_refine.ls_number_constraints                    ? 
_refine.ls_number_parameters                     ? 
_refine.ls_number_reflns_all                     ? 
_refine.ls_number_reflns_obs                     14441 
_refine.ls_number_reflns_R_free                  759 
_refine.ls_number_reflns_R_work                  ? 
_refine.ls_number_restraints                     ? 
_refine.ls_percent_reflns_obs                    99.96 
_refine.ls_percent_reflns_R_free                 5.0 
_refine.ls_R_factor_all                          ? 
_refine.ls_R_factor_obs                          0.22078 
_refine.ls_R_factor_R_free                       0.26230 
_refine.ls_R_factor_R_free_error                 ? 
_refine.ls_R_factor_R_free_error_details         ? 
_refine.ls_R_factor_R_work                       0.21860 
_refine.ls_R_Fsqd_factor_obs                     ? 
_refine.ls_R_I_factor_obs                        ? 
_refine.ls_redundancy_reflns_all                 ? 
_refine.ls_redundancy_reflns_obs                 ? 
_refine.ls_restrained_S_all                      ? 
_refine.ls_restrained_S_obs                      ? 
_refine.ls_shift_over_esd_max                    ? 
_refine.ls_shift_over_esd_mean                   ? 
_refine.ls_structure_factor_coef                 ? 
_refine.ls_weighting_details                     ? 
_refine.ls_weighting_scheme                      ? 
_refine.ls_wR_factor_all                         ? 
_refine.ls_wR_factor_obs                         ? 
_refine.ls_wR_factor_R_free                      ? 
_refine.ls_wR_factor_R_work                      ? 
_refine.occupancy_max                            ? 
_refine.occupancy_min                            ? 
_refine.solvent_model_details                    ? 
_refine.solvent_model_param_bsol                 ? 
_refine.solvent_model_param_ksol                 ? 
_refine.ls_R_factor_gt                           ? 
_refine.ls_goodness_of_fit_gt                    ? 
_refine.ls_goodness_of_fit_ref                   ? 
_refine.ls_shift_over_su_max                     ? 
_refine.ls_shift_over_su_max_lt                  ? 
_refine.ls_shift_over_su_mean                    ? 
_refine.ls_shift_over_su_mean_lt                 ? 
_refine.pdbx_ls_sigma_I                          ? 
_refine.pdbx_ls_sigma_F                          ? 
_refine.pdbx_ls_sigma_Fsqd                       ? 
_refine.pdbx_data_cutoff_high_absF               ? 
_refine.pdbx_data_cutoff_high_rms_absF           ? 
_refine.pdbx_data_cutoff_low_absF                ? 
_refine.pdbx_isotropic_thermal_model             ? 
_refine.pdbx_ls_cross_valid_method               THROUGHOUT 
_refine.pdbx_method_to_determine_struct          'MOLECULAR REPLACEMENT' 
_refine.pdbx_starting_model                      5TYR 
_refine.pdbx_stereochemistry_target_values       ? 
_refine.pdbx_R_Free_selection_details            RANDOM 
_refine.pdbx_stereochem_target_val_spec_case     ? 
_refine.pdbx_overall_ESU_R                       0.096 
_refine.pdbx_overall_ESU_R_Free                  0.100 
_refine.pdbx_solvent_vdw_probe_radii             1.20 
_refine.pdbx_solvent_ion_probe_radii             0.80 
_refine.pdbx_solvent_shrinkage_radii             0.80 
_refine.pdbx_real_space_R                        ? 
_refine.pdbx_density_correlation                 ? 
_refine.pdbx_pd_number_of_powder_patterns        ? 
_refine.pdbx_pd_number_of_points                 ? 
_refine.pdbx_pd_meas_number_of_points            ? 
_refine.pdbx_pd_proc_ls_prof_R_factor            ? 
_refine.pdbx_pd_proc_ls_prof_wR_factor           ? 
_refine.pdbx_pd_Marquardt_correlation_coeff      ? 
_refine.pdbx_pd_Fsqrd_R_factor                   ? 
_refine.pdbx_pd_ls_matrix_band_width             ? 
_refine.pdbx_overall_phase_error                 ? 
_refine.pdbx_overall_SU_R_free_Cruickshank_DPI   ? 
_refine.pdbx_overall_SU_R_free_Blow_DPI          ? 
_refine.pdbx_overall_SU_R_Blow_DPI               ? 
_refine.pdbx_TLS_residual_ADP_flag               ? 
_refine.pdbx_diffrn_id                           1 
_refine.overall_SU_B                             2.400 
_refine.overall_SU_ML                            0.084 
_refine.overall_SU_R_Cruickshank_DPI             ? 
_refine.overall_SU_R_free                        ? 
_refine.overall_FOM_free_R_set                   ? 
_refine.overall_FOM_work_R_set                   ? 
_refine.pdbx_average_fsc_overall                 ? 
_refine.pdbx_average_fsc_work                    ? 
_refine.pdbx_average_fsc_free                    ? 
# 
_refine_hist.pdbx_refine_id                   'X-RAY DIFFRACTION' 
_refine_hist.cycle_id                         1 
_refine_hist.details                          ? 
_refine_hist.d_res_high                       1.53 
_refine_hist.d_res_low                        1.58 
_refine_hist.number_atoms_solvent             34 
_refine_hist.number_atoms_total               846 
_refine_hist.number_reflns_all                ? 
_refine_hist.number_reflns_obs                ? 
_refine_hist.number_reflns_R_free             ? 
_refine_hist.number_reflns_R_work             ? 
_refine_hist.R_factor_all                     ? 
_refine_hist.R_factor_obs                     ? 
_refine_hist.R_factor_R_free                  ? 
_refine_hist.R_factor_R_work                  ? 
_refine_hist.pdbx_number_residues_total       ? 
_refine_hist.pdbx_B_iso_mean_ligand           ? 
_refine_hist.pdbx_B_iso_mean_solvent          ? 
_refine_hist.pdbx_number_atoms_protein        760 
_refine_hist.pdbx_number_atoms_nucleic_acid   0 
_refine_hist.pdbx_number_atoms_ligand         52 
_refine_hist.pdbx_number_atoms_lipid          ? 
_refine_hist.pdbx_number_atoms_carb           ? 
_refine_hist.pdbx_pseudo_atom_details         ? 
# 
loop_
_refine_ls_restr.pdbx_refine_id 
_refine_ls_restr.criterion 
_refine_ls_restr.dev_ideal 
_refine_ls_restr.dev_ideal_target 
_refine_ls_restr.number 
_refine_ls_restr.rejects 
_refine_ls_restr.type 
_refine_ls_restr.weight 
_refine_ls_restr.pdbx_restraint_function 
'X-RAY DIFFRACTION' ? 0.024  0.014  851  ? r_bond_refined_d             ? ? 
'X-RAY DIFFRACTION' ? 0.007  0.018  842  ? r_bond_other_d               ? ? 
'X-RAY DIFFRACTION' ? 2.072  1.731  1162 ? r_angle_refined_deg          ? ? 
'X-RAY DIFFRACTION' ? 1.951  1.663  1955 ? r_angle_other_deg            ? ? 
'X-RAY DIFFRACTION' ? 8.106  5.000  102  ? r_dihedral_angle_1_deg       ? ? 
'X-RAY DIFFRACTION' ? 34.435 23.030 33   ? r_dihedral_angle_2_deg       ? ? 
'X-RAY DIFFRACTION' ? 10.742 15.000 145  ? r_dihedral_angle_3_deg       ? ? 
'X-RAY DIFFRACTION' ? 12.954 15.000 4    ? r_dihedral_angle_4_deg       ? ? 
'X-RAY DIFFRACTION' ? 0.113  0.200  121  ? r_chiral_restr               ? ? 
'X-RAY DIFFRACTION' ? 0.014  0.020  906  ? r_gen_planes_refined         ? ? 
'X-RAY DIFFRACTION' ? 0.009  0.020  158  ? r_gen_planes_other           ? ? 
'X-RAY DIFFRACTION' ? ?      ?      ?    ? r_nbd_refined                ? ? 
'X-RAY DIFFRACTION' ? ?      ?      ?    ? r_nbd_other                  ? ? 
'X-RAY DIFFRACTION' ? ?      ?      ?    ? r_nbtor_refined              ? ? 
'X-RAY DIFFRACTION' ? ?      ?      ?    ? r_nbtor_other                ? ? 
'X-RAY DIFFRACTION' ? ?      ?      ?    ? r_xyhbond_nbd_refined        ? ? 
'X-RAY DIFFRACTION' ? ?      ?      ?    ? r_xyhbond_nbd_other          ? ? 
'X-RAY DIFFRACTION' ? ?      ?      ?    ? r_metal_ion_refined          ? ? 
'X-RAY DIFFRACTION' ? ?      ?      ?    ? r_metal_ion_other            ? ? 
'X-RAY DIFFRACTION' ? ?      ?      ?    ? r_symmetry_vdw_refined       ? ? 
'X-RAY DIFFRACTION' ? ?      ?      ?    ? r_symmetry_vdw_other         ? ? 
'X-RAY DIFFRACTION' ? ?      ?      ?    ? r_symmetry_hbond_refined     ? ? 
'X-RAY DIFFRACTION' ? ?      ?      ?    ? r_symmetry_hbond_other       ? ? 
'X-RAY DIFFRACTION' ? ?      ?      ?    ? r_symmetry_metal_ion_refined ? ? 
'X-RAY DIFFRACTION' ? ?      ?      ?    ? r_symmetry_metal_ion_other   ? ? 
'X-RAY DIFFRACTION' ? 1.997  2.422  405  ? r_mcbond_it                  ? ? 
'X-RAY DIFFRACTION' ? 1.990  2.419  404  ? r_mcbond_other               ? ? 
'X-RAY DIFFRACTION' ? 2.794  3.625  508  ? r_mcangle_it                 ? ? 
'X-RAY DIFFRACTION' ? 2.794  3.628  509  ? r_mcangle_other              ? ? 
'X-RAY DIFFRACTION' ? 2.741  2.803  441  ? r_scbond_it                  ? ? 
'X-RAY DIFFRACTION' ? 2.738  2.802  442  ? r_scbond_other               ? ? 
'X-RAY DIFFRACTION' ? ?      ?      ?    ? r_scangle_it                 ? ? 
'X-RAY DIFFRACTION' ? 4.126  4.055  649  ? r_scangle_other              ? ? 
'X-RAY DIFFRACTION' ? 5.239  27.334 823  ? r_long_range_B_refined       ? ? 
'X-RAY DIFFRACTION' ? 5.237  27.343 824  ? r_long_range_B_other         ? ? 
'X-RAY DIFFRACTION' ? ?      ?      ?    ? r_rigid_bond_restr           ? ? 
'X-RAY DIFFRACTION' ? ?      ?      ?    ? r_sphericity_free            ? ? 
'X-RAY DIFFRACTION' ? ?      ?      ?    ? r_sphericity_bonded          ? ? 
# 
_refine_ls_shell.pdbx_refine_id                   'X-RAY DIFFRACTION' 
_refine_ls_shell.d_res_high                       1.530 
_refine_ls_shell.d_res_low                        1.570 
_refine_ls_shell.number_reflns_all                ? 
_refine_ls_shell.number_reflns_obs                ? 
_refine_ls_shell.number_reflns_R_free             58 
_refine_ls_shell.number_reflns_R_work             1053 
_refine_ls_shell.percent_reflns_obs               99.73 
_refine_ls_shell.percent_reflns_R_free            ? 
_refine_ls_shell.R_factor_all                     ? 
_refine_ls_shell.R_factor_obs                     ? 
_refine_ls_shell.R_factor_R_free                  0.319 
_refine_ls_shell.R_factor_R_free_error            ? 
_refine_ls_shell.R_factor_R_work                  0.326 
_refine_ls_shell.redundancy_reflns_all            ? 
_refine_ls_shell.redundancy_reflns_obs            ? 
_refine_ls_shell.wR_factor_all                    ? 
_refine_ls_shell.wR_factor_obs                    ? 
_refine_ls_shell.wR_factor_R_free                 ? 
_refine_ls_shell.wR_factor_R_work                 ? 
_refine_ls_shell.pdbx_total_number_of_bins_used   20 
_refine_ls_shell.pdbx_phase_error                 ? 
_refine_ls_shell.pdbx_fsc_work                    ? 
_refine_ls_shell.pdbx_fsc_free                    ? 
# 
_struct.entry_id                     6OGP 
_struct.title                        'X-ray crystal structure of wild type HIV-1 protease in complex with GRL-063' 
_struct.pdbx_model_details           ? 
_struct.pdbx_formula_weight          ? 
_struct.pdbx_formula_weight_method   ? 
_struct.pdbx_model_type_details      ? 
_struct.pdbx_CASP_flag               N 
# 
_struct_keywords.entry_id        6OGP 
_struct_keywords.text            'Inhibitor, VIRAL PROTEIN, VIRAL PROTEIN-INHIBITOR complex' 
_struct_keywords.pdbx_keywords   'VIRAL PROTEIN/INHIBITOR' 
# 
loop_
_struct_asym.id 
_struct_asym.pdbx_blank_PDB_chainid_flag 
_struct_asym.pdbx_modified 
_struct_asym.entity_id 
_struct_asym.details 
A N N 1 ? 
B N N 2 ? 
C N N 3 ? 
D N N 4 ? 
# 
loop_
_struct_conf.conf_type_id 
_struct_conf.id 
_struct_conf.pdbx_PDB_helix_id 
_struct_conf.beg_label_comp_id 
_struct_conf.beg_label_asym_id 
_struct_conf.beg_label_seq_id 
_struct_conf.pdbx_beg_PDB_ins_code 
_struct_conf.end_label_comp_id 
_struct_conf.end_label_asym_id 
_struct_conf.end_label_seq_id 
_struct_conf.pdbx_end_PDB_ins_code 
_struct_conf.beg_auth_comp_id 
_struct_conf.beg_auth_asym_id 
_struct_conf.beg_auth_seq_id 
_struct_conf.end_auth_comp_id 
_struct_conf.end_auth_asym_id 
_struct_conf.end_auth_seq_id 
_struct_conf.pdbx_PDB_helix_class 
_struct_conf.details 
_struct_conf.pdbx_PDB_helix_length 
HELX_P HELX_P1 AA1 GLY A 86 ? THR A 91 ? GLY A 86 THR A 91 1 ? 6 
HELX_P HELX_P2 AA2 GLN A 92 ? GLY A 94 ? GLN A 92 GLY A 94 5 ? 3 
# 
_struct_conf_type.id          HELX_P 
_struct_conf_type.criteria    ? 
_struct_conf_type.reference   ? 
# 
_struct_sheet.id               AA1 
_struct_sheet.type             ? 
_struct_sheet.number_strands   8 
_struct_sheet.details          ? 
# 
loop_
_struct_sheet_order.sheet_id 
_struct_sheet_order.range_id_1 
_struct_sheet_order.range_id_2 
_struct_sheet_order.offset 
_struct_sheet_order.sense 
AA1 1 2 ? anti-parallel 
AA1 2 3 ? anti-parallel 
AA1 3 4 ? parallel      
AA1 4 5 ? anti-parallel 
AA1 5 6 ? parallel      
AA1 6 7 ? anti-parallel 
AA1 7 8 ? anti-parallel 
# 
loop_
_struct_sheet_range.sheet_id 
_struct_sheet_range.id 
_struct_sheet_range.beg_label_comp_id 
_struct_sheet_range.beg_label_asym_id 
_struct_sheet_range.beg_label_seq_id 
_struct_sheet_range.pdbx_beg_PDB_ins_code 
_struct_sheet_range.end_label_comp_id 
_struct_sheet_range.end_label_asym_id 
_struct_sheet_range.end_label_seq_id 
_struct_sheet_range.pdbx_end_PDB_ins_code 
_struct_sheet_range.beg_auth_comp_id 
_struct_sheet_range.beg_auth_asym_id 
_struct_sheet_range.beg_auth_seq_id 
_struct_sheet_range.end_auth_comp_id 
_struct_sheet_range.end_auth_asym_id 
_struct_sheet_range.end_auth_seq_id 
AA1 1 LYS A 43 ? GLY A 49 ? LYS A 43 GLY A 49 
AA1 2 GLY A 52 ? ILE A 66 ? GLY A 52 ILE A 66 
AA1 3 HIS A 69 ? VAL A 77 ? HIS A 69 VAL A 77 
AA1 4 THR A 31 ? LEU A 33 ? THR A 31 LEU A 33 
AA1 5 ILE A 84 ? ILE A 85 ? ILE A 84 ILE A 85 
AA1 6 GLN A 18 ? LEU A 24 ? GLN A 18 LEU A 24 
AA1 7 LEU A 10 ? ILE A 15 ? LEU A 10 ILE A 15 
AA1 8 GLY A 52 ? ILE A 66 ? GLY A 52 ILE A 66 
# 
loop_
_pdbx_struct_sheet_hbond.sheet_id 
_pdbx_struct_sheet_hbond.range_id_1 
_pdbx_struct_sheet_hbond.range_id_2 
_pdbx_struct_sheet_hbond.range_1_label_atom_id 
_pdbx_struct_sheet_hbond.range_1_label_comp_id 
_pdbx_struct_sheet_hbond.range_1_label_asym_id 
_pdbx_struct_sheet_hbond.range_1_label_seq_id 
_pdbx_struct_sheet_hbond.range_1_PDB_ins_code 
_pdbx_struct_sheet_hbond.range_1_auth_atom_id 
_pdbx_struct_sheet_hbond.range_1_auth_comp_id 
_pdbx_struct_sheet_hbond.range_1_auth_asym_id 
_pdbx_struct_sheet_hbond.range_1_auth_seq_id 
_pdbx_struct_sheet_hbond.range_2_label_atom_id 
_pdbx_struct_sheet_hbond.range_2_label_comp_id 
_pdbx_struct_sheet_hbond.range_2_label_asym_id 
_pdbx_struct_sheet_hbond.range_2_label_seq_id 
_pdbx_struct_sheet_hbond.range_2_PDB_ins_code 
_pdbx_struct_sheet_hbond.range_2_auth_atom_id 
_pdbx_struct_sheet_hbond.range_2_auth_comp_id 
_pdbx_struct_sheet_hbond.range_2_auth_asym_id 
_pdbx_struct_sheet_hbond.range_2_auth_seq_id 
AA1 1 2 N LYS A 45 ? N LYS A 45 O VAL A 56 ? O VAL A 56 
AA1 2 3 N ARG A 57 ? N ARG A 57 O VAL A 77 ? O VAL A 77 
AA1 3 4 O LEU A 76 ? O LEU A 76 N LEU A 33 ? N LEU A 33 
AA1 4 5 N VAL A 32 ? N VAL A 32 O ILE A 84 ? O ILE A 84 
AA1 5 6 O ILE A 85 ? O ILE A 85 N LEU A 23 ? N LEU A 23 
AA1 6 7 O ALA A 22 ? O ALA A 22 N VAL A 11 ? N VAL A 11 
AA1 7 8 N LYS A 14 ? N LYS A 14 O GLU A 65 ? O GLU A 65 
# 
loop_
_struct_site.id 
_struct_site.pdbx_evidence_code 
_struct_site.pdbx_auth_asym_id 
_struct_site.pdbx_auth_comp_id 
_struct_site.pdbx_auth_seq_id 
_struct_site.pdbx_auth_ins_code 
_struct_site.pdbx_num_residues 
_struct_site.details 
AC1 Software A EDO 101 ? 4  'binding site for residue EDO A 101' 
AC2 Software A MJD 102 ? 21 'binding site for residue MJD A 102' 
# 
loop_
_struct_site_gen.id 
_struct_site_gen.site_id 
_struct_site_gen.pdbx_num_res 
_struct_site_gen.label_comp_id 
_struct_site_gen.label_asym_id 
_struct_site_gen.label_seq_id 
_struct_site_gen.pdbx_auth_ins_code 
_struct_site_gen.auth_comp_id 
_struct_site_gen.auth_asym_id 
_struct_site_gen.auth_seq_id 
_struct_site_gen.label_atom_id 
_struct_site_gen.label_alt_id 
_struct_site_gen.symmetry 
_struct_site_gen.details 
1  AC1 4  LYS A 14 ? LYS A 14  . ? 1_555 ? 
2  AC1 4  GLY A 16 ? GLY A 16  . ? 1_555 ? 
3  AC1 4  GLY A 17 ? GLY A 17  . ? 1_555 ? 
4  AC1 4  LEU A 63 ? LEU A 63  . ? 1_555 ? 
5  AC2 21 ASP A 25 ? ASP A 25  . ? 1_555 ? 
6  AC2 21 ASP A 25 ? ASP A 25  . ? 7_555 ? 
7  AC2 21 GLY A 27 ? GLY A 27  . ? 7_555 ? 
8  AC2 21 GLY A 27 ? GLY A 27  . ? 1_555 ? 
9  AC2 21 ALA A 28 ? ALA A 28  . ? 1_555 ? 
10 AC2 21 ASP A 29 ? ASP A 29  . ? 1_555 ? 
11 AC2 21 ASP A 29 ? ASP A 29  . ? 7_555 ? 
12 AC2 21 ASP A 30 ? ASP A 30  . ? 1_555 ? 
13 AC2 21 ASP A 30 ? ASP A 30  . ? 7_555 ? 
14 AC2 21 ILE A 47 ? ILE A 47  . ? 1_555 ? 
15 AC2 21 ILE A 47 ? ILE A 47  . ? 7_555 ? 
16 AC2 21 GLY A 48 ? GLY A 48  . ? 7_555 ? 
17 AC2 21 GLY A 48 ? GLY A 48  . ? 1_555 ? 
18 AC2 21 GLY A 49 ? GLY A 49  . ? 7_555 ? 
19 AC2 21 GLY A 49 ? GLY A 49  . ? 1_555 ? 
20 AC2 21 ILE A 50 ? ILE A 50  . ? 7_555 ? 
21 AC2 21 PRO A 81 ? PRO A 81  . ? 1_555 ? 
22 AC2 21 VAL A 82 ? VAL A 82  . ? 7_555 ? 
23 AC2 21 VAL A 82 ? VAL A 82  . ? 1_555 ? 
24 AC2 21 HOH D .  ? HOH A 202 . ? 7_555 ? 
25 AC2 21 HOH D .  ? HOH A 202 . ? 1_555 ? 
# 
_atom_sites.entry_id                    6OGP 
_atom_sites.fract_transf_matrix[1][1]   0.00140642 
_atom_sites.fract_transf_matrix[1][2]   0.01629171 
_atom_sites.fract_transf_matrix[1][3]   -0.00822286 
_atom_sites.fract_transf_matrix[2][1]   -0.00365304 
_atom_sites.fract_transf_matrix[2][2]   0.01531109 
_atom_sites.fract_transf_matrix[2][3]   0.00933947 
_atom_sites.fract_transf_matrix[3][1]   0.01163998 
_atom_sites.fract_transf_matrix[3][2]   0.00070760 
_atom_sites.fract_transf_matrix[3][3]   0.00339282 
_atom_sites.fract_transf_vector[1]      -0.310471 
_atom_sites.fract_transf_vector[2]      -0.426398 
_atom_sites.fract_transf_vector[3]      0.062323 
# 
loop_
_atom_type.symbol 
C 
F 
N 
O 
S 
# 
loop_
_atom_site.group_PDB 
_atom_site.id 
_atom_site.type_symbol 
_atom_site.label_atom_id 
_atom_site.label_alt_id 
_atom_site.label_comp_id 
_atom_site.label_asym_id 
_atom_site.label_entity_id 
_atom_site.label_seq_id 
_atom_site.pdbx_PDB_ins_code 
_atom_site.Cartn_x 
_atom_site.Cartn_y 
_atom_site.Cartn_z 
_atom_site.occupancy 
_atom_site.B_iso_or_equiv 
_atom_site.pdbx_formal_charge 
_atom_site.auth_seq_id 
_atom_site.auth_comp_id 
_atom_site.auth_asym_id 
_atom_site.auth_atom_id 
_atom_site.pdbx_PDB_model_num 
ATOM   1   N N   . PRO A 1 1  ? 6.730   -16.571 -1.383  1.00 43.52 ? 1   PRO A N   1 
ATOM   2   C CA  . PRO A 1 1  ? 8.164   -16.571 -1.008  1.00 40.30 ? 1   PRO A CA  1 
ATOM   3   C C   . PRO A 1 1  ? 8.431   -16.295 0.487   1.00 38.45 ? 1   PRO A C   1 
ATOM   4   O O   . PRO A 1 1  ? 7.558   -15.823 1.178   1.00 35.53 ? 1   PRO A O   1 
ATOM   5   C CB  . PRO A 1 1  ? 8.756   -15.424 -1.850  1.00 41.09 ? 1   PRO A CB  1 
ATOM   6   C CG  . PRO A 1 1  ? 7.611   -14.459 -1.978  1.00 44.74 ? 1   PRO A CG  1 
ATOM   7   C CD  . PRO A 1 1  ? 6.415   -15.368 -2.176  1.00 43.25 ? 1   PRO A CD  1 
ATOM   8   N N   . GLN A 1 2  ? 9.620   -16.649 0.971   1.00 33.45 ? 2   GLN A N   1 
ATOM   9   C CA  . GLN A 1 2  ? 10.165  -16.094 2.234   1.00 33.04 ? 2   GLN A CA  1 
ATOM   10  C C   . GLN A 1 2  ? 11.049  -14.910 1.839   1.00 27.58 ? 2   GLN A C   1 
ATOM   11  O O   . GLN A 1 2  ? 11.794  -15.056 0.878   1.00 30.55 ? 2   GLN A O   1 
ATOM   12  C CB  . GLN A 1 2  ? 10.913  -17.167 3.026   1.00 34.62 ? 2   GLN A CB  1 
ATOM   13  C CG  . GLN A 1 2  ? 11.500  -16.642 4.326   1.00 38.80 ? 2   GLN A CG  1 
ATOM   14  C CD  . GLN A 1 2  ? 12.066  -17.757 5.170   1.00 43.72 ? 2   GLN A CD  1 
ATOM   15  O OE1 . GLN A 1 2  ? 11.547  -18.089 6.234   1.00 45.13 ? 2   GLN A OE1 1 
ATOM   16  N NE2 . GLN A 1 2  ? 13.145  -18.347 4.688   1.00 44.18 ? 2   GLN A NE2 1 
ATOM   17  N N   . ILE A 1 3  ? 10.946  -13.767 2.528   1.00 26.41 ? 3   ILE A N   1 
ATOM   18  C CA  . ILE A 1 3  ? 11.748  -12.542 2.246   1.00 24.73 ? 3   ILE A CA  1 
ATOM   19  C C   . ILE A 1 3  ? 12.568  -12.200 3.502   1.00 24.04 ? 3   ILE A C   1 
ATOM   20  O O   . ILE A 1 3  ? 11.975  -11.997 4.580   1.00 22.69 ? 3   ILE A O   1 
ATOM   21  C CB  . ILE A 1 3  ? 10.810  -11.393 1.834   1.00 26.95 ? 3   ILE A CB  1 
ATOM   22  C CG1 . ILE A 1 3  ? 9.966   -11.745 0.606   1.00 29.08 ? 3   ILE A CG1 1 
ATOM   23  C CG2 . ILE A 1 3  ? 11.577  -10.120 1.590   1.00 25.25 ? 3   ILE A CG2 1 
ATOM   24  C CD1 . ILE A 1 3  ? 8.961   -10.662 0.229   1.00 30.61 ? 3   ILE A CD1 1 
ATOM   25  N N   . THR A 1 4  ? 13.897  -12.132 3.406   1.00 23.58 ? 4   THR A N   1 
ATOM   26  C CA  . THR A 1 4  ? 14.722  -11.695 4.557   1.00 22.72 ? 4   THR A CA  1 
ATOM   27  C C   . THR A 1 4  ? 14.775  -10.159 4.493   1.00 21.14 ? 4   THR A C   1 
ATOM   28  O O   . THR A 1 4  ? 14.315  -9.574  3.507   1.00 22.37 ? 4   THR A O   1 
ATOM   29  C CB  . THR A 1 4  ? 16.087  -12.393 4.568   1.00 26.43 ? 4   THR A CB  1 
ATOM   30  O OG1 . THR A 1 4  ? 16.714  -12.080 3.330   1.00 26.15 ? 4   THR A OG1 1 
ATOM   31  C CG2 . THR A 1 4  ? 15.999  -13.896 4.713   1.00 27.97 ? 4   THR A CG2 1 
ATOM   32  N N   . LEU A 1 5  ? 15.328  -9.502  5.499   1.00 18.96 ? 5   LEU A N   1 
ATOM   33  C CA  . LEU A 1 5  ? 15.144  -8.051  5.654   1.00 17.72 ? 5   LEU A CA  1 
ATOM   34  C C   . LEU A 1 5  ? 16.486  -7.322  5.624   1.00 18.34 ? 5   LEU A C   1 
ATOM   35  O O   . LEU A 1 5  ? 16.592  -6.204  6.130   1.00 17.51 ? 5   LEU A O   1 
ATOM   36  C CB  . LEU A 1 5  ? 14.373  -7.832  6.965   1.00 17.18 ? 5   LEU A CB  1 
ATOM   37  C CG  . LEU A 1 5  ? 12.925  -8.343  6.928   1.00 17.48 ? 5   LEU A CG  1 
ATOM   38  C CD1 . LEU A 1 5  ? 12.280  -8.297  8.302   1.00 18.54 ? 5   LEU A CD1 1 
ATOM   39  C CD2 . LEU A 1 5  ? 12.092  -7.531  5.949   1.00 18.02 ? 5   LEU A CD2 1 
ATOM   40  N N   . TRP A 1 6  ? 17.472  -7.915  4.942   1.00 19.86 ? 6   TRP A N   1 
ATOM   41  C CA  . TRP A 1 6  ? 18.795  -7.281  4.773   1.00 20.11 ? 6   TRP A CA  1 
ATOM   42  C C   . TRP A 1 6  ? 18.668  -6.068  3.849   1.00 18.24 ? 6   TRP A C   1 
ATOM   43  O O   . TRP A 1 6  ? 19.464  -5.153  3.940   1.00 22.37 ? 6   TRP A O   1 
ATOM   44  C CB  . TRP A 1 6  ? 19.777  -8.359  4.275   1.00 19.96 ? 6   TRP A CB  1 
ATOM   45  C CG  . TRP A 1 6  ? 19.920  -9.489  5.253   1.00 20.32 ? 6   TRP A CG  1 
ATOM   46  C CD1 . TRP A 1 6  ? 19.304  -10.704 5.246   1.00 23.57 ? 6   TRP A CD1 1 
ATOM   47  C CD2 . TRP A 1 6  ? 20.728  -9.468  6.430   1.00 20.26 ? 6   TRP A CD2 1 
ATOM   48  N NE1 . TRP A 1 6  ? 19.669  -11.432 6.347   1.00 23.85 ? 6   TRP A NE1 1 
ATOM   49  C CE2 . TRP A 1 6  ? 20.541  -10.694 7.094   1.00 22.10 ? 6   TRP A CE2 1 
ATOM   50  C CE3 . TRP A 1 6  ? 21.550  -8.500  7.003   1.00 22.28 ? 6   TRP A CE3 1 
ATOM   51  C CZ2 . TRP A 1 6  ? 21.199  -11.009 8.283   1.00 23.62 ? 6   TRP A CZ2 1 
ATOM   52  C CZ3 . TRP A 1 6  ? 22.195  -8.802  8.185   1.00 22.69 ? 6   TRP A CZ3 1 
ATOM   53  C CH2 . TRP A 1 6  ? 22.024  -10.036 8.805   1.00 23.15 ? 6   TRP A CH2 1 
ATOM   54  N N   . GLN A 1 7  ? 17.663  -6.068  2.936   1.00 17.22 ? 7   GLN A N   1 
ATOM   55  C CA  . GLN A 1 7  ? 17.329  -4.985  2.000   1.00 17.78 ? 7   GLN A CA  1 
ATOM   56  C C   . GLN A 1 7  ? 15.871  -4.571  2.212   1.00 15.51 ? 7   GLN A C   1 
ATOM   57  O O   . GLN A 1 7  ? 15.140  -5.348  2.853   1.00 17.72 ? 7   GLN A O   1 
ATOM   58  C CB  . GLN A 1 7  ? 17.509  -5.491  0.566   1.00 19.92 ? 7   GLN A CB  1 
ATOM   59  C CG  . GLN A 1 7  ? 18.958  -5.806  0.230   1.00 22.54 ? 7   GLN A CG  1 
ATOM   60  C CD  . GLN A 1 7  ? 19.899  -4.634  0.349   1.00 30.47 ? 7   GLN A CD  1 
ATOM   61  O OE1 . GLN A 1 7  ? 19.560  -3.514  -0.024  1.00 33.53 ? 7   GLN A OE1 1 
ATOM   62  N NE2 . GLN A 1 7  ? 21.118  -4.884  0.838   1.00 29.46 ? 7   GLN A NE2 1 
ATOM   63  N N   . ARG A 1 8  ? 15.388  -3.517  1.809   1.00 16.84 ? 8   ARG A N   1 
ATOM   64  C CA  . ARG A 1 8  ? 13.935  -3.168  1.879   1.00 17.34 ? 8   ARG A CA  1 
ATOM   65  C C   . ARG A 1 8  ? 13.135  -4.250  1.167   1.00 17.06 ? 8   ARG A C   1 
ATOM   66  O O   . ARG A 1 8  ? 13.508  -4.715  0.079   1.00 16.48 ? 8   ARG A O   1 
ATOM   67  C CB  . ARG A 1 8  ? 13.621  -1.826  1.236   1.00 18.24 ? 8   ARG A CB  1 
ATOM   68  C CG  . ARG A 1 8  ? 14.197  -0.634  1.970   1.00 20.25 ? 8   ARG A CG  1 
ATOM   69  C CD  . ARG A 1 8  ? 13.764  0.678   1.353   1.00 24.16 ? 8   ARG A CD  1 
ATOM   70  N NE  . ARG A 1 8  ? 14.337  1.755   2.148   1.00 27.19 ? 8   ARG A NE  1 
ATOM   71  C CZ  . ARG A 1 8  ? 13.991  3.040   2.077   1.00 33.64 ? 8   ARG A CZ  1 
ATOM   72  N NH1 . ARG A 1 8  ? 13.081  3.455   1.207   1.00 38.20 ? 8   ARG A NH1 1 
ATOM   73  N NH2 . ARG A 1 8  ? 14.580  3.914   2.876   1.00 32.96 ? 8   ARG A NH2 1 
ATOM   74  N N   . PRO A 1 9  ? 11.998  -4.678  1.767   1.00 15.64 ? 9   PRO A N   1 
ATOM   75  C CA  . PRO A 1 9  ? 11.144  -5.696  1.156   1.00 17.22 ? 9   PRO A CA  1 
ATOM   76  C C   . PRO A 1 9  ? 10.250  -5.120  0.060   1.00 17.48 ? 9   PRO A C   1 
ATOM   77  O O   . PRO A 1 9  ? 9.033   -4.934  0.259   1.00 15.26 ? 9   PRO A O   1 
ATOM   78  C CB  . PRO A 1 9  ? 10.399  -6.268  2.371   1.00 16.31 ? 9   PRO A CB  1 
ATOM   79  C CG  . PRO A 1 9  ? 10.283  -5.108  3.260   1.00 16.82 ? 9   PRO A CG  1 
ATOM   80  C CD  . PRO A 1 9  ? 11.644  -4.422  3.184   1.00 16.14 ? 9   PRO A CD  1 
ATOM   81  N N   . LEU A 1 10 ? 10.848  -4.820  -1.097  1.00 17.48 ? 10  LEU A N   1 
ATOM   82  C CA  . LEU A 1 10 ? 10.097  -4.205  -2.228  1.00 17.91 ? 10  LEU A CA  1 
ATOM   83  C C   . LEU A 1 10 ? 9.543   -5.308  -3.102  1.00 18.43 ? 10  LEU A C   1 
ATOM   84  O O   . LEU A 1 10 ? 10.246  -6.287  -3.393  1.00 21.11 ? 10  LEU A O   1 
ATOM   85  C CB  . LEU A 1 10 ? 11.004  -3.292  -3.048  1.00 19.69 ? 10  LEU A CB  1 
ATOM   86  C CG  . LEU A 1 10 ? 11.581  -2.119  -2.274  1.00 22.57 ? 10  LEU A CG  1 
ATOM   87  C CD1 . LEU A 1 10 ? 12.774  -1.521  -2.988  1.00 24.42 ? 10  LEU A CD1 1 
ATOM   88  C CD2 . LEU A 1 10 ? 10.523  -1.071  -2.042  1.00 26.95 ? 10  LEU A CD2 1 
ATOM   89  N N   . VAL A 1 11 ? 8.345   -5.075  -3.608  1.00 16.36 ? 11  VAL A N   1 
ATOM   90  C CA  . VAL A 1 11 ? 7.699   -6.034  -4.515  1.00 16.77 ? 11  VAL A CA  1 
ATOM   91  C C   . VAL A 1 11 ? 7.085   -5.262  -5.671  1.00 14.58 ? 11  VAL A C   1 
ATOM   92  O O   . VAL A 1 11 ? 6.827   -4.050  -5.560  1.00 15.04 ? 11  VAL A O   1 
ATOM   93  C CB  . VAL A 1 11 ? 6.663   -6.895  -3.774  1.00 19.20 ? 11  VAL A CB  1 
ATOM   94  C CG1 . VAL A 1 11 ? 7.309   -7.676  -2.644  1.00 21.39 ? 11  VAL A CG1 1 
ATOM   95  C CG2 . VAL A 1 11 ? 5.503   -6.056  -3.275  1.00 18.94 ? 11  VAL A CG2 1 
ATOM   96  N N   . THR A 1 12 ? 6.799   -5.990  -6.735  1.00 16.01 ? 12  THR A N   1 
ATOM   97  C CA  . THR A 1 12 ? 6.079   -5.421  -7.895  1.00 16.76 ? 12  THR A CA  1 
ATOM   98  C C   . THR A 1 12 ? 4.579   -5.512  -7.614  1.00 16.89 ? 12  THR A C   1 
ATOM   99  O O   . THR A 1 12 ? 4.136   -6.552  -7.124  1.00 19.14 ? 12  THR A O   1 
ATOM   100 C CB  . THR A 1 12 ? 6.541   -6.097  -9.186  1.00 18.11 ? 12  THR A CB  1 
ATOM   101 O OG1 . THR A 1 12 ? 7.949   -5.892  -9.301  1.00 22.12 ? 12  THR A OG1 1 
ATOM   102 C CG2 . THR A 1 12 ? 5.874   -5.513  -10.403 1.00 23.94 ? 12  THR A CG2 1 
ATOM   103 N N   . ILE A 1 13 ? 3.843   -4.445  -7.909  1.00 16.99 ? 13  ILE A N   1 
ATOM   104 C CA  . ILE A 1 13 ? 2.363   -4.436  -7.803  1.00 16.85 ? 13  ILE A CA  1 
ATOM   105 C C   . ILE A 1 13 ? 1.818   -4.019  -9.161  1.00 16.96 ? 13  ILE A C   1 
ATOM   106 O O   . ILE A 1 13 ? 2.533   -3.335  -9.950  1.00 16.40 ? 13  ILE A O   1 
ATOM   107 C CB  . ILE A 1 13 ? 1.863   -3.534  -6.663  1.00 16.26 ? 13  ILE A CB  1 
ATOM   108 C CG1 . ILE A 1 13 ? 2.159   -2.055  -6.905  1.00 17.39 ? 13  ILE A CG1 1 
ATOM   109 C CG2 . ILE A 1 13 ? 2.470   -4.035  -5.355  1.00 17.70 ? 13  ILE A CG2 1 
ATOM   110 C CD1 . ILE A 1 13 ? 1.470   -1.106  -5.957  1.00 18.18 ? 13  ILE A CD1 1 
ATOM   111 N N   . LYS A 1 14 ? 0.603   -4.451  -9.428  1.00 18.34 ? 14  LYS A N   1 
ATOM   112 C CA  . LYS A 1 14 ? -0.157  -3.916  -10.574 1.00 17.23 ? 14  LYS A CA  1 
ATOM   113 C C   . LYS A 1 14 ? -1.473  -3.386  -10.015 1.00 17.72 ? 14  LYS A C   1 
ATOM   114 O O   . LYS A 1 14 ? -2.176  -4.123  -9.301  1.00 18.55 ? 14  LYS A O   1 
ATOM   115 C CB  . LYS A 1 14 ? -0.388  -4.937  -11.667 1.00 18.70 ? 14  LYS A CB  1 
ATOM   116 C CG  . LYS A 1 14 ? -1.048  -4.339  -12.901 1.00 19.66 ? 14  LYS A CG  1 
ATOM   117 C CD  . LYS A 1 14 ? -1.276  -5.371  -13.965 1.00 22.97 ? 14  LYS A CD  1 
ATOM   118 C CE  . LYS A 1 14 ? -1.953  -4.807  -15.200 1.00 25.72 ? 14  LYS A CE  1 
ATOM   119 N NZ  . LYS A 1 14 ? -2.162  -5.874  -16.208 1.00 26.09 ? 14  LYS A NZ  1 
ATOM   120 N N   . ILE A 1 15 ? -1.761  -2.150  -10.348 1.00 17.40 ? 15  ILE A N   1 
ATOM   121 C CA  . ILE A 1 15 ? -2.943  -1.409  -9.829  1.00 18.56 ? 15  ILE A CA  1 
ATOM   122 C C   . ILE A 1 15 ? -3.346  -0.358  -10.870 1.00 20.36 ? 15  ILE A C   1 
ATOM   123 O O   . ILE A 1 15 ? -2.463  0.351   -11.393 1.00 20.13 ? 15  ILE A O   1 
ATOM   124 C CB  . ILE A 1 15 ? -2.678  -0.780  -8.445  1.00 20.05 ? 15  ILE A CB  1 
ATOM   125 C CG1 . ILE A 1 15 ? -3.957  -0.097  -7.945  1.00 22.34 ? 15  ILE A CG1 1 
ATOM   126 C CG2 . ILE A 1 15 ? -1.476  0.161   -8.496  1.00 20.05 ? 15  ILE A CG2 1 
ATOM   127 C CD1 . ILE A 1 15 ? -3.861  0.507   -6.577  1.00 21.82 ? 15  ILE A CD1 1 
ATOM   128 N N   . GLY A 1 16 ? -4.646  -0.295  -11.158 1.00 22.36 ? 16  GLY A N   1 
ATOM   129 C CA  . GLY A 1 16 ? -5.215  0.657   -12.128 1.00 22.78 ? 16  GLY A CA  1 
ATOM   130 C C   . GLY A 1 16 ? -4.534  0.541   -13.486 1.00 21.52 ? 16  GLY A C   1 
ATOM   131 O O   . GLY A 1 16 ? -4.345  1.590   -14.093 1.00 21.66 ? 16  GLY A O   1 
ATOM   132 N N   . GLY A 1 17 ? -4.151  -0.675  -13.886 1.00 20.17 ? 17  GLY A N   1 
ATOM   133 C CA  . GLY A 1 17 ? -3.500  -1.002  -15.165 1.00 20.62 ? 17  GLY A CA  1 
ATOM   134 C C   . GLY A 1 17 ? -2.015  -0.657  -15.207 1.00 17.91 ? 17  GLY A C   1 
ATOM   135 O O   . GLY A 1 17 ? -1.416  -0.767  -16.306 1.00 17.20 ? 17  GLY A O   1 
ATOM   136 N N   . GLN A 1 18 ? -1.429  -0.226  -14.082 1.00 16.74 ? 18  GLN A N   1 
ATOM   137 C CA  . GLN A 1 18 ? -0.047  0.328   -14.012 1.00 15.95 ? 18  GLN A CA  1 
ATOM   138 C C   . GLN A 1 18 ? 0.843   -0.562  -13.150 1.00 15.97 ? 18  GLN A C   1 
ATOM   139 O O   . GLN A 1 18 ? 0.358   -1.138  -12.162 1.00 17.76 ? 18  GLN A O   1 
ATOM   140 C CB  . GLN A 1 18 ? -0.067  1.733   -13.429 1.00 17.91 ? 18  GLN A CB  1 
ATOM   141 C CG  . GLN A 1 18 ? -0.812  2.718   -14.332 1.00 19.75 ? 18  GLN A CG  1 
ATOM   142 C CD  . GLN A 1 18 ? -1.088  4.026   -13.641 1.00 21.20 ? 18  GLN A CD  1 
ATOM   143 O OE1 . GLN A 1 18 ? -0.170  4.748   -13.263 1.00 28.83 ? 18  GLN A OE1 1 
ATOM   144 N NE2 . GLN A 1 18 ? -2.355  4.302   -13.394 1.00 25.52 ? 18  GLN A NE2 1 
ATOM   145 N N   . LEU A 1 19 ? 2.109   -0.651  -13.537 1.00 15.37 ? 19  LEU A N   1 
ATOM   146 C CA  . LEU A 1 19 ? 3.096   -1.424  -12.768 1.00 15.80 ? 19  LEU A CA  1 
ATOM   147 C C   . LEU A 1 19 ? 3.899   -0.465  -11.890 1.00 15.47 ? 19  LEU A C   1 
ATOM   148 O O   . LEU A 1 19 ? 4.421   0.550   -12.393 1.00 16.84 ? 19  LEU A O   1 
ATOM   149 C CB  . LEU A 1 19 ? 4.023   -2.176  -13.721 1.00 16.82 ? 19  LEU A CB  1 
ATOM   150 C CG  . LEU A 1 19 ? 3.339   -3.024  -14.786 1.00 18.78 ? 19  LEU A CG  1 
ATOM   151 C CD1 . LEU A 1 19 ? 4.390   -3.620  -15.725 1.00 20.20 ? 19  LEU A CD1 1 
ATOM   152 C CD2 . LEU A 1 19 ? 2.515   -4.115  -14.147 1.00 21.74 ? 19  LEU A CD2 1 
ATOM   153 N N   . LYS A 1 20 ? 4.052   -0.827  -10.613 1.00 15.18 ? 20  LYS A N   1 
ATOM   154 C CA  . LYS A 1 20 ? 4.768   -0.015  -9.609  1.00 16.51 ? 20  LYS A CA  1 
ATOM   155 C C   . LYS A 1 20 ? 5.561   -0.929  -8.682  1.00 15.01 ? 20  LYS A C   1 
ATOM   156 O O   . LYS A 1 20 ? 5.304   -2.125  -8.648  1.00 16.22 ? 20  LYS A O   1 
ATOM   157 C CB  . LYS A 1 20 ? 3.766   0.836   -8.825  1.00 18.48 ? 20  LYS A CB  1 
ATOM   158 C CG  . LYS A 1 20 ? 3.042   1.865   -9.686  1.00 20.12 ? 20  LYS A CG  1 
ATOM   159 C CD  . LYS A 1 20 ? 1.919   2.561   -8.970  1.00 23.18 ? 20  LYS A CD  1 
ATOM   160 C CE  . LYS A 1 20 ? 1.394   3.766   -9.735  1.00 26.38 ? 20  LYS A CE  1 
ATOM   161 N NZ  . LYS A 1 20 ? 2.433   4.820   -9.798  1.00 31.21 ? 20  LYS A NZ  1 
ATOM   162 N N   . GLU A 1 21 ? 6.501   -0.350  -7.943  1.00 16.53 ? 21  GLU A N   1 
ATOM   163 C CA  . GLU A 1 21 ? 7.147   -1.062  -6.813  1.00 18.41 ? 21  GLU A CA  1 
ATOM   164 C C   . GLU A 1 21 ? 6.570   -0.517  -5.502  1.00 17.22 ? 21  GLU A C   1 
ATOM   165 O O   . GLU A 1 21 ? 6.252   0.680   -5.420  1.00 17.50 ? 21  GLU A O   1 
ATOM   166 C CB  . GLU A 1 21 ? 8.656   -0.866  -6.797  1.00 23.74 ? 21  GLU A CB  1 
ATOM   167 C CG  . GLU A 1 21 ? 9.367   -1.608  -7.893  1.00 30.78 ? 21  GLU A CG  1 
ATOM   168 C CD  . GLU A 1 21 ? 10.839  -1.742  -7.561  1.00 35.18 ? 21  GLU A CD  1 
ATOM   169 O OE1 . GLU A 1 21 ? 11.316  -0.981  -6.659  1.00 36.48 ? 21  GLU A OE1 1 
ATOM   170 O OE2 . GLU A 1 21 ? 11.491  -2.581  -8.185  1.00 42.54 ? 21  GLU A OE2 1 
ATOM   171 N N   . ALA A 1 22 ? 6.445   -1.379  -4.516  1.00 15.80 ? 22  ALA A N   1 
ATOM   172 C CA  . ALA A 1 22 ? 5.914   -0.974  -3.197  1.00 16.07 ? 22  ALA A CA  1 
ATOM   173 C C   . ALA A 1 22 ? 6.604   -1.778  -2.110  1.00 15.30 ? 22  ALA A C   1 
ATOM   174 O O   . ALA A 1 22 ? 7.114   -2.896  -2.342  1.00 15.87 ? 22  ALA A O   1 
ATOM   175 C CB  . ALA A 1 22 ? 4.430   -1.162  -3.131  1.00 16.50 ? 22  ALA A CB  1 
ATOM   176 N N   . LEU A 1 23 ? 6.605   -1.195  -0.911  1.00 15.23 ? 23  LEU A N   1 
ATOM   177 C CA  . LEU A 1 23 ? 7.291   -1.735  0.268   1.00 16.56 ? 23  LEU A CA  1 
ATOM   178 C C   . LEU A 1 23 ? 6.275   -2.558  1.062   1.00 16.92 ? 23  LEU A C   1 
ATOM   179 O O   . LEU A 1 23 ? 5.201   -1.986  1.416   1.00 17.21 ? 23  LEU A O   1 
ATOM   180 C CB  . LEU A 1 23 ? 7.795   -0.494  1.004   1.00 18.50 ? 23  LEU A CB  1 
ATOM   181 C CG  . LEU A 1 23 ? 8.602   -0.714  2.275   1.00 21.39 ? 23  LEU A CG  1 
ATOM   182 C CD1 . LEU A 1 23 ? 9.945   -1.350  1.972   1.00 22.08 ? 23  LEU A CD1 1 
ATOM   183 C CD2 . LEU A 1 23 ? 8.785   0.627   2.978   1.00 21.85 ? 23  LEU A CD2 1 
ATOM   184 N N   . LEU A 1 24 ? 6.575   -3.820  1.369   1.00 15.87 ? 24  LEU A N   1 
ATOM   185 C CA  . LEU A 1 24 ? 5.756   -4.639  2.289   1.00 15.70 ? 24  LEU A CA  1 
ATOM   186 C C   . LEU A 1 24 ? 6.001   -4.117  3.702   1.00 17.62 ? 24  LEU A C   1 
ATOM   187 O O   . LEU A 1 24 ? 7.152   -4.174  4.191   1.00 17.79 ? 24  LEU A O   1 
ATOM   188 C CB  . LEU A 1 24 ? 6.099   -6.122  2.204   1.00 17.77 ? 24  LEU A CB  1 
ATOM   189 C CG  . LEU A 1 24 ? 5.913   -6.762  0.834   1.00 18.75 ? 24  LEU A CG  1 
ATOM   190 C CD1 . LEU A 1 24 ? 6.427   -8.181  0.880   1.00 19.72 ? 24  LEU A CD1 1 
ATOM   191 C CD2 . LEU A 1 24 ? 4.480   -6.696  0.353   1.00 21.45 ? 24  LEU A CD2 1 
ATOM   192 N N   . ASP A 1 25 ? 4.984   -3.517  4.302   1.00 15.56 ? 25  ASP A N   1 
ATOM   193 C CA  . ASP A 1 25 ? 5.219   -2.673  5.493   1.00 14.86 ? 25  ASP A CA  1 
ATOM   194 C C   . ASP A 1 25 ? 4.330   -3.148  6.638   1.00 14.86 ? 25  ASP A C   1 
ATOM   195 O O   . ASP A 1 25 ? 3.174   -2.689  6.719   1.00 15.71 ? 25  ASP A O   1 
ATOM   196 C CB  . ASP A 1 25 ? 4.969   -1.211  5.166   1.00 15.87 ? 25  ASP A CB  1 
ATOM   197 C CG  . ASP A 1 25 ? 5.340   -0.241  6.264   1.00 17.36 ? 25  ASP A CG  1 
ATOM   198 O OD1 . ASP A 1 25 ? 5.736   -0.705  7.374   1.00 18.40 ? 25  ASP A OD1 1 
ATOM   199 O OD2 . ASP A 1 25 ? 5.338   0.927   5.984   1.00 17.74 ? 25  ASP A OD2 1 
ATOM   200 N N   . THR A 1 26 ? 4.868   -3.960  7.539   1.00 14.64 ? 26  THR A N   1 
ATOM   201 C CA  . THR A 1 26 ? 4.090   -4.482  8.691   1.00 13.59 ? 26  THR A CA  1 
ATOM   202 C C   . THR A 1 26 ? 3.738   -3.347  9.670   1.00 14.99 ? 26  THR A C   1 
ATOM   203 O O   . THR A 1 26 ? 2.852   -3.540  10.552  1.00 14.13 ? 26  THR A O   1 
ATOM   204 C CB  . THR A 1 26 ? 4.853   -5.602  9.394   1.00 13.67 ? 26  THR A CB  1 
ATOM   205 O OG1 . THR A 1 26 ? 6.132   -5.111  9.827   1.00 13.17 ? 26  THR A OG1 1 
ATOM   206 C CG2 . THR A 1 26 ? 5.032   -6.807  8.502   1.00 13.39 ? 26  THR A CG2 1 
ATOM   207 N N   . GLY A 1 27 ? 4.415   -2.216  9.613   1.00 14.29 ? 27  GLY A N   1 
ATOM   208 C CA  . GLY A 1 27 ? 4.166   -1.067  10.508  1.00 15.26 ? 27  GLY A CA  1 
ATOM   209 C C   . GLY A 1 27 ? 3.081   -0.143  9.981   1.00 15.22 ? 27  GLY A C   1 
ATOM   210 O O   . GLY A 1 27 ? 2.799   0.889   10.619  1.00 18.04 ? 27  GLY A O   1 
ATOM   211 N N   . ALA A 1 28 ? 2.513   -0.480  8.830   1.00 13.86 ? 28  ALA A N   1 
ATOM   212 C CA  . ALA A 1 28 ? 1.451   0.304   8.176   1.00 14.85 ? 28  ALA A CA  1 
ATOM   213 C C   . ALA A 1 28 ? 0.113   -0.426  8.333   1.00 14.23 ? 28  ALA A C   1 
ATOM   214 O O   . ALA A 1 28 ? -0.039  -1.566  7.862   1.00 15.16 ? 28  ALA A O   1 
ATOM   215 C CB  . ALA A 1 28 ? 1.800   0.498   6.707   1.00 15.28 ? 28  ALA A CB  1 
ATOM   216 N N   . ASP A 1 29 ? -0.888  0.252   8.894   1.00 16.51 ? 29  ASP A N   1 
ATOM   217 C CA  . ASP A 1 29 ? -2.226  -0.371  9.039   1.00 16.99 ? 29  ASP A CA  1 
ATOM   218 C C   . ASP A 1 29 ? -2.885  -0.446  7.658   1.00 16.23 ? 29  ASP A C   1 
ATOM   219 O O   . ASP A 1 29 ? -3.497  -1.480  7.318   1.00 16.41 ? 29  ASP A O   1 
ATOM   220 C CB  . ASP A 1 29 ? -3.097  0.474   9.949   1.00 18.06 ? 29  ASP A CB  1 
ATOM   221 C CG  . ASP A 1 29 ? -2.643  0.588   11.392  1.00 23.11 ? 29  ASP A CG  1 
ATOM   222 O OD1 . ASP A 1 29 ? -1.960  -0.334  11.874  1.00 24.12 ? 29  ASP A OD1 1 
ATOM   223 O OD2 . ASP A 1 29 ? -3.051  1.581   12.040  1.00 28.83 ? 29  ASP A OD2 1 
ATOM   224 N N   . ASP A 1 30 ? -2.691  0.629   6.909   1.00 17.83 ? 30  ASP A N   1 
ATOM   225 C CA  . ASP A 1 30 ? -3.378  0.881   5.618   1.00 17.94 ? 30  ASP A CA  1 
ATOM   226 C C   . ASP A 1 30 ? -2.328  0.964   4.501   1.00 17.07 ? 30  ASP A C   1 
ATOM   227 O O   . ASP A 1 30 ? -1.121  1.088   4.783   1.00 17.64 ? 30  ASP A O   1 
ATOM   228 C CB  . ASP A 1 30 ? -4.201  2.159   5.758   1.00 20.22 ? 30  ASP A CB  1 
ATOM   229 C CG  . ASP A 1 30 ? -5.260  2.057   6.869   1.00 21.68 ? 30  ASP A CG  1 
ATOM   230 O OD1 . ASP A 1 30 ? -5.877  0.995   7.015   1.00 27.97 ? 30  ASP A OD1 1 
ATOM   231 O OD2 . ASP A 1 30 ? -5.419  3.014   7.573   1.00 28.65 ? 30  ASP A OD2 1 
ATOM   232 N N   . THR A 1 31 ? -2.798  0.894   3.269   1.00 17.62 ? 31  THR A N   1 
ATOM   233 C CA  . THR A 1 31 ? -1.958  0.918   2.049   1.00 17.53 ? 31  THR A CA  1 
ATOM   234 C C   . THR A 1 31 ? -1.979  2.349   1.495   1.00 18.89 ? 31  THR A C   1 
ATOM   235 O O   . THR A 1 31 ? -3.090  2.911   1.340   1.00 17.93 ? 31  THR A O   1 
ATOM   236 C CB  . THR A 1 31 ? -2.472  -0.150  1.087   1.00 17.53 ? 31  THR A CB  1 
ATOM   237 O OG1 . THR A 1 31 ? -2.235  -1.446  1.639   1.00 16.87 ? 31  THR A OG1 1 
ATOM   238 C CG2 . THR A 1 31 ? -1.854  -0.022  -0.295  1.00 16.56 ? 31  THR A CG2 1 
ATOM   239 N N   . VAL A 1 32 ? -0.811  2.934   1.314   1.00 18.52 ? 32  VAL A N   1 
ATOM   240 C CA  . VAL A 1 32 ? -0.638  4.350   0.876   1.00 20.14 ? 32  VAL A CA  1 
ATOM   241 C C   . VAL A 1 32 ? 0.248   4.354   -0.373  1.00 19.67 ? 32  VAL A C   1 
ATOM   242 O O   . VAL A 1 32 ? 1.418   4.019   -0.267  1.00 19.76 ? 32  VAL A O   1 
ATOM   243 C CB  . VAL A 1 32 ? -0.038  5.261   1.967   1.00 21.90 ? 32  VAL A CB  1 
ATOM   244 C CG1 . VAL A 1 32 ? -0.230  6.734   1.616   1.00 25.55 ? 32  VAL A CG1 1 
ATOM   245 C CG2 . VAL A 1 32 ? -0.619  4.984   3.342   1.00 24.45 ? 32  VAL A CG2 1 
ATOM   246 N N   . LEU A 1 33 ? -0.274  4.879   -1.485  1.00 19.98 ? 33  LEU A N   1 
ATOM   247 C CA  . LEU A 1 33 ? 0.498   4.954   -2.741  1.00 20.84 ? 33  LEU A CA  1 
ATOM   248 C C   . LEU A 1 33 ? 0.720   6.410   -3.122  1.00 22.65 ? 33  LEU A C   1 
ATOM   249 O O   . LEU A 1 33 ? -0.162  7.258   -2.821  1.00 21.32 ? 33  LEU A O   1 
ATOM   250 C CB  . LEU A 1 33 ? -0.280  4.235   -3.838  1.00 21.66 ? 33  LEU A CB  1 
ATOM   251 C CG  . LEU A 1 33 ? -0.595  2.765   -3.575  1.00 24.32 ? 33  LEU A CG  1 
ATOM   252 C CD1 . LEU A 1 33 ? -1.301  2.200   -4.795  1.00 26.27 ? 33  LEU A CD1 1 
ATOM   253 C CD2 . LEU A 1 33 ? 0.668   1.978   -3.258  1.00 23.63 ? 33  LEU A CD2 1 
ATOM   254 N N   . GLU A 1 34 ? 1.844   6.654   -3.786  1.00 22.07 ? 34  GLU A N   1 
ATOM   255 C CA  . GLU A 1 34 ? 2.203   7.991   -4.313  1.00 26.31 ? 34  GLU A CA  1 
ATOM   256 C C   . GLU A 1 34 ? 1.139   8.406   -5.334  1.00 26.89 ? 34  GLU A C   1 
ATOM   257 O O   . GLU A 1 34 ? 0.424   7.564   -5.834  1.00 24.58 ? 34  GLU A O   1 
ATOM   258 C CB  . GLU A 1 34 ? 3.583   7.988   -4.972  1.00 27.38 ? 34  GLU A CB  1 
ATOM   259 C CG  . GLU A 1 34 ? 4.777   7.760   -4.048  1.00 30.70 ? 34  GLU A CG  1 
ATOM   260 C CD  . GLU A 1 34 ? 6.137   8.120   -4.664  1.00 36.46 ? 34  GLU A CD  1 
ATOM   261 O OE1 . GLU A 1 34 ? 6.817   7.231   -5.113  1.00 31.59 ? 34  GLU A OE1 1 
ATOM   262 O OE2 . GLU A 1 34 ? 6.507   9.283   -4.659  1.00 34.84 ? 34  GLU A OE2 1 
ATOM   263 N N   . GLU A 1 35 ? 1.047   9.706   -5.589  1.00 29.66 ? 35  GLU A N   1 
ATOM   264 C CA  . GLU A 1 35 ? 0.065   10.244  -6.549  1.00 30.51 ? 35  GLU A CA  1 
ATOM   265 C C   . GLU A 1 35 ? 0.101   9.390   -7.819  1.00 27.92 ? 35  GLU A C   1 
ATOM   266 O O   . GLU A 1 35 ? 1.189   9.125   -8.383  1.00 29.20 ? 35  GLU A O   1 
ATOM   267 C CB  . GLU A 1 35 ? 0.318   11.714  -6.893  1.00 33.85 ? 35  GLU A CB  1 
ATOM   268 C CG  . GLU A 1 35 ? -0.817  12.324  -7.717  1.00 35.10 ? 35  GLU A CG  1 
ATOM   269 C CD  . GLU A 1 35 ? -2.164  12.219  -7.020  1.00 36.19 ? 35  GLU A CD  1 
ATOM   270 O OE1 . GLU A 1 35 ? -3.079  11.590  -7.578  1.00 40.25 ? 35  GLU A OE1 1 
ATOM   271 O OE2 . GLU A 1 35 ? -2.269  12.702  -5.867  1.00 37.15 ? 35  GLU A OE2 1 
ATOM   272 N N   . MET A 1 36 ? -1.071  8.940   -8.205  1.00 27.51 ? 36  MET A N   1 
ATOM   273 C CA  . MET A 1 36 ? -1.266  8.153   -9.431  1.00 30.44 ? 36  MET A CA  1 
ATOM   274 C C   . MET A 1 36 ? -2.708  8.362   -9.873  1.00 32.15 ? 36  MET A C   1 
ATOM   275 O O   . MET A 1 36 ? -3.522  8.857   -9.062  1.00 32.44 ? 36  MET A O   1 
ATOM   276 C CB  . MET A 1 36 ? -1.024  6.664   -9.174  1.00 30.07 ? 36  MET A CB  1 
ATOM   277 C CG  . MET A 1 36 ? -2.114  6.047   -8.305  1.00 30.87 ? 36  MET A CG  1 
ATOM   278 S SD  . MET A 1 36 ? -1.965  4.259   -8.138  1.00 30.47 ? 36  MET A SD  1 
ATOM   279 C CE  . MET A 1 36 ? -2.473  3.754   -9.783  1.00 32.04 ? 36  MET A CE  1 
ATOM   280 N N   . ASN A 1 37 ? -2.989  7.963   -11.114 1.00 33.66 ? 37  ASN A N   1 
ATOM   281 C CA  . ASN A 1 37 ? -4.311  8.080   -11.766 1.00 36.73 ? 37  ASN A CA  1 
ATOM   282 C C   . ASN A 1 37 ? -5.115  6.805   -11.463 1.00 34.20 ? 37  ASN A C   1 
ATOM   283 O O   . ASN A 1 37 ? -4.766  5.742   -12.046 1.00 33.26 ? 37  ASN A O   1 
ATOM   284 C CB  . ASN A 1 37 ? -4.110  8.314   -13.267 1.00 40.58 ? 37  ASN A CB  1 
ATOM   285 C CG  . ASN A 1 37 ? -5.406  8.354   -14.048 1.00 45.93 ? 37  ASN A CG  1 
ATOM   286 O OD1 . ASN A 1 37 ? -6.470  8.613   -13.477 1.00 48.03 ? 37  ASN A OD1 1 
ATOM   287 N ND2 . ASN A 1 37 ? -5.321  8.120   -15.351 1.00 46.68 ? 37  ASN A ND2 1 
ATOM   288 N N   . LEU A 1 38 ? -6.119  6.893   -10.576 1.00 31.02 ? 38  LEU A N   1 
ATOM   289 C CA  . LEU A 1 38 ? -7.085  5.795   -10.305 1.00 31.52 ? 38  LEU A CA  1 
ATOM   290 C C   . LEU A 1 38 ? -8.472  6.261   -10.728 1.00 37.28 ? 38  LEU A C   1 
ATOM   291 O O   . LEU A 1 38 ? -8.809  7.429   -10.550 1.00 41.41 ? 38  LEU A O   1 
ATOM   292 C CB  . LEU A 1 38 ? -7.078  5.414   -8.825  1.00 35.05 ? 38  LEU A CB  1 
ATOM   293 C CG  . LEU A 1 38 ? -5.875  4.611   -8.332  1.00 34.63 ? 38  LEU A CG  1 
ATOM   294 C CD1 . LEU A 1 38 ? -6.073  4.245   -6.875  1.00 35.55 ? 38  LEU A CD1 1 
ATOM   295 C CD2 . LEU A 1 38 ? -5.649  3.354   -9.164  1.00 33.39 ? 38  LEU A CD2 1 
ATOM   296 N N   . PRO A 1 39 ? -9.297  5.370   -11.312 1.00 36.31 ? 39  PRO A N   1 
ATOM   297 C CA  . PRO A 1 39 ? -10.644 5.741   -11.734 1.00 41.88 ? 39  PRO A CA  1 
ATOM   298 C C   . PRO A 1 39 ? -11.615 5.764   -10.547 1.00 42.65 ? 39  PRO A C   1 
ATOM   299 O O   . PRO A 1 39 ? -11.383 5.031   -9.591  1.00 39.43 ? 39  PRO A O   1 
ATOM   300 C CB  . PRO A 1 39 ? -11.011 4.601   -12.691 1.00 41.10 ? 39  PRO A CB  1 
ATOM   301 C CG  . PRO A 1 39 ? -10.312 3.401   -12.086 1.00 40.98 ? 39  PRO A CG  1 
ATOM   302 C CD  . PRO A 1 39 ? -8.994  3.958   -11.580 1.00 39.39 ? 39  PRO A CD  1 
ATOM   303 N N   . GLY A 1 40 ? -12.674 6.574   -10.644 1.00 43.20 ? 40  GLY A N   1 
ATOM   304 C CA  . GLY A 1 40 ? -13.872 6.453   -9.791  1.00 38.66 ? 40  GLY A CA  1 
ATOM   305 C C   . GLY A 1 40 ? -13.881 7.430   -8.625  1.00 41.62 ? 40  GLY A C   1 
ATOM   306 O O   . GLY A 1 40 ? -13.010 8.328   -8.578  1.00 39.87 ? 40  GLY A O   1 
ATOM   307 N N   . ARG A 1 41 ? -14.853 7.248   -7.723  1.00 38.35 ? 41  ARG A N   1 
ATOM   308 C CA  . ARG A 1 41 ? -15.115 8.132   -6.561  1.00 41.87 ? 41  ARG A CA  1 
ATOM   309 C C   . ARG A 1 41 ? -14.086 7.831   -5.468  1.00 39.47 ? 41  ARG A C   1 
ATOM   310 O O   . ARG A 1 41 ? -13.536 6.720   -5.452  1.00 39.44 ? 41  ARG A O   1 
ATOM   311 C CB  . ARG A 1 41 ? -16.545 7.959   -6.042  1.00 44.39 ? 41  ARG A CB  1 
ATOM   312 C CG  . ARG A 1 41 ? -16.912 6.537   -5.631  1.00 50.78 ? 41  ARG A CG  1 
ATOM   313 C CD  . ARG A 1 41 ? -18.385 6.386   -5.285  1.00 56.78 ? 41  ARG A CD  1 
ATOM   314 N NE  . ARG A 1 41 ? -19.249 7.087   -6.231  1.00 63.70 ? 41  ARG A NE  1 
ATOM   315 C CZ  . ARG A 1 41 ? -20.519 7.430   -6.012  1.00 67.44 ? 41  ARG A CZ  1 
ATOM   316 N NH1 . ARG A 1 41 ? -21.112 7.140   -4.865  1.00 67.21 ? 41  ARG A NH1 1 
ATOM   317 N NH2 . ARG A 1 41 ? -21.193 8.072   -6.952  1.00 68.74 ? 41  ARG A NH2 1 
ATOM   318 N N   . TRP A 1 42 ? -13.858 8.813   -4.607  1.00 39.93 ? 42  TRP A N   1 
ATOM   319 C CA  . TRP A 1 42 ? -12.901 8.765   -3.476  1.00 37.42 ? 42  TRP A CA  1 
ATOM   320 C C   . TRP A 1 42 ? -13.369 9.755   -2.419  1.00 40.46 ? 42  TRP A C   1 
ATOM   321 O O   . TRP A 1 42 ? -14.138 10.682  -2.788  1.00 37.12 ? 42  TRP A O   1 
ATOM   322 C CB  . TRP A 1 42 ? -11.502 9.101   -3.968  1.00 42.40 ? 42  TRP A CB  1 
ATOM   323 C CG  . TRP A 1 42 ? -11.427 10.431  -4.646  1.00 44.36 ? 42  TRP A CG  1 
ATOM   324 C CD1 . TRP A 1 42 ? -11.533 10.678  -5.985  1.00 45.46 ? 42  TRP A CD1 1 
ATOM   325 C CD2 . TRP A 1 42 ? -11.235 11.706  -4.014  1.00 46.73 ? 42  TRP A CD2 1 
ATOM   326 N NE1 . TRP A 1 42 ? -11.395 12.017  -6.230  1.00 45.86 ? 42  TRP A NE1 1 
ATOM   327 C CE2 . TRP A 1 42 ? -11.221 12.675  -5.042  1.00 45.84 ? 42  TRP A CE2 1 
ATOM   328 C CE3 . TRP A 1 42 ? -11.059 12.122  -2.688  1.00 46.00 ? 42  TRP A CE3 1 
ATOM   329 C CZ2 . TRP A 1 42 ? -11.036 14.032  -4.781  1.00 47.04 ? 42  TRP A CZ2 1 
ATOM   330 C CZ3 . TRP A 1 42 ? -10.886 13.465  -2.431  1.00 47.08 ? 42  TRP A CZ3 1 
ATOM   331 C CH2 . TRP A 1 42 ? -10.877 14.404  -3.465  1.00 48.18 ? 42  TRP A CH2 1 
ATOM   332 N N   . LYS A 1 43 ? -12.928 9.545   -1.176  1.00 38.55 ? 43  LYS A N   1 
ATOM   333 C CA  . LYS A 1 43 ? -13.302 10.317  0.042   1.00 39.57 ? 43  LYS A CA  1 
ATOM   334 C C   . LYS A 1 43 ? -12.026 10.913  0.622   1.00 42.35 ? 43  LYS A C   1 
ATOM   335 O O   . LYS A 1 43 ? -10.997 10.229  0.677   1.00 39.46 ? 43  LYS A O   1 
ATOM   336 C CB  . LYS A 1 43 ? -13.956 9.422   1.098   1.00 39.09 ? 43  LYS A CB  1 
ATOM   337 C CG  . LYS A 1 43 ? -15.321 8.840   0.755   1.00 45.20 ? 43  LYS A CG  1 
ATOM   338 C CD  . LYS A 1 43 ? -15.747 7.705   1.679   1.00 45.62 ? 43  LYS A CD  1 
ATOM   339 C CE  . LYS A 1 43 ? -17.053 7.043   1.281   1.00 49.91 ? 43  LYS A CE  1 
ATOM   340 N NZ  . LYS A 1 43 ? -18.174 8.015   1.236   1.00 54.46 ? 43  LYS A NZ  1 
ATOM   341 N N   . PRO A 1 44 ? -12.032 12.206  1.022   1.00 42.92 ? 44  PRO A N   1 
ATOM   342 C CA  . PRO A 1 44 ? -10.864 12.837  1.638   1.00 44.95 ? 44  PRO A CA  1 
ATOM   343 C C   . PRO A 1 44 ? -10.547 12.200  2.999   1.00 44.47 ? 44  PRO A C   1 
ATOM   344 O O   . PRO A 1 44 ? -11.448 11.771  3.687   1.00 43.23 ? 44  PRO A O   1 
ATOM   345 C CB  . PRO A 1 44 ? -11.244 14.311  1.842   1.00 43.66 ? 44  PRO A CB  1 
ATOM   346 C CG  . PRO A 1 44 ? -12.523 14.508  1.071   1.00 42.45 ? 44  PRO A CG  1 
ATOM   347 C CD  . PRO A 1 44 ? -13.161 13.145  0.903   1.00 43.18 ? 44  PRO A CD  1 
ATOM   348 N N   . LYS A 1 45 ? -9.262  12.114  3.329   1.00 40.78 ? 45  LYS A N   1 
ATOM   349 C CA  . LYS A 1 45 ? -8.787  11.494  4.589   1.00 40.93 ? 45  LYS A CA  1 
ATOM   350 C C   . LYS A 1 45 ? -7.458  12.152  4.954   1.00 38.35 ? 45  LYS A C   1 
ATOM   351 O O   . LYS A 1 45 ? -6.743  12.594  4.051   1.00 36.87 ? 45  LYS A O   1 
ATOM   352 C CB  . LYS A 1 45 ? -8.656  9.977   4.419   1.00 43.71 ? 45  LYS A CB  1 
ATOM   353 C CG  . LYS A 1 45 ? -8.975  9.137   5.648   1.00 46.39 ? 45  LYS A CG  1 
ATOM   354 C CD  . LYS A 1 45 ? -8.444  7.723   5.546   1.00 48.50 ? 45  LYS A CD  1 
ATOM   355 C CE  . LYS A 1 45 ? -8.988  6.794   6.609   1.00 50.76 ? 45  LYS A CE  1 
ATOM   356 N NZ  . LYS A 1 45 ? -8.067  5.656   6.847   1.00 53.85 ? 45  LYS A NZ  1 
ATOM   357 N N   . MET A 1 46 ? -7.157  12.234  6.096   1.00 40.66 ? 46  MET A N   1 
ATOM   358 C CA  . MET A 1 46 ? -5.824  12.641  6.597   1.00 38.38 ? 46  MET A CA  1 
ATOM   359 C C   . MET A 1 46 ? -5.297  11.488  7.434   1.00 35.41 ? 46  MET A C   1 
ATOM   360 O O   . MET A 1 46 ? -6.069  10.968  8.245   1.00 39.17 ? 46  MET A O   1 
ATOM   361 C CB  . MET A 1 46 ? -5.909  13.898  7.459   1.00 43.64 ? 46  MET A CB  1 
ATOM   362 C CG  . MET A 1 46 ? -6.283  15.116  6.664   1.00 50.77 ? 46  MET A CG  1 
ATOM   363 S SD  . MET A 1 46 ? -6.455  16.547  7.721   1.00 55.87 ? 46  MET A SD  1 
ATOM   364 C CE  . MET A 1 46 ? -4.733  16.822  8.100   1.00 56.39 ? 46  MET A CE  1 
ATOM   365 N N   . ILE A 1 47 ? -4.055  11.075  7.309   1.00 31.26 ? 47  ILE A N   1 
ATOM   366 C CA  . ILE A 1 47 ? -3.378  9.975   8.045   1.00 27.38 ? 47  ILE A CA  1 
ATOM   367 C C   . ILE A 1 47 ? -2.093  10.531  8.646   1.00 26.05 ? 47  ILE A C   1 
ATOM   368 O O   . ILE A 1 47 ? -1.545  11.501  8.081   1.00 26.04 ? 47  ILE A O   1 
ATOM   369 C CB  . ILE A 1 47 ? -3.111  8.772   7.129   1.00 28.44 ? 47  ILE A CB  1 
ATOM   370 C CG1 . ILE A 1 47 ? -2.169  9.145   5.982   1.00 26.23 ? 47  ILE A CG1 1 
ATOM   371 C CG2 . ILE A 1 47 ? -4.427  8.186   6.636   1.00 29.86 ? 47  ILE A CG2 1 
ATOM   372 C CD1 . ILE A 1 47 ? -1.755  7.981   5.143   1.00 27.22 ? 47  ILE A CD1 1 
ATOM   373 N N   . GLY A 1 48 ? -1.645  9.973   9.774   1.00 22.77 ? 48  GLY A N   1 
ATOM   374 C CA  . GLY A 1 48 ? -0.465  10.492  10.480  1.00 22.36 ? 48  GLY A CA  1 
ATOM   375 C C   . GLY A 1 48 ? 0.689   9.516   10.410  1.00 21.08 ? 48  GLY A C   1 
ATOM   376 O O   . GLY A 1 48 ? 0.460   8.320   10.355  1.00 22.51 ? 48  GLY A O   1 
ATOM   377 N N   . GLY A 1 49 ? 1.903   10.021  10.467  1.00 23.02 ? 49  GLY A N   1 
ATOM   378 C CA  . GLY A 1 49 ? 3.109   9.189   10.553  1.00 21.63 ? 49  GLY A CA  1 
ATOM   379 C C   . GLY A 1 49 ? 4.197   9.944   11.251  1.00 22.55 ? 49  GLY A C   1 
ATOM   380 O O   . GLY A 1 49 ? 3.896   10.904  12.003  1.00 21.88 ? 49  GLY A O   1 
ATOM   381 N N   A ILE A 1 50 ? 5.448   9.692   10.924  0.57 21.46 ? 50  ILE A N   1 
ATOM   382 N N   B ILE A 1 50 ? 5.432   9.454   11.072  0.43 19.77 ? 50  ILE A N   1 
ATOM   383 C CA  A ILE A 1 50 ? 6.548   10.087  11.846  0.57 23.28 ? 50  ILE A CA  1 
ATOM   384 C CA  B ILE A 1 50 ? 6.669   10.184  11.475  0.43 20.12 ? 50  ILE A CA  1 
ATOM   385 C C   A ILE A 1 50 ? 6.758   11.613  11.990  0.57 24.42 ? 50  ILE A C   1 
ATOM   386 C C   B ILE A 1 50 ? 6.781   11.399  10.574  0.43 21.28 ? 50  ILE A C   1 
ATOM   387 O O   A ILE A 1 50 ? 7.153   12.000  13.118  0.57 25.76 ? 50  ILE A O   1 
ATOM   388 O O   B ILE A 1 50 ? 6.972   11.267  9.365   0.43 20.92 ? 50  ILE A O   1 
ATOM   389 C CB  A ILE A 1 50 ? 7.815   9.342   11.427  0.57 23.83 ? 50  ILE A CB  1 
ATOM   390 C CB  B ILE A 1 50 ? 7.941   9.327   11.430  0.43 19.81 ? 50  ILE A CB  1 
ATOM   391 C CG1 A ILE A 1 50 ? 8.658   8.960   12.641  0.57 24.66 ? 50  ILE A CG1 1 
ATOM   392 C CG1 B ILE A 1 50 ? 8.001   8.412   12.650  0.43 19.51 ? 50  ILE A CG1 1 
ATOM   393 C CG2 A ILE A 1 50 ? 8.567   10.145  10.396  0.57 24.48 ? 50  ILE A CG2 1 
ATOM   394 C CG2 B ILE A 1 50 ? 9.193   10.192  11.323  0.43 20.12 ? 50  ILE A CG2 1 
ATOM   395 C CD1 A ILE A 1 50 ? 9.753   7.972   12.321  0.57 25.04 ? 50  ILE A CD1 1 
ATOM   396 C CD1 B ILE A 1 50 ? 9.217   7.541   12.691  0.43 19.29 ? 50  ILE A CD1 1 
ATOM   397 N N   . GLY A 1 51 ? 6.267   12.466  11.088  1.00 25.06 ? 51  GLY A N   1 
ATOM   398 C CA  . GLY A 1 51 ? 6.747   13.830  10.847  1.00 23.52 ? 51  GLY A CA  1 
ATOM   399 C C   . GLY A 1 51 ? 5.514   14.710  10.776  1.00 24.83 ? 51  GLY A C   1 
ATOM   400 O O   . GLY A 1 51 ? 5.632   15.928  10.642  1.00 26.06 ? 51  GLY A O   1 
ATOM   401 N N   . GLY A 1 52 ? 4.340   14.095  10.897  1.00 22.25 ? 52  GLY A N   1 
ATOM   402 C CA  . GLY A 1 52 ? 3.048   14.797  10.943  1.00 23.89 ? 52  GLY A CA  1 
ATOM   403 C C   . GLY A 1 52 ? 2.036   14.053  10.098  1.00 24.48 ? 52  GLY A C   1 
ATOM   404 O O   . GLY A 1 52 ? 2.059   12.809  10.053  1.00 27.51 ? 52  GLY A O   1 
ATOM   405 N N   A PHE A 1 53 ? 1.171   14.800  9.409   0.50 24.34 ? 53  PHE A N   1 
ATOM   406 N N   B PHE A 1 53 ? 1.179   14.779  9.399   0.50 25.24 ? 53  PHE A N   1 
ATOM   407 C CA  A PHE A 1 53 ? -0.045  14.281  8.735   0.50 25.79 ? 53  PHE A CA  1 
ATOM   408 C CA  B PHE A 1 53 ? 0.023   14.180  8.699   0.50 27.49 ? 53  PHE A CA  1 
ATOM   409 C C   A PHE A 1 53 ? -0.018  14.645  7.244   0.50 26.28 ? 53  PHE A C   1 
ATOM   410 C C   B PHE A 1 53 ? 0.046   14.595  7.229   0.50 27.14 ? 53  PHE A C   1 
ATOM   411 O O   A PHE A 1 53 ? 0.566   15.683  6.882   0.50 26.34 ? 53  PHE A O   1 
ATOM   412 O O   B PHE A 1 53 ? 0.657   15.621  6.877   0.50 27.24 ? 53  PHE A O   1 
ATOM   413 C CB  A PHE A 1 53 ? -1.296  14.816  9.438   0.50 25.52 ? 53  PHE A CB  1 
ATOM   414 C CB  B PHE A 1 53 ? -1.270  14.658  9.348   0.50 28.59 ? 53  PHE A CB  1 
ATOM   415 C CG  A PHE A 1 53 ? -1.601  14.143  10.756  0.50 25.80 ? 53  PHE A CG  1 
ATOM   416 C CG  B PHE A 1 53 ? -1.491  16.121  9.094   0.50 30.93 ? 53  PHE A CG  1 
ATOM   417 C CD1 A PHE A 1 53 ? -2.573  13.157  10.837  0.50 26.24 ? 53  PHE A CD1 1 
ATOM   418 C CD1 B PHE A 1 53 ? -1.976  16.543  7.871   0.50 32.92 ? 53  PHE A CD1 1 
ATOM   419 C CD2 A PHE A 1 53 ? -0.914  14.483  11.913  0.50 25.18 ? 53  PHE A CD2 1 
ATOM   420 C CD2 B PHE A 1 53 ? -1.129  17.077  10.028  0.50 30.98 ? 53  PHE A CD2 1 
ATOM   421 C CE1 A PHE A 1 53 ? -2.850  12.524  12.040  0.50 26.52 ? 53  PHE A CE1 1 
ATOM   422 C CE1 B PHE A 1 53 ? -2.152  17.893  7.607   0.50 33.80 ? 53  PHE A CE1 1 
ATOM   423 C CE2 A PHE A 1 53 ? -1.201  13.856  13.117  0.50 24.83 ? 53  PHE A CE2 1 
ATOM   424 C CE2 B PHE A 1 53 ? -1.316  18.426  9.765   0.50 32.71 ? 53  PHE A CE2 1 
ATOM   425 C CZ  A PHE A 1 53 ? -2.166  12.873  13.176  0.50 26.41 ? 53  PHE A CZ  1 
ATOM   426 C CZ  B PHE A 1 53 ? -1.830  18.832  8.555   0.50 33.02 ? 53  PHE A CZ  1 
ATOM   427 N N   . ILE A 1 54 ? -0.642  13.811  6.408   1.00 27.17 ? 54  ILE A N   1 
ATOM   428 C CA  . ILE A 1 54 ? -0.869  14.125  4.971   1.00 28.70 ? 54  ILE A CA  1 
ATOM   429 C C   . ILE A 1 54 ? -2.352  13.931  4.672   1.00 27.85 ? 54  ILE A C   1 
ATOM   430 O O   . ILE A 1 54 ? -2.998  13.077  5.322   1.00 25.94 ? 54  ILE A O   1 
ATOM   431 C CB  . ILE A 1 54 ? 0.016   13.276  4.029   1.00 26.79 ? 54  ILE A CB  1 
ATOM   432 C CG1 . ILE A 1 54 ? -0.247  11.771  4.149   1.00 27.97 ? 54  ILE A CG1 1 
ATOM   433 C CG2 . ILE A 1 54 ? 1.472   13.636  4.221   1.00 27.33 ? 54  ILE A CG2 1 
ATOM   434 C CD1 . ILE A 1 54 ? 0.255   10.952  2.977   1.00 26.58 ? 54  ILE A CD1 1 
ATOM   435 N N   . LYS A 1 55 ? -2.859  14.541  3.734   1.00 29.57 ? 55  LYS A N   1 
ATOM   436 C CA  . LYS A 1 55 ? -4.202  14.399  3.136   1.00 32.48 ? 55  LYS A CA  1 
ATOM   437 C C   . LYS A 1 55 ? -4.079  13.376  2.007   1.00 25.97 ? 55  LYS A C   1 
ATOM   438 O O   . LYS A 1 55 ? -3.143  13.529  1.174   1.00 28.76 ? 55  LYS A O   1 
ATOM   439 C CB  . LYS A 1 55 ? -4.704  15.743  2.591   1.00 38.07 ? 55  LYS A CB  1 
ATOM   440 C CG  . LYS A 1 55 ? -5.033  16.787  3.651   1.00 45.69 ? 55  LYS A CG  1 
ATOM   441 C CD  . LYS A 1 55 ? -5.389  18.151  3.098   1.00 48.86 ? 55  LYS A CD  1 
ATOM   442 C CE  . LYS A 1 55 ? -6.668  18.141  2.289   1.00 52.95 ? 55  LYS A CE  1 
ATOM   443 N NZ  . LYS A 1 55 ? -7.054  19.508  1.862   1.00 56.12 ? 55  LYS A NZ  1 
ATOM   444 N N   . VAL A 1 56 ? -4.885  12.471  1.991   1.00 26.17 ? 56  VAL A N   1 
ATOM   445 C CA  . VAL A 1 56 ? -4.931  11.385  0.973   1.00 27.37 ? 56  VAL A CA  1 
ATOM   446 C C   . VAL A 1 56 ? -6.339  11.290  0.384   1.00 30.02 ? 56  VAL A C   1 
ATOM   447 O O   . VAL A 1 56 ? -7.342  11.749  1.019   1.00 29.70 ? 56  VAL A O   1 
ATOM   448 C CB  . VAL A 1 56 ? -4.473  10.041  1.570   1.00 25.99 ? 56  VAL A CB  1 
ATOM   449 C CG1 . VAL A 1 56 ? -3.016  10.092  2.008   1.00 25.87 ? 56  VAL A CG1 1 
ATOM   450 C CG2 . VAL A 1 56 ? -5.377  9.568   2.699   1.00 28.36 ? 56  VAL A CG2 1 
ATOM   451 N N   . ARG A 1 57 ? -6.431  10.688  -0.797  1.00 27.37 ? 57  ARG A N   1 
ATOM   452 C CA  . ARG A 1 57 ? -7.740  10.271  -1.349  1.00 29.53 ? 57  ARG A CA  1 
ATOM   453 C C   . ARG A 1 57 ? -7.928  8.801   -1.013  1.00 28.74 ? 57  ARG A C   1 
ATOM   454 O O   . ARG A 1 57 ? -7.036  7.978   -1.377  1.00 29.08 ? 57  ARG A O   1 
ATOM   455 C CB  . ARG A 1 57 ? -7.794  10.507  -2.858  1.00 31.28 ? 57  ARG A CB  1 
ATOM   456 C CG  . ARG A 1 57 ? -7.403  11.913  -3.283  1.00 32.01 ? 57  ARG A CG  1 
ATOM   457 C CD  . ARG A 1 57 ? -7.788  12.205  -4.725  1.00 34.07 ? 57  ARG A CD  1 
ATOM   458 N NE  . ARG A 1 57 ? -7.228  11.240  -5.660  1.00 34.15 ? 57  ARG A NE  1 
ATOM   459 C CZ  . ARG A 1 57 ? -5.997  11.288  -6.158  1.00 36.09 ? 57  ARG A CZ  1 
ATOM   460 N NH1 . ARG A 1 57 ? -5.160  12.253  -5.806  1.00 37.61 ? 57  ARG A NH1 1 
ATOM   461 N NH2 . ARG A 1 57 ? -5.598  10.355  -7.004  1.00 37.24 ? 57  ARG A NH2 1 
ATOM   462 N N   . GLN A 1 58 ? -9.053  8.461   -0.406  1.00 26.88 ? 58  GLN A N   1 
ATOM   463 C CA  . GLN A 1 58 ? -9.390  7.066   -0.091  1.00 27.35 ? 58  GLN A CA  1 
ATOM   464 C C   . GLN A 1 58 ? -10.224 6.454   -1.217  1.00 29.51 ? 58  GLN A C   1 
ATOM   465 O O   . GLN A 1 58 ? -11.361 6.933   -1.464  1.00 30.69 ? 58  GLN A O   1 
ATOM   466 C CB  . GLN A 1 58 ? -10.139 6.971   1.222   1.00 25.83 ? 58  GLN A CB  1 
ATOM   467 C CG  . GLN A 1 58 ? -10.597 5.568   1.540   1.00 27.32 ? 58  GLN A CG  1 
ATOM   468 C CD  . GLN A 1 58 ? -11.164 5.453   2.925   1.00 28.24 ? 58  GLN A CD  1 
ATOM   469 O OE1 . GLN A 1 58 ? -10.857 6.264   3.801   1.00 35.21 ? 58  GLN A OE1 1 
ATOM   470 N NE2 . GLN A 1 58 ? -11.978 4.433   3.139   1.00 30.38 ? 58  GLN A NE2 1 
ATOM   471 N N   . TYR A 1 59 ? -9.696  5.388   -1.821  1.00 27.24 ? 59  TYR A N   1 
ATOM   472 C CA  . TYR A 1 59 ? -10.397 4.533   -2.813  1.00 26.87 ? 59  TYR A CA  1 
ATOM   473 C C   . TYR A 1 59 ? -10.692 3.165   -2.208  1.00 28.99 ? 59  TYR A C   1 
ATOM   474 O O   . TYR A 1 59 ? -9.757  2.469   -1.698  1.00 25.08 ? 59  TYR A O   1 
ATOM   475 C CB  . TYR A 1 59 ? -9.567  4.388   -4.085  1.00 28.93 ? 59  TYR A CB  1 
ATOM   476 C CG  . TYR A 1 59 ? -9.319  5.648   -4.873  1.00 29.93 ? 59  TYR A CG  1 
ATOM   477 C CD1 . TYR A 1 59 ? -8.346  6.553   -4.499  1.00 27.43 ? 59  TYR A CD1 1 
ATOM   478 C CD2 . TYR A 1 59 ? -10.027 5.916   -6.037  1.00 32.57 ? 59  TYR A CD2 1 
ATOM   479 C CE1 . TYR A 1 59 ? -8.096  7.705   -5.223  1.00 31.19 ? 59  TYR A CE1 1 
ATOM   480 C CE2 . TYR A 1 59 ? -9.791  7.070   -6.775  1.00 31.50 ? 59  TYR A CE2 1 
ATOM   481 C CZ  . TYR A 1 59 ? -8.823  7.970   -6.375  1.00 33.03 ? 59  TYR A CZ  1 
ATOM   482 O OH  . TYR A 1 59 ? -8.550  9.107   -7.097  1.00 31.37 ? 59  TYR A OH  1 
ATOM   483 N N   . ASP A 1 60 ? -11.955 2.750   -2.261  1.00 27.02 ? 60  ASP A N   1 
ATOM   484 C CA  . ASP A 1 60 ? -12.392 1.434   -1.720  1.00 29.22 ? 60  ASP A CA  1 
ATOM   485 C C   . ASP A 1 60 ? -12.592 0.443   -2.865  1.00 29.71 ? 60  ASP A C   1 
ATOM   486 O O   . ASP A 1 60 ? -12.705 0.909   -4.029  1.00 30.97 ? 60  ASP A O   1 
ATOM   487 C CB  . ASP A 1 60 ? -13.633 1.545   -0.826  1.00 32.96 ? 60  ASP A CB  1 
ATOM   488 C CG  . ASP A 1 60 ? -13.453 2.520   0.323   1.00 37.14 ? 60  ASP A CG  1 
ATOM   489 O OD1 . ASP A 1 60 ? -12.344 2.572   0.887   1.00 32.94 ? 60  ASP A OD1 1 
ATOM   490 O OD2 . ASP A 1 60 ? -14.415 3.254   0.623   1.00 39.05 ? 60  ASP A OD2 1 
ATOM   491 N N   . GLN A 1 61 ? -12.557 -0.852  -2.513  1.00 28.61 ? 61  GLN A N   1 
ATOM   492 C CA  . GLN A 1 61 ? -12.724 -2.042  -3.383  1.00 31.98 ? 61  GLN A CA  1 
ATOM   493 C C   . GLN A 1 61 ? -11.853 -1.861  -4.635  1.00 30.94 ? 61  GLN A C   1 
ATOM   494 O O   . GLN A 1 61 ? -12.338 -2.067  -5.771  1.00 29.52 ? 61  GLN A O   1 
ATOM   495 C CB  . GLN A 1 61 ? -14.226 -2.284  -3.624  1.00 36.16 ? 61  GLN A CB  1 
ATOM   496 C CG  . GLN A 1 61 ? -14.583 -3.659  -4.200  1.00 43.10 ? 61  GLN A CG  1 
ATOM   497 C CD  . GLN A 1 61 ? -15.071 -4.672  -3.185  1.00 51.00 ? 61  GLN A CD  1 
ATOM   498 O OE1 . GLN A 1 61 ? -15.577 -4.313  -2.122  1.00 61.72 ? 61  GLN A OE1 1 
ATOM   499 N NE2 . GLN A 1 61 ? -14.954 -5.956  -3.510  1.00 44.82 ? 61  GLN A NE2 1 
ATOM   500 N N   . ILE A 1 62 ? -10.569 -1.556  -4.434  1.00 24.74 ? 62  ILE A N   1 
ATOM   501 C CA  . ILE A 1 62 ? -9.552  -1.414  -5.513  1.00 24.44 ? 62  ILE A CA  1 
ATOM   502 C C   . ILE A 1 62 ? -8.816  -2.743  -5.650  1.00 23.60 ? 62  ILE A C   1 
ATOM   503 O O   . ILE A 1 62 ? -8.354  -3.299  -4.614  1.00 21.14 ? 62  ILE A O   1 
ATOM   504 C CB  . ILE A 1 62 ? -8.575  -0.265  -5.200  1.00 25.12 ? 62  ILE A CB  1 
ATOM   505 C CG1 . ILE A 1 62 ? -9.281  1.092   -5.133  1.00 28.04 ? 62  ILE A CG1 1 
ATOM   506 C CG2 . ILE A 1 62 ? -7.429  -0.264  -6.197  1.00 26.85 ? 62  ILE A CG2 1 
ATOM   507 C CD1 . ILE A 1 62 ? -9.860  1.537   -6.467  1.00 28.50 ? 62  ILE A CD1 1 
ATOM   508 N N   . LEU A 1 63 ? -8.719  -3.251  -6.878  1.00 22.94 ? 63  LEU A N   1 
ATOM   509 C CA  . LEU A 1 63 ? -8.015  -4.530  -7.112  1.00 20.76 ? 63  LEU A CA  1 
ATOM   510 C C   . LEU A 1 63 ? -6.522  -4.235  -7.248  1.00 20.34 ? 63  LEU A C   1 
ATOM   511 O O   . LEU A 1 63 ? -6.170  -3.293  -7.911  1.00 22.86 ? 63  LEU A O   1 
ATOM   512 C CB  . LEU A 1 63 ? -8.571  -5.180  -8.377  1.00 23.19 ? 63  LEU A CB  1 
ATOM   513 C CG  . LEU A 1 63 ? -7.760  -6.334  -8.951  1.00 24.95 ? 63  LEU A CG  1 
ATOM   514 C CD1 . LEU A 1 63 ? -7.808  -7.551  -8.042  1.00 25.60 ? 63  LEU A CD1 1 
ATOM   515 C CD2 . LEU A 1 63 ? -8.252  -6.692  -10.338 1.00 26.05 ? 63  LEU A CD2 1 
ATOM   516 N N   . ILE A 1 64 ? -5.709  -5.036  -6.592  1.00 19.75 ? 64  ILE A N   1 
ATOM   517 C CA  . ILE A 1 64 ? -4.240  -4.842  -6.655  1.00 21.32 ? 64  ILE A CA  1 
ATOM   518 C C   . ILE A 1 64 ? -3.555  -6.215  -6.741  1.00 21.49 ? 64  ILE A C   1 
ATOM   519 O O   . ILE A 1 64 ? -3.984  -7.104  -6.085  1.00 22.80 ? 64  ILE A O   1 
ATOM   520 C CB  . ILE A 1 64 ? -3.796  -4.001  -5.444  1.00 24.22 ? 64  ILE A CB  1 
ATOM   521 C CG1 . ILE A 1 64 ? -2.286  -3.809  -5.410  1.00 25.87 ? 64  ILE A CG1 1 
ATOM   522 C CG2 . ILE A 1 64 ? -4.338  -4.592  -4.162  1.00 28.51 ? 64  ILE A CG2 1 
ATOM   523 C CD1 . ILE A 1 64 ? -1.851  -2.680  -4.519  1.00 28.71 ? 64  ILE A CD1 1 
ATOM   524 N N   . GLU A 1 65 ? -2.597  -6.381  -7.634  1.00 19.60 ? 65  GLU A N   1 
ATOM   525 C CA  . GLU A 1 65 ? -1.848  -7.651  -7.668  1.00 23.70 ? 65  GLU A CA  1 
ATOM   526 C C   . GLU A 1 65 ? -0.530  -7.353  -6.961  1.00 24.49 ? 65  GLU A C   1 
ATOM   527 O O   . GLU A 1 65 ? 0.118   -6.412  -7.355  1.00 23.10 ? 65  GLU A O   1 
ATOM   528 C CB  . GLU A 1 65 ? -1.481  -8.122  -9.071  1.00 30.65 ? 65  GLU A CB  1 
ATOM   529 C CG  . GLU A 1 65 ? -2.603  -8.729  -9.867  1.00 36.01 ? 65  GLU A CG  1 
ATOM   530 C CD  . GLU A 1 65 ? -2.220  -8.845  -11.335 1.00 41.63 ? 65  GLU A CD  1 
ATOM   531 O OE1 . GLU A 1 65 ? -1.053  -9.172  -11.612 1.00 51.31 ? 65  GLU A OE1 1 
ATOM   532 O OE2 . GLU A 1 65 ? -3.062  -8.565  -12.189 1.00 48.81 ? 65  GLU A OE2 1 
ATOM   533 N N   . ILE A 1 66 ? -0.218  -8.120  -5.926  1.00 23.93 ? 66  ILE A N   1 
ATOM   534 C CA  . ILE A 1 66 ? 1.000   -7.867  -5.108  1.00 23.42 ? 66  ILE A CA  1 
ATOM   535 C C   . ILE A 1 66 ? 1.877   -9.100  -5.229  1.00 26.34 ? 66  ILE A C   1 
ATOM   536 O O   . ILE A 1 66 ? 1.478   -10.130 -4.769  1.00 26.45 ? 66  ILE A O   1 
ATOM   537 C CB  . ILE A 1 66 ? 0.640   -7.596  -3.645  1.00 24.58 ? 66  ILE A CB  1 
ATOM   538 C CG1 . ILE A 1 66 ? -0.315  -6.426  -3.486  1.00 27.19 ? 66  ILE A CG1 1 
ATOM   539 C CG2 . ILE A 1 66 ? 1.899   -7.379  -2.825  1.00 24.43 ? 66  ILE A CG2 1 
ATOM   540 C CD1 . ILE A 1 66 ? -1.071  -6.462  -2.200  1.00 28.08 ? 66  ILE A CD1 1 
ATOM   541 N N   . CYS A 1 67 ? 2.962   -8.979  -5.977  1.00 31.65 ? 67  CYS A N   1 
ATOM   542 C CA  . CYS A 1 67 ? 3.878   -10.111 -6.236  1.00 35.85 ? 67  CYS A CA  1 
ATOM   543 C C   . CYS A 1 67 ? 3.086   -11.341 -6.725  1.00 38.71 ? 67  CYS A C   1 
ATOM   544 O O   . CYS A 1 67 ? 3.260   -12.387 -6.138  1.00 35.05 ? 67  CYS A O   1 
ATOM   545 C CB  . CYS A 1 67 ? 4.718   -10.384 -4.989  1.00 42.55 ? 67  CYS A CB  1 
ATOM   546 S SG  . CYS A 1 67 ? 6.222   -11.348 -5.312  1.00 48.87 ? 67  CYS A SG  1 
ATOM   547 N N   . GLY A 1 68 ? 2.157   -11.179 -7.672  1.00 35.05 ? 68  GLY A N   1 
ATOM   548 C CA  . GLY A 1 68 ? 1.436   -12.346 -8.205  1.00 38.95 ? 68  GLY A CA  1 
ATOM   549 C C   . GLY A 1 68 ? 0.198   -12.734 -7.420  1.00 40.69 ? 68  GLY A C   1 
ATOM   550 O O   . GLY A 1 68 ? -0.492  -13.669 -7.839  1.00 46.75 ? 68  GLY A O   1 
ATOM   551 N N   . HIS A 1 69 ? -0.107  -12.039 -6.334  1.00 34.04 ? 69  HIS A N   1 
ATOM   552 C CA  . HIS A 1 69 ? -1.294  -12.412 -5.535  1.00 30.99 ? 69  HIS A CA  1 
ATOM   553 C C   . HIS A 1 69 ? -2.329  -11.307 -5.674  1.00 30.49 ? 69  HIS A C   1 
ATOM   554 O O   . HIS A 1 69 ? -1.973  -10.171 -5.444  1.00 29.56 ? 69  HIS A O   1 
ATOM   555 C CB  . HIS A 1 69 ? -0.885  -12.472 -4.071  1.00 30.78 ? 69  HIS A CB  1 
ATOM   556 C CG  . HIS A 1 69 ? -0.150  -13.700 -3.696  1.00 32.82 ? 69  HIS A CG  1 
ATOM   557 N ND1 . HIS A 1 69 ? 1.145   -13.927 -4.054  1.00 34.29 ? 69  HIS A ND1 1 
ATOM   558 C CD2 . HIS A 1 69 ? -0.522  -14.738 -2.932  1.00 32.10 ? 69  HIS A CD2 1 
ATOM   559 C CE1 . HIS A 1 69 ? 1.526   -15.077 -3.563  1.00 35.13 ? 69  HIS A CE1 1 
ATOM   560 N NE2 . HIS A 1 69 ? 0.526   -15.585 -2.876  1.00 35.16 ? 69  HIS A NE2 1 
ATOM   561 N N   . LYS A 1 70 ? -3.580  -11.662 -5.889  1.00 28.59 ? 70  LYS A N   1 
ATOM   562 C CA  . LYS A 1 70 ? -4.624  -10.630 -6.027  1.00 28.90 ? 70  LYS A CA  1 
ATOM   563 C C   . LYS A 1 70 ? -5.290  -10.328 -4.686  1.00 26.12 ? 70  LYS A C   1 
ATOM   564 O O   . LYS A 1 70 ? -5.475  -11.213 -3.923  1.00 26.16 ? 70  LYS A O   1 
ATOM   565 C CB  . LYS A 1 70 ? -5.665  -11.070 -7.048  1.00 29.60 ? 70  LYS A CB  1 
ATOM   566 C CG  . LYS A 1 70 ? -5.155  -11.154 -8.470  1.00 33.48 ? 70  LYS A CG  1 
ATOM   567 C CD  . LYS A 1 70 ? -6.232  -11.625 -9.386  1.00 37.86 ? 70  LYS A CD  1 
ATOM   568 C CE  . LYS A 1 70 ? -5.928  -11.289 -10.823 1.00 40.13 ? 70  LYS A CE  1 
ATOM   569 N NZ  . LYS A 1 70 ? -4.586  -11.774 -11.177 1.00 41.24 ? 70  LYS A NZ  1 
ATOM   570 N N   . ALA A 1 71 ? -5.580  -9.065  -4.468  1.00 22.68 ? 71  ALA A N   1 
ATOM   571 C CA  . ALA A 1 71 ? -6.301  -8.617  -3.274  1.00 24.12 ? 71  ALA A CA  1 
ATOM   572 C C   . ALA A 1 71 ? -7.204  -7.455  -3.678  1.00 25.29 ? 71  ALA A C   1 
ATOM   573 O O   . ALA A 1 71 ? -6.939  -6.815  -4.675  1.00 23.94 ? 71  ALA A O   1 
ATOM   574 C CB  . ALA A 1 71 ? -5.317  -8.208  -2.208  1.00 26.06 ? 71  ALA A CB  1 
ATOM   575 N N   . ILE A 1 72 ? -8.291  -7.264  -2.948  1.00 23.87 ? 72  ILE A N   1 
ATOM   576 C CA  . ILE A 1 72 ? -9.179  -6.104  -3.171  1.00 24.90 ? 72  ILE A CA  1 
ATOM   577 C C   . ILE A 1 72 ? -9.324  -5.437  -1.816  1.00 23.95 ? 72  ILE A C   1 
ATOM   578 O O   . ILE A 1 72 ? -9.559  -6.156  -0.817  1.00 25.33 ? 72  ILE A O   1 
ATOM   579 C CB  . ILE A 1 72 ? -10.553 -6.447  -3.787  1.00 28.04 ? 72  ILE A CB  1 
ATOM   580 C CG1 . ILE A 1 72 ? -10.453 -6.873  -5.249  1.00 32.10 ? 72  ILE A CG1 1 
ATOM   581 C CG2 . ILE A 1 72 ? -11.507 -5.272  -3.662  1.00 27.46 ? 72  ILE A CG2 1 
ATOM   582 C CD1 . ILE A 1 72 ? -11.784 -7.282  -5.839  1.00 33.45 ? 72  ILE A CD1 1 
ATOM   583 N N   . GLY A 1 73 ? -9.172  -4.128  -1.789  1.00 21.21 ? 73  GLY A N   1 
ATOM   584 C CA  . GLY A 1 73 ? -9.357  -3.368  -0.549  1.00 22.75 ? 73  GLY A CA  1 
ATOM   585 C C   . GLY A 1 73 ? -9.160  -1.903  -0.751  1.00 21.91 ? 73  GLY A C   1 
ATOM   586 O O   . GLY A 1 73 ? -9.082  -1.419  -1.876  1.00 21.59 ? 73  GLY A O   1 
ATOM   587 N N   . THR A 1 74 ? -9.016  -1.203  0.359   1.00 20.82 ? 74  THR A N   1 
ATOM   588 C CA  . THR A 1 74 ? -8.851  0.247   0.397   1.00 21.26 ? 74  THR A CA  1 
ATOM   589 C C   . THR A 1 74 ? -7.415  0.625   0.055   1.00 22.96 ? 74  THR A C   1 
ATOM   590 O O   . THR A 1 74 ? -6.478  0.022   0.636   1.00 21.32 ? 74  THR A O   1 
ATOM   591 C CB  . THR A 1 74 ? -9.276  0.774   1.770   1.00 22.67 ? 74  THR A CB  1 
ATOM   592 O OG1 . THR A 1 74 ? -10.665 0.424   1.858   1.00 26.11 ? 74  THR A OG1 1 
ATOM   593 C CG2 . THR A 1 74 ? -8.961  2.244   1.915   1.00 23.16 ? 74  THR A CG2 1 
ATOM   594 N N   . VAL A 1 75 ? -7.259  1.603   -0.815  1.00 22.39 ? 75  VAL A N   1 
ATOM   595 C CA  . VAL A 1 75 ? -5.952  2.201   -1.151  1.00 23.62 ? 75  VAL A CA  1 
ATOM   596 C C   . VAL A 1 75 ? -6.054  3.700   -0.923  1.00 24.10 ? 75  VAL A C   1 
ATOM   597 O O   . VAL A 1 75 ? -7.026  4.309   -1.414  1.00 26.19 ? 75  VAL A O   1 
ATOM   598 C CB  . VAL A 1 75 ? -5.544  1.860   -2.596  1.00 25.52 ? 75  VAL A CB  1 
ATOM   599 C CG1 . VAL A 1 75 ? -4.358  2.693   -3.026  1.00 27.69 ? 75  VAL A CG1 1 
ATOM   600 C CG2 . VAL A 1 75 ? -5.257  0.378   -2.741  1.00 28.03 ? 75  VAL A CG2 1 
ATOM   601 N N   . LEU A 1 76 ? -5.077  4.274   -0.226  1.00 21.76 ? 76  LEU A N   1 
ATOM   602 C CA  . LEU A 1 76 ? -4.977  5.722   0.001   1.00 21.11 ? 76  LEU A CA  1 
ATOM   603 C C   . LEU A 1 76 ? -3.945  6.269   -0.986  1.00 23.91 ? 76  LEU A C   1 
ATOM   604 O O   . LEU A 1 76 ? -2.861  5.665   -1.147  1.00 24.90 ? 76  LEU A O   1 
ATOM   605 C CB  . LEU A 1 76 ? -4.604  5.981   1.466   1.00 20.20 ? 76  LEU A CB  1 
ATOM   606 C CG  . LEU A 1 76 ? -5.457  5.235   2.490   1.00 21.28 ? 76  LEU A CG  1 
ATOM   607 C CD1 . LEU A 1 76 ? -4.951  5.493   3.903   1.00 22.59 ? 76  LEU A CD1 1 
ATOM   608 C CD2 . LEU A 1 76 ? -6.922  5.639   2.389   1.00 23.17 ? 76  LEU A CD2 1 
ATOM   609 N N   . VAL A 1 77 ? -4.268  7.368   -1.654  1.00 22.79 ? 77  VAL A N   1 
ATOM   610 C CA  . VAL A 1 77 ? -3.369  7.985   -2.654  1.00 23.45 ? 77  VAL A CA  1 
ATOM   611 C C   . VAL A 1 77 ? -3.047  9.399   -2.204  1.00 24.76 ? 77  VAL A C   1 
ATOM   612 O O   . VAL A 1 77 ? -4.007  10.126  -1.854  1.00 26.18 ? 77  VAL A O   1 
ATOM   613 C CB  . VAL A 1 77 ? -4.031  7.976   -4.042  1.00 23.37 ? 77  VAL A CB  1 
ATOM   614 C CG1 . VAL A 1 77 ? -3.108  8.627   -5.063  1.00 26.04 ? 77  VAL A CG1 1 
ATOM   615 C CG2 . VAL A 1 77 ? -4.446  6.556   -4.425  1.00 24.97 ? 77  VAL A CG2 1 
ATOM   616 N N   . GLY A 1 78 ? -1.778  9.737   -2.166  1.00 22.96 ? 78  GLY A N   1 
ATOM   617 C CA  . GLY A 1 78 ? -1.394  11.061  -1.693  1.00 24.90 ? 78  GLY A CA  1 
ATOM   618 C C   . GLY A 1 78 ? 0.096   11.199  -1.581  1.00 27.16 ? 78  GLY A C   1 
ATOM   619 O O   . GLY A 1 78 ? 0.812   10.271  -1.942  1.00 29.69 ? 78  GLY A O   1 
ATOM   620 N N   . PRO A 1 79 ? 0.575   12.289  -0.973  1.00 26.86 ? 79  PRO A N   1 
ATOM   621 C CA  . PRO A 1 79 ? 1.985   12.552  -0.883  1.00 27.45 ? 79  PRO A CA  1 
ATOM   622 C C   . PRO A 1 79 ? 2.850   11.713  0.070   1.00 24.68 ? 79  PRO A C   1 
ATOM   623 O O   . PRO A 1 79 ? 3.581   12.245  0.794   1.00 29.25 ? 79  PRO A O   1 
ATOM   624 C CB  . PRO A 1 79 ? 1.989   14.048  -0.567  1.00 27.92 ? 79  PRO A CB  1 
ATOM   625 C CG  . PRO A 1 79 ? 0.761   14.238  0.233   1.00 29.38 ? 79  PRO A CG  1 
ATOM   626 C CD  . PRO A 1 79 ? -0.257  13.316  -0.384  1.00 27.15 ? 79  PRO A CD  1 
ATOM   627 N N   . THR A 1 80 ? 2.754   10.393  -0.016  1.00 27.08 ? 80  THR A N   1 
ATOM   628 C CA  . THR A 1 80 ? 3.664   9.531   0.774   1.00 25.80 ? 80  THR A CA  1 
ATOM   629 C C   . THR A 1 80 ? 5.013   9.510   0.044   1.00 27.83 ? 80  THR A C   1 
ATOM   630 O O   . THR A 1 80 ? 4.990   9.545   -1.153  1.00 32.00 ? 80  THR A O   1 
ATOM   631 C CB  . THR A 1 80 ? 3.117   8.100   0.846   1.00 23.97 ? 80  THR A CB  1 
ATOM   632 O OG1 . THR A 1 80 ? 4.047   7.246   1.491   1.00 21.80 ? 80  THR A OG1 1 
ATOM   633 C CG2 . THR A 1 80 ? 2.777   7.540   -0.513  1.00 23.01 ? 80  THR A CG2 1 
ATOM   634 N N   . PRO A 1 81 ? 6.188   9.503   0.694   1.00 31.79 ? 81  PRO A N   1 
ATOM   635 C CA  . PRO A 1 81 ? 7.456   9.418   -0.044  1.00 30.79 ? 81  PRO A CA  1 
ATOM   636 C C   . PRO A 1 81 ? 7.690   8.098   -0.813  1.00 31.46 ? 81  PRO A C   1 
ATOM   637 O O   . PRO A 1 81 ? 8.450   8.086   -1.735  1.00 28.58 ? 81  PRO A O   1 
ATOM   638 C CB  . PRO A 1 81 ? 8.486   9.539   1.082   1.00 31.45 ? 81  PRO A CB  1 
ATOM   639 C CG  . PRO A 1 81 ? 7.772   9.088   2.306   1.00 34.90 ? 81  PRO A CG  1 
ATOM   640 C CD  . PRO A 1 81 ? 6.395   9.669   2.109   1.00 31.71 ? 81  PRO A CD  1 
ATOM   641 N N   . VAL A 1 82 ? 7.027   7.025   -0.390  1.00 27.43 ? 82  VAL A N   1 
ATOM   642 C CA  . VAL A 1 82 ? 7.201   5.670   -0.976  1.00 26.27 ? 82  VAL A CA  1 
ATOM   643 C C   . VAL A 1 82 ? 5.858   4.939   -0.957  1.00 22.08 ? 82  VAL A C   1 
ATOM   644 O O   . VAL A 1 82 ? 5.033   5.247   -0.130  1.00 22.41 ? 82  VAL A O   1 
ATOM   645 C CB  . VAL A 1 82 ? 8.279   4.899   -0.192  1.00 30.67 ? 82  VAL A CB  1 
ATOM   646 C CG1 . VAL A 1 82 ? 7.891   4.703   1.233   1.00 35.34 ? 82  VAL A CG1 1 
ATOM   647 C CG2 . VAL A 1 82 ? 8.637   3.558   -0.779  1.00 35.69 ? 82  VAL A CG2 1 
ATOM   648 N N   . ASN A 1 83 ? 5.644   4.061   -1.924  1.00 19.73 ? 83  ASN A N   1 
ATOM   649 C CA  . ASN A 1 83 ? 4.424   3.229   -1.985  1.00 17.86 ? 83  ASN A CA  1 
ATOM   650 C C   . ASN A 1 83 ? 4.523   2.191   -0.861  1.00 16.10 ? 83  ASN A C   1 
ATOM   651 O O   . ASN A 1 83 ? 5.514   1.498   -0.790  1.00 16.65 ? 83  ASN A O   1 
ATOM   652 C CB  . ASN A 1 83 ? 4.260   2.543   -3.336  1.00 18.68 ? 83  ASN A CB  1 
ATOM   653 C CG  . ASN A 1 83 ? 4.171   3.500   -4.500  1.00 21.82 ? 83  ASN A CG  1 
ATOM   654 O OD1 . ASN A 1 83 ? 3.520   4.514   -4.409  1.00 22.99 ? 83  ASN A OD1 1 
ATOM   655 N ND2 . ASN A 1 83 ? 4.794   3.140   -5.602  1.00 18.67 ? 83  ASN A ND2 1 
ATOM   656 N N   . ILE A 1 84 ? 3.482   2.117   -0.044  1.00 16.75 ? 84  ILE A N   1 
ATOM   657 C CA  . ILE A 1 84 ? 3.425   1.244   1.157   1.00 19.17 ? 84  ILE A CA  1 
ATOM   658 C C   . ILE A 1 84 ? 2.284   0.239   1.043   1.00 16.07 ? 84  ILE A C   1 
ATOM   659 O O   . ILE A 1 84 ? 1.202   0.654   0.904   1.00 17.73 ? 84  ILE A O   1 
ATOM   660 C CB  . ILE A 1 84 ? 3.096   2.091   2.408   1.00 22.06 ? 84  ILE A CB  1 
ATOM   661 C CG1 . ILE A 1 84 ? 4.128   3.163   2.716   1.00 26.99 ? 84  ILE A CG1 1 
ATOM   662 C CG2 . ILE A 1 84 ? 2.821   1.185   3.593   1.00 26.43 ? 84  ILE A CG2 1 
ATOM   663 C CD1 . ILE A 1 84 ? 5.501   2.668   2.669   1.00 25.21 ? 84  ILE A CD1 1 
ATOM   664 N N   . ILE A 1 85 ? 2.576   -1.041  1.178   1.00 14.61 ? 85  ILE A N   1 
ATOM   665 C CA  . ILE A 1 85 ? 1.507   -2.071  1.260   1.00 15.31 ? 85  ILE A CA  1 
ATOM   666 C C   . ILE A 1 85 ? 1.326   -2.335  2.751   1.00 15.26 ? 85  ILE A C   1 
ATOM   667 O O   . ILE A 1 85 ? 2.234   -2.803  3.348   1.00 15.24 ? 85  ILE A O   1 
ATOM   668 C CB  . ILE A 1 85 ? 1.865   -3.345  0.481   1.00 16.21 ? 85  ILE A CB  1 
ATOM   669 C CG1 . ILE A 1 85 ? 2.238   -3.018  -0.964  1.00 17.41 ? 85  ILE A CG1 1 
ATOM   670 C CG2 . ILE A 1 85 ? 0.734   -4.357  0.583   1.00 15.52 ? 85  ILE A CG2 1 
ATOM   671 C CD1 . ILE A 1 85 ? 1.196   -2.238  -1.700  1.00 17.54 ? 85  ILE A CD1 1 
ATOM   672 N N   . GLY A 1 86 ? 0.151   -2.024  3.278   1.00 15.16 ? 86  GLY A N   1 
ATOM   673 C CA  . GLY A 1 86 ? -0.122  -2.158  4.723   1.00 14.94 ? 86  GLY A CA  1 
ATOM   674 C C   . GLY A 1 86 ? -0.898  -3.414  5.062   1.00 15.14 ? 86  GLY A C   1 
ATOM   675 O O   . GLY A 1 86 ? -1.187  -4.218  4.187   1.00 15.83 ? 86  GLY A O   1 
ATOM   676 N N   . ARG A 1 87 ? -1.214  -3.592  6.346   1.00 15.24 ? 87  ARG A N   1 
ATOM   677 C CA  . ARG A 1 87 ? -1.731  -4.877  6.861   1.00 15.56 ? 87  ARG A CA  1 
ATOM   678 C C   . ARG A 1 87 ? -3.111  -5.195  6.258   1.00 15.36 ? 87  ARG A C   1 
ATOM   679 O O   . ARG A 1 87 ? -3.416  -6.419  6.131   1.00 16.27 ? 87  ARG A O   1 
ATOM   680 C CB  . ARG A 1 87 ? -1.789  -4.863  8.382   1.00 14.75 ? 87  ARG A CB  1 
ATOM   681 C CG  . ARG A 1 87 ? -0.431  -4.802  9.069   1.00 15.32 ? 87  ARG A CG  1 
ATOM   682 C CD  . ARG A 1 87 ? -0.531  -4.989  10.594  1.00 15.82 ? 87  ARG A CD  1 
ATOM   683 N NE  . ARG A 1 87 ? -1.274  -3.896  11.202  1.00 16.20 ? 87  ARG A NE  1 
ATOM   684 C CZ  . ARG A 1 87 ? -2.563  -3.964  11.572  1.00 18.83 ? 87  ARG A CZ  1 
ATOM   685 N NH1 . ARG A 1 87 ? -3.253  -5.083  11.489  1.00 18.42 ? 87  ARG A NH1 1 
ATOM   686 N NH2 . ARG A 1 87 ? -3.153  -2.897  12.053  1.00 19.99 ? 87  ARG A NH2 1 
ATOM   687 N N   . ASN A 1 88 ? -3.863  -4.175  5.860   1.00 17.17 ? 88  ASN A N   1 
ATOM   688 C CA  . ASN A 1 88 ? -5.181  -4.428  5.225   1.00 18.39 ? 88  ASN A CA  1 
ATOM   689 C C   . ASN A 1 88 ? -5.028  -5.366  4.017   1.00 18.64 ? 88  ASN A C   1 
ATOM   690 O O   . ASN A 1 88 ? -5.959  -6.157  3.751   1.00 19.57 ? 88  ASN A O   1 
ATOM   691 C CB  . ASN A 1 88 ? -5.876  -3.121  4.883   1.00 17.94 ? 88  ASN A CB  1 
ATOM   692 C CG  . ASN A 1 88 ? -5.255  -2.394  3.718   1.00 19.36 ? 88  ASN A CG  1 
ATOM   693 O OD1 . ASN A 1 88 ? -4.061  -2.096  3.708   1.00 18.61 ? 88  ASN A OD1 1 
ATOM   694 N ND2 . ASN A 1 88 ? -6.078  -2.076  2.732   1.00 20.42 ? 88  ASN A ND2 1 
ATOM   695 N N   . LEU A 1 89 ? -3.932  -5.239  3.244   1.00 17.38 ? 89  LEU A N   1 
ATOM   696 C CA  . LEU A 1 89 ? -3.664  -6.086  2.058   1.00 17.84 ? 89  LEU A CA  1 
ATOM   697 C C   . LEU A 1 89 ? -2.708  -7.224  2.422   1.00 16.33 ? 89  LEU A C   1 
ATOM   698 O O   . LEU A 1 89 ? -2.840  -8.282  1.862   1.00 17.10 ? 89  LEU A O   1 
ATOM   699 C CB  . LEU A 1 89 ? -3.135  -5.241  0.888   1.00 18.44 ? 89  LEU A CB  1 
ATOM   700 C CG  . LEU A 1 89 ? -4.073  -4.123  0.411   1.00 20.73 ? 89  LEU A CG  1 
ATOM   701 C CD1 . LEU A 1 89 ? -3.496  -3.381  -0.790  1.00 22.10 ? 89  LEU A CD1 1 
ATOM   702 C CD2 . LEU A 1 89 ? -5.454  -4.686  0.083   1.00 21.68 ? 89  LEU A CD2 1 
ATOM   703 N N   . LEU A 1 90 ? -1.764  -7.038  3.360   1.00 16.54 ? 90  LEU A N   1 
ATOM   704 C CA  . LEU A 1 90 ? -0.820  -8.127  3.719   1.00 17.26 ? 90  LEU A CA  1 
ATOM   705 C C   . LEU A 1 90 ? -1.586  -9.350  4.266   1.00 17.27 ? 90  LEU A C   1 
ATOM   706 O O   . LEU A 1 90 ? -1.198  -10.446 3.923   1.00 16.43 ? 90  LEU A O   1 
ATOM   707 C CB  . LEU A 1 90 ? 0.212   -7.619  4.732   1.00 18.19 ? 90  LEU A CB  1 
ATOM   708 C CG  . LEU A 1 90 ? 1.161   -6.533  4.232   1.00 17.53 ? 90  LEU A CG  1 
ATOM   709 C CD1 . LEU A 1 90 ? 2.026   -6.061  5.385   1.00 18.68 ? 90  LEU A CD1 1 
ATOM   710 C CD2 . LEU A 1 90 ? 2.011   -6.996  3.061   1.00 17.00 ? 90  LEU A CD2 1 
ATOM   711 N N   . THR A 1 91 ? -2.657  -9.151  5.041   1.00 18.22 ? 91  THR A N   1 
ATOM   712 C CA  . THR A 1 91 ? -3.489  -10.258 5.576   1.00 19.69 ? 91  THR A CA  1 
ATOM   713 C C   . THR A 1 91 ? -4.132  -11.039 4.414   1.00 20.91 ? 91  THR A C   1 
ATOM   714 O O   . THR A 1 91 ? -4.165  -12.279 4.473   1.00 21.91 ? 91  THR A O   1 
ATOM   715 C CB  . THR A 1 91 ? -4.550  -9.751  6.551   1.00 19.25 ? 91  THR A CB  1 
ATOM   716 O OG1 . THR A 1 91 ? -5.312  -8.732  5.915   1.00 22.03 ? 91  THR A OG1 1 
ATOM   717 C CG2 . THR A 1 91 ? -3.972  -9.225  7.845   1.00 19.41 ? 91  THR A CG2 1 
ATOM   718 N N   . GLN A 1 92 ? -4.510  -10.357 3.326   1.00 23.38 ? 92  GLN A N   1 
ATOM   719 C CA  . GLN A 1 92 ? -5.209  -11.028 2.184   1.00 26.33 ? 92  GLN A CA  1 
ATOM   720 C C   . GLN A 1 92 ? -4.289  -11.939 1.381   1.00 29.07 ? 92  GLN A C   1 
ATOM   721 O O   . GLN A 1 92 ? -4.811  -12.869 0.723   1.00 32.60 ? 92  GLN A O   1 
ATOM   722 C CB  . GLN A 1 92 ? -5.807  -10.022 1.221   1.00 27.80 ? 92  GLN A CB  1 
ATOM   723 C CG  . GLN A 1 92 ? -6.924  -9.211  1.828   1.00 30.39 ? 92  GLN A CG  1 
ATOM   724 C CD  . GLN A 1 92 ? -7.714  -8.509  0.750   1.00 33.48 ? 92  GLN A CD  1 
ATOM   725 O OE1 . GLN A 1 92 ? -8.064  -9.093  -0.285  1.00 30.05 ? 92  GLN A OE1 1 
ATOM   726 N NE2 . GLN A 1 92 ? -8.005  -7.242  0.997   1.00 35.11 ? 92  GLN A NE2 1 
ATOM   727 N N   . ILE A 1 93 ? -2.991  -11.647 1.338   1.00 24.95 ? 93  ILE A N   1 
ATOM   728 C CA  . ILE A 1 93 ? -2.022  -12.472 0.580   1.00 26.50 ? 93  ILE A CA  1 
ATOM   729 C C   . ILE A 1 93 ? -1.357  -13.473 1.531   1.00 24.24 ? 93  ILE A C   1 
ATOM   730 O O   . ILE A 1 93 ? -0.475  -14.199 1.066   1.00 27.25 ? 93  ILE A O   1 
ATOM   731 C CB  . ILE A 1 93 ? -1.038  -11.572 -0.197  1.00 27.23 ? 93  ILE A CB  1 
ATOM   732 C CG1 . ILE A 1 93 ? -0.063  -10.812 0.710   1.00 27.14 ? 93  ILE A CG1 1 
ATOM   733 C CG2 . ILE A 1 93 ? -1.805  -10.615 -1.086  1.00 26.49 ? 93  ILE A CG2 1 
ATOM   734 C CD1 . ILE A 1 93 ? 0.991   -10.020 -0.048  1.00 28.58 ? 93  ILE A CD1 1 
ATOM   735 N N   . GLY A 1 94 ? -1.783  -13.535 2.800   1.00 25.66 ? 94  GLY A N   1 
ATOM   736 C CA  . GLY A 1 94 ? -1.329  -14.564 3.753   1.00 25.66 ? 94  GLY A CA  1 
ATOM   737 C C   . GLY A 1 94 ? 0.062   -14.244 4.290   1.00 26.61 ? 94  GLY A C   1 
ATOM   738 O O   . GLY A 1 94 ? 0.772   -15.161 4.694   1.00 27.02 ? 94  GLY A O   1 
ATOM   739 N N   . CYS A 1 95 ? 0.433   -12.966 4.355   1.00 24.55 ? 95  CYS A N   1 
ATOM   740 C CA  . CYS A 1 95 ? 1.790   -12.548 4.786   1.00 24.42 ? 95  CYS A CA  1 
ATOM   741 C C   . CYS A 1 95 ? 1.959   -12.644 6.313   1.00 24.68 ? 95  CYS A C   1 
ATOM   742 O O   . CYS A 1 95 ? 1.087   -12.129 7.060   1.00 25.86 ? 95  CYS A O   1 
ATOM   743 C CB  . CYS A 1 95 ? 2.054   -11.145 4.263   1.00 26.91 ? 95  CYS A CB  1 
ATOM   744 S SG  . CYS A 1 95 ? 3.791   -10.693 4.417   1.00 28.18 ? 95  CYS A SG  1 
ATOM   745 N N   . THR A 1 96 ? 3.048   -13.278 6.770   1.00 22.98 ? 96  THR A N   1 
ATOM   746 C CA  . THR A 1 96 ? 3.399   -13.465 8.199   1.00 22.19 ? 96  THR A CA  1 
ATOM   747 C C   . THR A 1 96 ? 4.834   -12.994 8.476   1.00 21.65 ? 96  THR A C   1 
ATOM   748 O O   . THR A 1 96 ? 5.664   -12.983 7.549   1.00 22.15 ? 96  THR A O   1 
ATOM   749 C CB  . THR A 1 96 ? 3.218   -14.919 8.679   1.00 23.65 ? 96  THR A CB  1 
ATOM   750 O OG1 . THR A 1 96 ? 4.072   -15.761 7.905   1.00 25.81 ? 96  THR A OG1 1 
ATOM   751 C CG2 . THR A 1 96 ? 1.794   -15.417 8.593   1.00 26.45 ? 96  THR A CG2 1 
ATOM   752 N N   . LEU A 1 97 ? 5.103   -12.598 9.717   1.00 21.71 ? 97  LEU A N   1 
ATOM   753 C CA  . LEU A 1 97 ? 6.474   -12.407 10.261  1.00 21.47 ? 97  LEU A CA  1 
ATOM   754 C C   . LEU A 1 97 ? 6.877   -13.688 10.999  1.00 22.37 ? 97  LEU A C   1 
ATOM   755 O O   . LEU A 1 97 ? 6.039   -14.271 11.660  1.00 26.76 ? 97  LEU A O   1 
ATOM   756 C CB  . LEU A 1 97 ? 6.475   -11.225 11.230  1.00 21.58 ? 97  LEU A CB  1 
ATOM   757 C CG  . LEU A 1 97 ? 6.392   -9.850  10.595  1.00 21.45 ? 97  LEU A CG  1 
ATOM   758 C CD1 . LEU A 1 97 ? 6.050   -8.815  11.655  1.00 21.38 ? 97  LEU A CD1 1 
ATOM   759 C CD2 . LEU A 1 97 ? 7.701   -9.521  9.900   1.00 21.27 ? 97  LEU A CD2 1 
ATOM   760 N N   . ASN A 1 98 ? 8.128   -14.095 10.883  1.00 25.81 ? 98  ASN A N   1 
ATOM   761 C CA  . ASN A 1 98 ? 8.641   -15.338 11.498  1.00 29.51 ? 98  ASN A CA  1 
ATOM   762 C C   . ASN A 1 98 ? 10.023  -15.041 12.067  1.00 28.47 ? 98  ASN A C   1 
ATOM   763 O O   . ASN A 1 98 ? 10.852  -14.491 11.333  1.00 26.46 ? 98  ASN A O   1 
ATOM   764 C CB  . ASN A 1 98 ? 8.733   -16.472 10.479  1.00 30.63 ? 98  ASN A CB  1 
ATOM   765 C CG  . ASN A 1 98 ? 7.488   -16.616 9.631   1.00 32.43 ? 98  ASN A CG  1 
ATOM   766 O OD1 . ASN A 1 98 ? 7.228   -15.804 8.736   1.00 39.69 ? 98  ASN A OD1 1 
ATOM   767 N ND2 . ASN A 1 98 ? 6.728   -17.668 9.874   1.00 37.16 ? 98  ASN A ND2 1 
ATOM   768 N N   . PHE A 1 99 ? 10.253  -15.384 13.328  1.00 32.97 ? 99  PHE A N   1 
ATOM   769 C CA  . PHE A 1 99 ? 11.613  -15.410 13.919  1.00 32.60 ? 99  PHE A CA  1 
ATOM   770 C C   . PHE A 1 99 ? 11.657  -16.433 15.059  1.00 36.78 ? 99  PHE A C   1 
ATOM   771 O O   . PHE A 1 99 ? 12.711  -16.655 15.659  1.00 36.31 ? 99  PHE A O   1 
ATOM   772 C CB  . PHE A 1 99 ? 12.020  -14.011 14.374  1.00 34.86 ? 99  PHE A CB  1 
ATOM   773 C CG  . PHE A 1 99 ? 11.219  -13.427 15.509  1.00 38.57 ? 99  PHE A CG  1 
ATOM   774 C CD1 . PHE A 1 99 ? 10.059  -12.708 15.264  1.00 36.66 ? 99  PHE A CD1 1 
ATOM   775 C CD2 . PHE A 1 99 ? 11.663  -13.536 16.820  1.00 40.82 ? 99  PHE A CD2 1 
ATOM   776 C CE1 . PHE A 1 99 ? 9.343   -12.138 16.306  1.00 37.67 ? 99  PHE A CE1 1 
ATOM   777 C CE2 . PHE A 1 99 ? 10.941  -12.972 17.862  1.00 40.98 ? 99  PHE A CE2 1 
ATOM   778 C CZ  . PHE A 1 99 ? 9.782   -12.272 17.602  1.00 39.99 ? 99  PHE A CZ  1 
ATOM   779 O OXT . PHE A 1 99 ? 10.635  -17.039 15.382  1.00 36.24 ? 99  PHE A OXT 1 
HETATM 780 C C1  . EDO B 2 .  ? -5.354  -4.292  -11.367 1.00 39.95 ? 101 EDO A C1  1 
HETATM 781 O O1  . EDO B 2 .  ? -4.353  -5.163  -10.895 1.00 34.40 ? 101 EDO A O1  1 
HETATM 782 C C2  . EDO B 2 .  ? -4.881  -3.388  -12.443 1.00 36.05 ? 101 EDO A C2  1 
HETATM 783 O O2  . EDO B 2 .  ? -4.863  -3.995  -13.708 1.00 47.38 ? 101 EDO A O2  1 
HETATM 784 C CAE . MJD C 3 .  ? 13.601  6.283   7.919   0.58 18.85 ? 102 MJD A CAE 1 
HETATM 785 C CAH . MJD C 3 .  ? 13.294  7.009   9.178   0.58 19.08 ? 102 MJD A CAH 1 
HETATM 786 C CAG . MJD C 3 .  ? 12.205  6.103   9.682   0.58 19.15 ? 102 MJD A CAG 1 
HETATM 787 C CAJ . MJD C 3 .  ? 12.771  4.699   9.967   0.58 18.40 ? 102 MJD A CAJ 1 
HETATM 788 O OAI . MJD C 3 .  ? 14.107  4.541   9.529   0.58 18.64 ? 102 MJD A OAI 1 
HETATM 789 C CAA . MJD C 3 .  ? 14.140  4.902   8.157   0.58 19.33 ? 102 MJD A CAA 1 
HETATM 790 O OAB . MJD C 3 .  ? 13.311  3.967   7.313   0.58 19.08 ? 102 MJD A OAB 1 
HETATM 791 C CAC . MJD C 3 .  ? 12.270  4.670   6.699   0.58 19.50 ? 102 MJD A CAC 1 
HETATM 792 C CAD . MJD C 3 .  ? 12.201  6.041   7.318   0.58 19.12 ? 102 MJD A CAD 1 
HETATM 793 C CAF . MJD C 3 .  ? 11.240  6.114   8.532   0.58 18.53 ? 102 MJD A CAF 1 
HETATM 794 O OAK . MJD C 3 .  ? 10.410  5.009   8.605   0.58 18.24 ? 102 MJD A OAK 1 
HETATM 795 C CAL . MJD C 3 .  ? 9.052   5.157   8.565   0.58 18.42 ? 102 MJD A CAL 1 
HETATM 796 O OAM . MJD C 3 .  ? 8.542   6.123   9.056   0.58 16.69 ? 102 MJD A OAM 1 
HETATM 797 N NAN . MJD C 3 .  ? 8.379   4.128   8.015   0.58 17.92 ? 102 MJD A NAN 1 
HETATM 798 C CAO . MJD C 3 .  ? 6.977   3.975   7.714   0.58 19.11 ? 102 MJD A CAO 1 
HETATM 799 C CAW . MJD C 3 .  ? 6.930   3.676   6.190   0.58 16.70 ? 102 MJD A CAW 1 
HETATM 800 C CBH . MJD C 3 .  ? 7.624   4.645   5.473   0.58 17.90 ? 102 MJD A CBH 1 
HETATM 801 C CBI . MJD C 3 .  ? 7.087   5.920   5.299   0.58 19.00 ? 102 MJD A CBI 1 
HETATM 802 C CBJ . MJD C 3 .  ? 7.788   6.897   4.565   0.58 19.89 ? 102 MJD A CBJ 1 
HETATM 803 F FBV . MJD C 3 .  ? 7.335   8.112   4.374   0.58 21.93 ? 102 MJD A FBV 1 
HETATM 804 C CBK . MJD C 3 .  ? 9.015   6.601   4.006   0.58 20.13 ? 102 MJD A CBK 1 
HETATM 805 C CBL . MJD C 3 .  ? 9.551   5.337   4.148   0.58 19.59 ? 102 MJD A CBL 1 
HETATM 806 F FBT . MJD C 3 .  ? 10.715  5.105   3.602   0.58 22.26 ? 102 MJD A FBT 1 
HETATM 807 C CBM . MJD C 3 .  ? 8.841   4.359   4.859   0.58 16.44 ? 102 MJD A CBM 1 
HETATM 808 C CAT . MJD C 3 .  ? 6.245   2.888   8.593   0.50 13.77 ? 102 MJD A CAT 1 
HETATM 809 O OBO . MJD C 3 .  ? 6.506   1.594   8.220   0.58 19.97 ? 102 MJD A OBO 1 
HETATM 810 C CAP . MJD C 3 .  ? 4.720   3.028   8.480   0.58 21.06 ? 102 MJD A CAP 1 
HETATM 811 N NAQ . MJD C 3 .  ? 4.348   4.236   9.140   0.58 20.93 ? 102 MJD A NAQ 1 
HETATM 812 C CBP . MJD C 3 .  ? 3.689   3.985   10.368  0.58 22.82 ? 102 MJD A CBP 1 
HETATM 813 C CBQ . MJD C 3 .  ? 4.657   3.984   11.553  0.58 24.74 ? 102 MJD A CBQ 1 
HETATM 814 C CBS . MJD C 3 .  ? 5.274   5.346   11.816  0.58 24.66 ? 102 MJD A CBS 1 
HETATM 815 C CBR . MJD C 3 .  ? 3.763   3.638   12.711  0.58 27.32 ? 102 MJD A CBR 1 
HETATM 816 S SAR . MJD C 3 .  ? 3.498   5.374   8.160   0.58 20.95 ? 102 MJD A SAR 1 
HETATM 817 O OAU . MJD C 3 .  ? 4.160   5.403   6.806   0.58 21.05 ? 102 MJD A OAU 1 
HETATM 818 O OAV . MJD C 3 .  ? 3.604   6.622   8.812   0.58 21.25 ? 102 MJD A OAV 1 
HETATM 819 C CAS . MJD C 3 .  ? 1.958   4.826   7.960   0.58 20.09 ? 102 MJD A CAS 1 
HETATM 820 C CAX . MJD C 3 .  ? 0.948   5.235   8.787   0.58 19.69 ? 102 MJD A CAX 1 
HETATM 821 C CBB . MJD C 3 .  ? 1.687   3.982   6.887   0.58 18.08 ? 102 MJD A CBB 1 
HETATM 822 C CBA . MJD C 3 .  ? 0.397   3.520   6.719   0.58 18.42 ? 102 MJD A CBA 1 
HETATM 823 C CAZ . MJD C 3 .  ? -0.535  3.923   7.545   0.58 18.40 ? 102 MJD A CAZ 1 
HETATM 824 N NBE . MJD C 3 .  ? -1.797  3.601   7.625   0.58 19.81 ? 102 MJD A NBE 1 
HETATM 825 C CAY . MJD C 3 .  ? -0.265  4.766   8.555   0.58 19.76 ? 102 MJD A CAY 1 
HETATM 826 O OBC . MJD C 3 .  ? -1.452  4.979   9.228   0.58 18.56 ? 102 MJD A OBC 1 
HETATM 827 C CBD . MJD C 3 .  ? -2.318  4.275   8.631   0.58 20.83 ? 102 MJD A CBD 1 
HETATM 828 N NBF . MJD C 3 .  ? -3.616  4.158   8.907   0.58 23.31 ? 102 MJD A NBF 1 
HETATM 829 C CBG . MJD C 3 .  ? -4.392  4.802   9.983   0.58 26.01 ? 102 MJD A CBG 1 
HETATM 830 C CBU . MJD C 3 .  ? -4.403  6.301   9.817   0.58 28.25 ? 102 MJD A CBU 1 
HETATM 831 C CBN . MJD C 3 .  ? -3.919  4.397   11.390  0.58 24.91 ? 102 MJD A CBN 1 
HETATM 832 O O   . HOH D 4 .  ? 4.215   4.738   -11.698 1.00 36.43 ? 201 HOH A O   1 
HETATM 833 O O   . HOH D 4 .  ? 5.942   7.774   8.747   0.50 17.61 ? 202 HOH A O   1 
HETATM 834 O O   . HOH D 4 .  ? -1.283  -12.253 8.150   1.00 26.35 ? 203 HOH A O   1 
HETATM 835 O O   . HOH D 4 .  ? -5.857  3.643   -13.461 1.00 28.29 ? 204 HOH A O   1 
HETATM 836 O O   . HOH D 4 .  ? -13.824 4.666   -3.829  1.00 39.05 ? 205 HOH A O   1 
HETATM 837 O O   . HOH D 4 .  ? -0.670  7.315   -12.777 1.00 35.29 ? 206 HOH A O   1 
HETATM 838 O O   . HOH D 4 .  ? -5.635  1.178   2.929   1.00 22.92 ? 207 HOH A O   1 
HETATM 839 O O   . HOH D 4 .  ? -6.755  -1.625  -10.082 1.00 24.77 ? 208 HOH A O   1 
HETATM 840 O O   . HOH D 4 .  ? 13.739  -7.596  1.732   1.00 24.73 ? 209 HOH A O   1 
HETATM 841 O O   . HOH D 4 .  ? 0.850   -2.237  11.891  1.00 17.73 ? 210 HOH A O   1 
HETATM 842 O O   . HOH D 4 .  ? 15.258  -4.081  -1.946  1.00 25.93 ? 211 HOH A O   1 
HETATM 843 O O   . HOH D 4 .  ? 21.202  -4.546  6.030   1.00 44.16 ? 212 HOH A O   1 
HETATM 844 O O   . HOH D 4 .  ? 0.825   0.531   12.553  1.00 20.24 ? 213 HOH A O   1 
HETATM 845 O O   . HOH D 4 .  ? 1.565   11.465  13.465  1.00 36.99 ? 214 HOH A O   1 
HETATM 846 O O   . HOH D 4 .  ? 7.458   4.209   -4.069  1.00 30.63 ? 215 HOH A O   1 
HETATM 847 O O   . HOH D 4 .  ? 1.972   5.389   -6.778  1.00 30.87 ? 216 HOH A O   1 
HETATM 848 O O   . HOH D 4 .  ? 2.867   11.684  -4.682  1.00 35.18 ? 217 HOH A O   1 
HETATM 849 O O   . HOH D 4 .  ? -5.312  -2.944  8.935   1.00 28.02 ? 218 HOH A O   1 
HETATM 850 O O   . HOH D 4 .  ? -0.550  13.910  -3.946  1.00 34.47 ? 219 HOH A O   1 
HETATM 851 O O   . HOH D 4 .  ? 17.338  -1.827  0.575   1.00 23.22 ? 220 HOH A O   1 
HETATM 852 O O   . HOH D 4 .  ? -12.188 -1.493  0.380   1.00 30.16 ? 221 HOH A O   1 
HETATM 853 O O   . HOH D 4 .  ? -9.719  -1.932  -9.233  1.00 37.10 ? 222 HOH A O   1 
HETATM 854 O O   . HOH D 4 .  ? -4.193  -14.331 -6.779  1.00 35.05 ? 223 HOH A O   1 
HETATM 855 O O   . HOH D 4 .  ? 2.864   0.775   -15.953 1.00 25.00 ? 224 HOH A O   1 
HETATM 856 O O   . HOH D 4 .  ? 7.044   2.457   -8.598  1.00 24.38 ? 225 HOH A O   1 
HETATM 857 O O   . HOH D 4 .  ? -1.098  16.635  2.674   1.00 37.43 ? 226 HOH A O   1 
HETATM 858 O O   . HOH D 4 .  ? -8.958  -2.653  2.915   1.00 22.97 ? 227 HOH A O   1 
HETATM 859 O O   . HOH D 4 .  ? 5.059   4.919   -7.940  1.00 33.41 ? 228 HOH A O   1 
HETATM 860 O O   . HOH D 4 .  ? 14.857  -12.240 0.608   1.00 28.52 ? 229 HOH A O   1 
HETATM 861 O O   . HOH D 4 .  ? 17.027  -9.372  2.099   1.00 36.10 ? 230 HOH A O   1 
HETATM 862 O O   . HOH D 4 .  ? 2.277   -8.398  -9.255  1.00 39.33 ? 231 HOH A O   1 
HETATM 863 O O   . HOH D 4 .  ? 13.512  -8.066  -0.875  1.00 32.53 ? 232 HOH A O   1 
HETATM 864 O O   . HOH D 4 .  ? -3.040  -14.772 -2.079  1.00 40.89 ? 233 HOH A O   1 
HETATM 865 O O   . HOH D 4 .  ? -14.570 6.911   5.024   1.00 36.49 ? 234 HOH A O   1 
# 
loop_
_pdbx_poly_seq_scheme.asym_id 
_pdbx_poly_seq_scheme.entity_id 
_pdbx_poly_seq_scheme.seq_id 
_pdbx_poly_seq_scheme.mon_id 
_pdbx_poly_seq_scheme.ndb_seq_num 
_pdbx_poly_seq_scheme.pdb_seq_num 
_pdbx_poly_seq_scheme.auth_seq_num 
_pdbx_poly_seq_scheme.pdb_mon_id 
_pdbx_poly_seq_scheme.auth_mon_id 
_pdbx_poly_seq_scheme.pdb_strand_id 
_pdbx_poly_seq_scheme.pdb_ins_code 
_pdbx_poly_seq_scheme.hetero 
A 1 1  PRO 1  1  1  PRO PRO A . n 
A 1 2  GLN 2  2  2  GLN GLN A . n 
A 1 3  ILE 3  3  3  ILE ILE A . n 
A 1 4  THR 4  4  4  THR THR A . n 
A 1 5  LEU 5  5  5  LEU LEU A . n 
A 1 6  TRP 6  6  6  TRP TRP A . n 
A 1 7  GLN 7  7  7  GLN GLN A . n 
A 1 8  ARG 8  8  8  ARG ARG A . n 
A 1 9  PRO 9  9  9  PRO PRO A . n 
A 1 10 LEU 10 10 10 LEU LEU A . n 
A 1 11 VAL 11 11 11 VAL VAL A . n 
A 1 12 THR 12 12 12 THR THR A . n 
A 1 13 ILE 13 13 13 ILE ILE A . n 
A 1 14 LYS 14 14 14 LYS LYS A . n 
A 1 15 ILE 15 15 15 ILE ILE A . n 
A 1 16 GLY 16 16 16 GLY GLY A . n 
A 1 17 GLY 17 17 17 GLY GLY A . n 
A 1 18 GLN 18 18 18 GLN GLN A . n 
A 1 19 LEU 19 19 19 LEU LEU A . n 
A 1 20 LYS 20 20 20 LYS LYS A . n 
A 1 21 GLU 21 21 21 GLU GLU A . n 
A 1 22 ALA 22 22 22 ALA ALA A . n 
A 1 23 LEU 23 23 23 LEU LEU A . n 
A 1 24 LEU 24 24 24 LEU LEU A . n 
A 1 25 ASP 25 25 25 ASP ASP A . n 
A 1 26 THR 26 26 26 THR THR A . n 
A 1 27 GLY 27 27 27 GLY GLY A . n 
A 1 28 ALA 28 28 28 ALA ALA A . n 
A 1 29 ASP 29 29 29 ASP ASP A . n 
A 1 30 ASP 30 30 30 ASP ASP A . n 
A 1 31 THR 31 31 31 THR THR A . n 
A 1 32 VAL 32 32 32 VAL VAL A . n 
A 1 33 LEU 33 33 33 LEU LEU A . n 
A 1 34 GLU 34 34 34 GLU GLU A . n 
A 1 35 GLU 35 35 35 GLU GLU A . n 
A 1 36 MET 36 36 36 MET MET A . n 
A 1 37 ASN 37 37 37 ASN ASN A . n 
A 1 38 LEU 38 38 38 LEU LEU A . n 
A 1 39 PRO 39 39 39 PRO PRO A . n 
A 1 40 GLY 40 40 40 GLY GLY A . n 
A 1 41 ARG 41 41 41 ARG ARG A . n 
A 1 42 TRP 42 42 42 TRP TRP A . n 
A 1 43 LYS 43 43 43 LYS LYS A . n 
A 1 44 PRO 44 44 44 PRO PRO A . n 
A 1 45 LYS 45 45 45 LYS LYS A . n 
A 1 46 MET 46 46 46 MET MET A . n 
A 1 47 ILE 47 47 47 ILE ILE A . n 
A 1 48 GLY 48 48 48 GLY GLY A . n 
A 1 49 GLY 49 49 49 GLY GLY A . n 
A 1 50 ILE 50 50 50 ILE ILE A . n 
A 1 51 GLY 51 51 51 GLY GLY A . n 
A 1 52 GLY 52 52 52 GLY GLY A . n 
A 1 53 PHE 53 53 53 PHE PHE A . n 
A 1 54 ILE 54 54 54 ILE ILE A . n 
A 1 55 LYS 55 55 55 LYS LYS A . n 
A 1 56 VAL 56 56 56 VAL VAL A . n 
A 1 57 ARG 57 57 57 ARG ARG A . n 
A 1 58 GLN 58 58 58 GLN GLN A . n 
A 1 59 TYR 59 59 59 TYR TYR A . n 
A 1 60 ASP 60 60 60 ASP ASP A . n 
A 1 61 GLN 61 61 61 GLN GLN A . n 
A 1 62 ILE 62 62 62 ILE ILE A . n 
A 1 63 LEU 63 63 63 LEU LEU A . n 
A 1 64 ILE 64 64 64 ILE ILE A . n 
A 1 65 GLU 65 65 65 GLU GLU A . n 
A 1 66 ILE 66 66 66 ILE ILE A . n 
A 1 67 CYS 67 67 67 CYS CYS A . n 
A 1 68 GLY 68 68 68 GLY GLY A . n 
A 1 69 HIS 69 69 69 HIS HIS A . n 
A 1 70 LYS 70 70 70 LYS LYS A . n 
A 1 71 ALA 71 71 71 ALA ALA A . n 
A 1 72 ILE 72 72 72 ILE ILE A . n 
A 1 73 GLY 73 73 73 GLY GLY A . n 
A 1 74 THR 74 74 74 THR THR A . n 
A 1 75 VAL 75 75 75 VAL VAL A . n 
A 1 76 LEU 76 76 76 LEU LEU A . n 
A 1 77 VAL 77 77 77 VAL VAL A . n 
A 1 78 GLY 78 78 78 GLY GLY A . n 
A 1 79 PRO 79 79 79 PRO PRO A . n 
A 1 80 THR 80 80 80 THR THR A . n 
A 1 81 PRO 81 81 81 PRO PRO A . n 
A 1 82 VAL 82 82 82 VAL VAL A . n 
A 1 83 ASN 83 83 83 ASN ASN A . n 
A 1 84 ILE 84 84 84 ILE ILE A . n 
A 1 85 ILE 85 85 85 ILE ILE A . n 
A 1 86 GLY 86 86 86 GLY GLY A . n 
A 1 87 ARG 87 87 87 ARG ARG A . n 
A 1 88 ASN 88 88 88 ASN ASN A . n 
A 1 89 LEU 89 89 89 LEU LEU A . n 
A 1 90 LEU 90 90 90 LEU LEU A . n 
A 1 91 THR 91 91 91 THR THR A . n 
A 1 92 GLN 92 92 92 GLN GLN A . n 
A 1 93 ILE 93 93 93 ILE ILE A . n 
A 1 94 GLY 94 94 94 GLY GLY A . n 
A 1 95 CYS 95 95 95 CYS CYS A . n 
A 1 96 THR 96 96 96 THR THR A . n 
A 1 97 LEU 97 97 97 LEU LEU A . n 
A 1 98 ASN 98 98 98 ASN ASN A . n 
A 1 99 PHE 99 99 99 PHE PHE A . n 
# 
loop_
_pdbx_nonpoly_scheme.asym_id 
_pdbx_nonpoly_scheme.entity_id 
_pdbx_nonpoly_scheme.mon_id 
_pdbx_nonpoly_scheme.ndb_seq_num 
_pdbx_nonpoly_scheme.pdb_seq_num 
_pdbx_nonpoly_scheme.auth_seq_num 
_pdbx_nonpoly_scheme.pdb_mon_id 
_pdbx_nonpoly_scheme.auth_mon_id 
_pdbx_nonpoly_scheme.pdb_strand_id 
_pdbx_nonpoly_scheme.pdb_ins_code 
B 2 EDO 1  101 2  EDO EDO A . 
C 3 MJD 1  102 1  MJD DRG A . 
D 4 HOH 1  201 35 HOH HOH A . 
D 4 HOH 2  202 8  HOH HOH A . 
D 4 HOH 3  203 17 HOH HOH A . 
D 4 HOH 4  204 9  HOH HOH A . 
D 4 HOH 5  205 29 HOH HOH A . 
D 4 HOH 6  206 13 HOH HOH A . 
D 4 HOH 7  207 10 HOH HOH A . 
D 4 HOH 8  208 12 HOH HOH A . 
D 4 HOH 9  209 18 HOH HOH A . 
D 4 HOH 10 210 2  HOH HOH A . 
D 4 HOH 11 211 14 HOH HOH A . 
D 4 HOH 12 212 39 HOH HOH A . 
D 4 HOH 13 213 5  HOH HOH A . 
D 4 HOH 14 214 36 HOH HOH A . 
D 4 HOH 15 215 7  HOH HOH A . 
D 4 HOH 16 216 31 HOH HOH A . 
D 4 HOH 17 217 32 HOH HOH A . 
D 4 HOH 18 218 15 HOH HOH A . 
D 4 HOH 19 219 30 HOH HOH A . 
D 4 HOH 20 220 3  HOH HOH A . 
D 4 HOH 21 221 20 HOH HOH A . 
D 4 HOH 22 222 22 HOH HOH A . 
D 4 HOH 23 223 23 HOH HOH A . 
D 4 HOH 24 224 1  HOH HOH A . 
D 4 HOH 25 225 6  HOH HOH A . 
D 4 HOH 26 226 40 HOH HOH A . 
D 4 HOH 27 227 11 HOH HOH A . 
D 4 HOH 28 228 25 HOH HOH A . 
D 4 HOH 29 229 41 HOH HOH A . 
D 4 HOH 30 230 24 HOH HOH A . 
D 4 HOH 31 231 38 HOH HOH A . 
D 4 HOH 32 232 27 HOH HOH A . 
D 4 HOH 33 233 37 HOH HOH A . 
D 4 HOH 34 234 26 HOH HOH A . 
# 
_pdbx_struct_assembly.id                   1 
_pdbx_struct_assembly.details              author_and_software_defined_assembly 
_pdbx_struct_assembly.method_details       PISA 
_pdbx_struct_assembly.oligomeric_details   dimeric 
_pdbx_struct_assembly.oligomeric_count     2 
# 
_pdbx_struct_assembly_gen.assembly_id       1 
_pdbx_struct_assembly_gen.oper_expression   1,2 
_pdbx_struct_assembly_gen.asym_id_list      A,B,C,D 
# 
loop_
_pdbx_struct_assembly_prop.biol_id 
_pdbx_struct_assembly_prop.type 
_pdbx_struct_assembly_prop.value 
_pdbx_struct_assembly_prop.details 
1 'ABSA (A^2)' 4080 ? 
1 MORE         -21  ? 
1 'SSA (A^2)'  9780 ? 
# 
loop_
_pdbx_struct_oper_list.id 
_pdbx_struct_oper_list.type 
_pdbx_struct_oper_list.name 
_pdbx_struct_oper_list.symmetry_operation 
_pdbx_struct_oper_list.matrix[1][1] 
_pdbx_struct_oper_list.matrix[1][2] 
_pdbx_struct_oper_list.matrix[1][3] 
_pdbx_struct_oper_list.vector[1] 
_pdbx_struct_oper_list.matrix[2][1] 
_pdbx_struct_oper_list.matrix[2][2] 
_pdbx_struct_oper_list.matrix[2][3] 
_pdbx_struct_oper_list.vector[2] 
_pdbx_struct_oper_list.matrix[3][1] 
_pdbx_struct_oper_list.matrix[3][2] 
_pdbx_struct_oper_list.matrix[3][3] 
_pdbx_struct_oper_list.vector[3] 
1 'identity operation'         1_555 x,y,z      1.0000000000  0.0000000000  0.0000000000  0.0000000000  0.0000000000  1.0000000000 0.0000000000 0.0000000000 0.0000000000  0.0000000000 1.0000000000  0.0000000000  
2 'crystal symmetry operation' 7_555 y,x,-z+1/3 -0.9899561789 -0.1412864082 -0.0049914635 12.9665840723 -0.1412864082 0.9874755784 0.0702149060 0.3227198516 -0.0049914635 0.0702149060 -0.9975193995 16.9565742382 
# 
loop_
_pdbx_struct_special_symmetry.id 
_pdbx_struct_special_symmetry.PDB_model_num 
_pdbx_struct_special_symmetry.auth_asym_id 
_pdbx_struct_special_symmetry.auth_comp_id 
_pdbx_struct_special_symmetry.auth_seq_id 
_pdbx_struct_special_symmetry.PDB_ins_code 
_pdbx_struct_special_symmetry.label_asym_id 
_pdbx_struct_special_symmetry.label_comp_id 
_pdbx_struct_special_symmetry.label_seq_id 
1 1 A MJD 102 ? C MJD . 
2 1 A HOH 202 ? D HOH . 
# 
loop_
_pdbx_audit_revision_history.ordinal 
_pdbx_audit_revision_history.data_content_type 
_pdbx_audit_revision_history.major_revision 
_pdbx_audit_revision_history.minor_revision 
_pdbx_audit_revision_history.revision_date 
1 'Structure model' 1 0 2020-04-08 
2 'Structure model' 1 1 2020-08-26 
3 'Structure model' 1 2 2021-04-28 
4 'Structure model' 1 3 2023-10-11 
# 
_pdbx_audit_revision_details.ordinal             1 
_pdbx_audit_revision_details.revision_ordinal    1 
_pdbx_audit_revision_details.data_content_type   'Structure model' 
_pdbx_audit_revision_details.provider            repository 
_pdbx_audit_revision_details.type                'Initial release' 
_pdbx_audit_revision_details.description         ? 
_pdbx_audit_revision_details.details             ? 
# 
loop_
_pdbx_audit_revision_group.ordinal 
_pdbx_audit_revision_group.revision_ordinal 
_pdbx_audit_revision_group.data_content_type 
_pdbx_audit_revision_group.group 
1 2 'Structure model' 'Database references'    
2 3 'Structure model' 'Data collection'        
3 4 'Structure model' 'Data collection'        
4 4 'Structure model' 'Database references'    
5 4 'Structure model' 'Refinement description' 
# 
loop_
_pdbx_audit_revision_category.ordinal 
_pdbx_audit_revision_category.revision_ordinal 
_pdbx_audit_revision_category.data_content_type 
_pdbx_audit_revision_category.category 
1 2 'Structure model' citation                      
2 2 'Structure model' citation_author               
3 3 'Structure model' diffrn_source                 
4 4 'Structure model' chem_comp_atom                
5 4 'Structure model' chem_comp_bond                
6 4 'Structure model' database_2                    
7 4 'Structure model' pdbx_initial_refinement_model 
# 
loop_
_pdbx_audit_revision_item.ordinal 
_pdbx_audit_revision_item.revision_ordinal 
_pdbx_audit_revision_item.data_content_type 
_pdbx_audit_revision_item.item 
1  2 'Structure model' '_citation.country'                        
2  2 'Structure model' '_citation.journal_abbrev'                 
3  2 'Structure model' '_citation.journal_id_CSD'                 
4  2 'Structure model' '_citation.journal_id_ISSN'                
5  2 'Structure model' '_citation.journal_volume'                 
6  2 'Structure model' '_citation.page_first'                     
7  2 'Structure model' '_citation.page_last'                      
8  2 'Structure model' '_citation.pdbx_database_id_DOI'           
9  2 'Structure model' '_citation.pdbx_database_id_PubMed'        
10 2 'Structure model' '_citation.title'                          
11 2 'Structure model' '_citation.year'                           
12 3 'Structure model' '_diffrn_source.pdbx_synchrotron_beamline' 
13 3 'Structure model' '_diffrn_source.type'                      
14 4 'Structure model' '_database_2.pdbx_DOI'                     
15 4 'Structure model' '_database_2.pdbx_database_accession'      
# 
loop_
_software.citation_id 
_software.classification 
_software.compiler_name 
_software.compiler_version 
_software.contact_author 
_software.contact_author_email 
_software.date 
_software.description 
_software.dependencies 
_software.hardware 
_software.language 
_software.location 
_software.mods 
_software.name 
_software.os 
_software.os_version 
_software.type 
_software.version 
_software.pdbx_ordinal 
? refinement       ? ? ? ? ? ? ? ? ? ? ? REFMAC ? ? ? 5.8.0238 1 
? 'data reduction' ? ? ? ? ? ? ? ? ? ? ? xia2   ? ? ? .        2 
? 'data scaling'   ? ? ? ? ? ? ? ? ? ? ? xia2   ? ? ? .        3 
? phasing          ? ? ? ? ? ? ? ? ? ? ? MOLREP ? ? ? .        4 
# 
_pdbx_validate_symm_contact.id                1 
_pdbx_validate_symm_contact.PDB_model_num     1 
_pdbx_validate_symm_contact.auth_atom_id_1    OD1 
_pdbx_validate_symm_contact.auth_asym_id_1    A 
_pdbx_validate_symm_contact.auth_comp_id_1    ASN 
_pdbx_validate_symm_contact.auth_seq_id_1     98 
_pdbx_validate_symm_contact.PDB_ins_code_1    ? 
_pdbx_validate_symm_contact.label_alt_id_1    ? 
_pdbx_validate_symm_contact.site_symmetry_1   1_555 
_pdbx_validate_symm_contact.auth_atom_id_2    OD1 
_pdbx_validate_symm_contact.auth_asym_id_2    A 
_pdbx_validate_symm_contact.auth_comp_id_2    ASN 
_pdbx_validate_symm_contact.auth_seq_id_2     98 
_pdbx_validate_symm_contact.PDB_ins_code_2    ? 
_pdbx_validate_symm_contact.label_alt_id_2    ? 
_pdbx_validate_symm_contact.site_symmetry_2   7_555 
_pdbx_validate_symm_contact.dist              1.82 
# 
_pdbx_validate_rmsd_bond.id                        1 
_pdbx_validate_rmsd_bond.PDB_model_num             1 
_pdbx_validate_rmsd_bond.auth_atom_id_1            C 
_pdbx_validate_rmsd_bond.auth_asym_id_1            A 
_pdbx_validate_rmsd_bond.auth_comp_id_1            LYS 
_pdbx_validate_rmsd_bond.auth_seq_id_1             45 
_pdbx_validate_rmsd_bond.PDB_ins_code_1            ? 
_pdbx_validate_rmsd_bond.label_alt_id_1            ? 
_pdbx_validate_rmsd_bond.auth_atom_id_2            N 
_pdbx_validate_rmsd_bond.auth_asym_id_2            A 
_pdbx_validate_rmsd_bond.auth_comp_id_2            MET 
_pdbx_validate_rmsd_bond.auth_seq_id_2             46 
_pdbx_validate_rmsd_bond.PDB_ins_code_2            ? 
_pdbx_validate_rmsd_bond.label_alt_id_2            ? 
_pdbx_validate_rmsd_bond.bond_value                1.184 
_pdbx_validate_rmsd_bond.bond_target_value         1.336 
_pdbx_validate_rmsd_bond.bond_deviation            -0.152 
_pdbx_validate_rmsd_bond.bond_standard_deviation   0.023 
_pdbx_validate_rmsd_bond.linker_flag               Y 
# 
_pdbx_validate_torsion.id              1 
_pdbx_validate_torsion.PDB_model_num   1 
_pdbx_validate_torsion.auth_comp_id    ILE 
_pdbx_validate_torsion.auth_asym_id    A 
_pdbx_validate_torsion.auth_seq_id     50 
_pdbx_validate_torsion.PDB_ins_code    ? 
_pdbx_validate_torsion.label_alt_id    B 
_pdbx_validate_torsion.phi             -67.52 
_pdbx_validate_torsion.psi             94.30 
# 
_pdbx_validate_peptide_omega.id               1 
_pdbx_validate_peptide_omega.PDB_model_num    1 
_pdbx_validate_peptide_omega.auth_comp_id_1   ILE 
_pdbx_validate_peptide_omega.auth_asym_id_1   A 
_pdbx_validate_peptide_omega.auth_seq_id_1    50 
_pdbx_validate_peptide_omega.PDB_ins_code_1   ? 
_pdbx_validate_peptide_omega.label_alt_id_1   B 
_pdbx_validate_peptide_omega.auth_comp_id_2   GLY 
_pdbx_validate_peptide_omega.auth_asym_id_2   A 
_pdbx_validate_peptide_omega.auth_seq_id_2    51 
_pdbx_validate_peptide_omega.PDB_ins_code_2   ? 
_pdbx_validate_peptide_omega.label_alt_id_2   ? 
_pdbx_validate_peptide_omega.omega            148.33 
# 
_pdbx_validate_main_chain_plane.id                       1 
_pdbx_validate_main_chain_plane.PDB_model_num            1 
_pdbx_validate_main_chain_plane.auth_comp_id             ILE 
_pdbx_validate_main_chain_plane.auth_asym_id             A 
_pdbx_validate_main_chain_plane.auth_seq_id              50 
_pdbx_validate_main_chain_plane.PDB_ins_code             ? 
_pdbx_validate_main_chain_plane.label_alt_id             B 
_pdbx_validate_main_chain_plane.improper_torsion_angle   10.57 
# 
_pdbx_validate_polymer_linkage.id               1 
_pdbx_validate_polymer_linkage.PDB_model_num    1 
_pdbx_validate_polymer_linkage.auth_atom_id_1   C 
_pdbx_validate_polymer_linkage.auth_asym_id_1   A 
_pdbx_validate_polymer_linkage.auth_comp_id_1   LYS 
_pdbx_validate_polymer_linkage.auth_seq_id_1    45 
_pdbx_validate_polymer_linkage.PDB_ins_code_1   ? 
_pdbx_validate_polymer_linkage.label_alt_id_1   ? 
_pdbx_validate_polymer_linkage.auth_atom_id_2   N 
_pdbx_validate_polymer_linkage.auth_asym_id_2   A 
_pdbx_validate_polymer_linkage.auth_comp_id_2   MET 
_pdbx_validate_polymer_linkage.auth_seq_id_2    46 
_pdbx_validate_polymer_linkage.PDB_ins_code_2   ? 
_pdbx_validate_polymer_linkage.label_alt_id_2   ? 
_pdbx_validate_polymer_linkage.dist             1.18 
# 
loop_
_chem_comp_atom.comp_id 
_chem_comp_atom.atom_id 
_chem_comp_atom.type_symbol 
_chem_comp_atom.pdbx_aromatic_flag 
_chem_comp_atom.pdbx_stereo_config 
_chem_comp_atom.pdbx_ordinal 
ALA N    N N N 1   
ALA CA   C N S 2   
ALA C    C N N 3   
ALA O    O N N 4   
ALA CB   C N N 5   
ALA OXT  O N N 6   
ALA H    H N N 7   
ALA H2   H N N 8   
ALA HA   H N N 9   
ALA HB1  H N N 10  
ALA HB2  H N N 11  
ALA HB3  H N N 12  
ALA HXT  H N N 13  
ARG N    N N N 14  
ARG CA   C N S 15  
ARG C    C N N 16  
ARG O    O N N 17  
ARG CB   C N N 18  
ARG CG   C N N 19  
ARG CD   C N N 20  
ARG NE   N N N 21  
ARG CZ   C N N 22  
ARG NH1  N N N 23  
ARG NH2  N N N 24  
ARG OXT  O N N 25  
ARG H    H N N 26  
ARG H2   H N N 27  
ARG HA   H N N 28  
ARG HB2  H N N 29  
ARG HB3  H N N 30  
ARG HG2  H N N 31  
ARG HG3  H N N 32  
ARG HD2  H N N 33  
ARG HD3  H N N 34  
ARG HE   H N N 35  
ARG HH11 H N N 36  
ARG HH12 H N N 37  
ARG HH21 H N N 38  
ARG HH22 H N N 39  
ARG HXT  H N N 40  
ASN N    N N N 41  
ASN CA   C N S 42  
ASN C    C N N 43  
ASN O    O N N 44  
ASN CB   C N N 45  
ASN CG   C N N 46  
ASN OD1  O N N 47  
ASN ND2  N N N 48  
ASN OXT  O N N 49  
ASN H    H N N 50  
ASN H2   H N N 51  
ASN HA   H N N 52  
ASN HB2  H N N 53  
ASN HB3  H N N 54  
ASN HD21 H N N 55  
ASN HD22 H N N 56  
ASN HXT  H N N 57  
ASP N    N N N 58  
ASP CA   C N S 59  
ASP C    C N N 60  
ASP O    O N N 61  
ASP CB   C N N 62  
ASP CG   C N N 63  
ASP OD1  O N N 64  
ASP OD2  O N N 65  
ASP OXT  O N N 66  
ASP H    H N N 67  
ASP H2   H N N 68  
ASP HA   H N N 69  
ASP HB2  H N N 70  
ASP HB3  H N N 71  
ASP HD2  H N N 72  
ASP HXT  H N N 73  
CYS N    N N N 74  
CYS CA   C N R 75  
CYS C    C N N 76  
CYS O    O N N 77  
CYS CB   C N N 78  
CYS SG   S N N 79  
CYS OXT  O N N 80  
CYS H    H N N 81  
CYS H2   H N N 82  
CYS HA   H N N 83  
CYS HB2  H N N 84  
CYS HB3  H N N 85  
CYS HG   H N N 86  
CYS HXT  H N N 87  
EDO C1   C N N 88  
EDO O1   O N N 89  
EDO C2   C N N 90  
EDO O2   O N N 91  
EDO H11  H N N 92  
EDO H12  H N N 93  
EDO HO1  H N N 94  
EDO H21  H N N 95  
EDO H22  H N N 96  
EDO HO2  H N N 97  
GLN N    N N N 98  
GLN CA   C N S 99  
GLN C    C N N 100 
GLN O    O N N 101 
GLN CB   C N N 102 
GLN CG   C N N 103 
GLN CD   C N N 104 
GLN OE1  O N N 105 
GLN NE2  N N N 106 
GLN OXT  O N N 107 
GLN H    H N N 108 
GLN H2   H N N 109 
GLN HA   H N N 110 
GLN HB2  H N N 111 
GLN HB3  H N N 112 
GLN HG2  H N N 113 
GLN HG3  H N N 114 
GLN HE21 H N N 115 
GLN HE22 H N N 116 
GLN HXT  H N N 117 
GLU N    N N N 118 
GLU CA   C N S 119 
GLU C    C N N 120 
GLU O    O N N 121 
GLU CB   C N N 122 
GLU CG   C N N 123 
GLU CD   C N N 124 
GLU OE1  O N N 125 
GLU OE2  O N N 126 
GLU OXT  O N N 127 
GLU H    H N N 128 
GLU H2   H N N 129 
GLU HA   H N N 130 
GLU HB2  H N N 131 
GLU HB3  H N N 132 
GLU HG2  H N N 133 
GLU HG3  H N N 134 
GLU HE2  H N N 135 
GLU HXT  H N N 136 
GLY N    N N N 137 
GLY CA   C N N 138 
GLY C    C N N 139 
GLY O    O N N 140 
GLY OXT  O N N 141 
GLY H    H N N 142 
GLY H2   H N N 143 
GLY HA2  H N N 144 
GLY HA3  H N N 145 
GLY HXT  H N N 146 
HIS N    N N N 147 
HIS CA   C N S 148 
HIS C    C N N 149 
HIS O    O N N 150 
HIS CB   C N N 151 
HIS CG   C Y N 152 
HIS ND1  N Y N 153 
HIS CD2  C Y N 154 
HIS CE1  C Y N 155 
HIS NE2  N Y N 156 
HIS OXT  O N N 157 
HIS H    H N N 158 
HIS H2   H N N 159 
HIS HA   H N N 160 
HIS HB2  H N N 161 
HIS HB3  H N N 162 
HIS HD1  H N N 163 
HIS HD2  H N N 164 
HIS HE1  H N N 165 
HIS HE2  H N N 166 
HIS HXT  H N N 167 
HOH O    O N N 168 
HOH H1   H N N 169 
HOH H2   H N N 170 
ILE N    N N N 171 
ILE CA   C N S 172 
ILE C    C N N 173 
ILE O    O N N 174 
ILE CB   C N S 175 
ILE CG1  C N N 176 
ILE CG2  C N N 177 
ILE CD1  C N N 178 
ILE OXT  O N N 179 
ILE H    H N N 180 
ILE H2   H N N 181 
ILE HA   H N N 182 
ILE HB   H N N 183 
ILE HG12 H N N 184 
ILE HG13 H N N 185 
ILE HG21 H N N 186 
ILE HG22 H N N 187 
ILE HG23 H N N 188 
ILE HD11 H N N 189 
ILE HD12 H N N 190 
ILE HD13 H N N 191 
ILE HXT  H N N 192 
LEU N    N N N 193 
LEU CA   C N S 194 
LEU C    C N N 195 
LEU O    O N N 196 
LEU CB   C N N 197 
LEU CG   C N N 198 
LEU CD1  C N N 199 
LEU CD2  C N N 200 
LEU OXT  O N N 201 
LEU H    H N N 202 
LEU H2   H N N 203 
LEU HA   H N N 204 
LEU HB2  H N N 205 
LEU HB3  H N N 206 
LEU HG   H N N 207 
LEU HD11 H N N 208 
LEU HD12 H N N 209 
LEU HD13 H N N 210 
LEU HD21 H N N 211 
LEU HD22 H N N 212 
LEU HD23 H N N 213 
LEU HXT  H N N 214 
LYS N    N N N 215 
LYS CA   C N S 216 
LYS C    C N N 217 
LYS O    O N N 218 
LYS CB   C N N 219 
LYS CG   C N N 220 
LYS CD   C N N 221 
LYS CE   C N N 222 
LYS NZ   N N N 223 
LYS OXT  O N N 224 
LYS H    H N N 225 
LYS H2   H N N 226 
LYS HA   H N N 227 
LYS HB2  H N N 228 
LYS HB3  H N N 229 
LYS HG2  H N N 230 
LYS HG3  H N N 231 
LYS HD2  H N N 232 
LYS HD3  H N N 233 
LYS HE2  H N N 234 
LYS HE3  H N N 235 
LYS HZ1  H N N 236 
LYS HZ2  H N N 237 
LYS HZ3  H N N 238 
LYS HXT  H N N 239 
MET N    N N N 240 
MET CA   C N S 241 
MET C    C N N 242 
MET O    O N N 243 
MET CB   C N N 244 
MET CG   C N N 245 
MET SD   S N N 246 
MET CE   C N N 247 
MET OXT  O N N 248 
MET H    H N N 249 
MET H2   H N N 250 
MET HA   H N N 251 
MET HB2  H N N 252 
MET HB3  H N N 253 
MET HG2  H N N 254 
MET HG3  H N N 255 
MET HE1  H N N 256 
MET HE2  H N N 257 
MET HE3  H N N 258 
MET HXT  H N N 259 
MJD CAE  C N R 260 
MJD CAH  C N N 261 
MJD CAG  C N R 262 
MJD CAJ  C N N 263 
MJD OAI  O N N 264 
MJD CAA  C N R 265 
MJD OAB  O N N 266 
MJD CAC  C N N 267 
MJD CAD  C N S 268 
MJD CAF  C N S 269 
MJD OAK  O N N 270 
MJD CAL  C N N 271 
MJD OAM  O N N 272 
MJD NAN  N N N 273 
MJD CAO  C N S 274 
MJD CAW  C N N 275 
MJD CBH  C Y N 276 
MJD CBI  C Y N 277 
MJD CBJ  C Y N 278 
MJD FBV  F N N 279 
MJD CBK  C Y N 280 
MJD CBL  C Y N 281 
MJD FBT  F N N 282 
MJD CBM  C Y N 283 
MJD CAT  C N R 284 
MJD OBO  O N N 285 
MJD CAP  C N N 286 
MJD NAQ  N N N 287 
MJD CBP  C N N 288 
MJD CBQ  C N N 289 
MJD CBS  C N N 290 
MJD CBR  C N N 291 
MJD SAR  S N N 292 
MJD OAU  O N N 293 
MJD OAV  O N N 294 
MJD CAS  C Y N 295 
MJD CAX  C Y N 296 
MJD CBB  C Y N 297 
MJD CBA  C Y N 298 
MJD CAZ  C Y N 299 
MJD NBE  N Y N 300 
MJD CAY  C Y N 301 
MJD OBC  O Y N 302 
MJD CBD  C Y N 303 
MJD NBF  N N N 304 
MJD CBG  C N N 305 
MJD CBU  C N N 306 
MJD CBN  C N N 307 
MJD H1   H N N 308 
MJD H2   H N N 309 
MJD H3   H N N 310 
MJD H4   H N N 311 
MJD H5   H N N 312 
MJD H6   H N N 313 
MJD H7   H N N 314 
MJD H8   H N N 315 
MJD H9   H N N 316 
MJD H10  H N N 317 
MJD H11  H N N 318 
MJD H12  H N N 319 
MJD H13  H N N 320 
MJD H14  H N N 321 
MJD H15  H N N 322 
MJD H16  H N N 323 
MJD H17  H N N 324 
MJD H18  H N N 325 
MJD H19  H N N 326 
MJD H20  H N N 327 
MJD H21  H N N 328 
MJD H22  H N N 329 
MJD H23  H N N 330 
MJD H24  H N N 331 
MJD H25  H N N 332 
MJD H26  H N N 333 
MJD H27  H N N 334 
MJD H28  H N N 335 
MJD H29  H N N 336 
MJD H30  H N N 337 
MJD H31  H N N 338 
MJD H32  H N N 339 
MJD H33  H N N 340 
MJD H34  H N N 341 
MJD H35  H N N 342 
MJD H36  H N N 343 
MJD H37  H N N 344 
MJD H38  H N N 345 
MJD H39  H N N 346 
MJD H40  H N N 347 
MJD H41  H N N 348 
MJD H42  H N N 349 
PHE N    N N N 350 
PHE CA   C N S 351 
PHE C    C N N 352 
PHE O    O N N 353 
PHE CB   C N N 354 
PHE CG   C Y N 355 
PHE CD1  C Y N 356 
PHE CD2  C Y N 357 
PHE CE1  C Y N 358 
PHE CE2  C Y N 359 
PHE CZ   C Y N 360 
PHE OXT  O N N 361 
PHE H    H N N 362 
PHE H2   H N N 363 
PHE HA   H N N 364 
PHE HB2  H N N 365 
PHE HB3  H N N 366 
PHE HD1  H N N 367 
PHE HD2  H N N 368 
PHE HE1  H N N 369 
PHE HE2  H N N 370 
PHE HZ   H N N 371 
PHE HXT  H N N 372 
PRO N    N N N 373 
PRO CA   C N S 374 
PRO C    C N N 375 
PRO O    O N N 376 
PRO CB   C N N 377 
PRO CG   C N N 378 
PRO CD   C N N 379 
PRO OXT  O N N 380 
PRO H    H N N 381 
PRO HA   H N N 382 
PRO HB2  H N N 383 
PRO HB3  H N N 384 
PRO HG2  H N N 385 
PRO HG3  H N N 386 
PRO HD2  H N N 387 
PRO HD3  H N N 388 
PRO HXT  H N N 389 
THR N    N N N 390 
THR CA   C N S 391 
THR C    C N N 392 
THR O    O N N 393 
THR CB   C N R 394 
THR OG1  O N N 395 
THR CG2  C N N 396 
THR OXT  O N N 397 
THR H    H N N 398 
THR H2   H N N 399 
THR HA   H N N 400 
THR HB   H N N 401 
THR HG1  H N N 402 
THR HG21 H N N 403 
THR HG22 H N N 404 
THR HG23 H N N 405 
THR HXT  H N N 406 
TRP N    N N N 407 
TRP CA   C N S 408 
TRP C    C N N 409 
TRP O    O N N 410 
TRP CB   C N N 411 
TRP CG   C Y N 412 
TRP CD1  C Y N 413 
TRP CD2  C Y N 414 
TRP NE1  N Y N 415 
TRP CE2  C Y N 416 
TRP CE3  C Y N 417 
TRP CZ2  C Y N 418 
TRP CZ3  C Y N 419 
TRP CH2  C Y N 420 
TRP OXT  O N N 421 
TRP H    H N N 422 
TRP H2   H N N 423 
TRP HA   H N N 424 
TRP HB2  H N N 425 
TRP HB3  H N N 426 
TRP HD1  H N N 427 
TRP HE1  H N N 428 
TRP HE3  H N N 429 
TRP HZ2  H N N 430 
TRP HZ3  H N N 431 
TRP HH2  H N N 432 
TRP HXT  H N N 433 
TYR N    N N N 434 
TYR CA   C N S 435 
TYR C    C N N 436 
TYR O    O N N 437 
TYR CB   C N N 438 
TYR CG   C Y N 439 
TYR CD1  C Y N 440 
TYR CD2  C Y N 441 
TYR CE1  C Y N 442 
TYR CE2  C Y N 443 
TYR CZ   C Y N 444 
TYR OH   O N N 445 
TYR OXT  O N N 446 
TYR H    H N N 447 
TYR H2   H N N 448 
TYR HA   H N N 449 
TYR HB2  H N N 450 
TYR HB3  H N N 451 
TYR HD1  H N N 452 
TYR HD2  H N N 453 
TYR HE1  H N N 454 
TYR HE2  H N N 455 
TYR HH   H N N 456 
TYR HXT  H N N 457 
VAL N    N N N 458 
VAL CA   C N S 459 
VAL C    C N N 460 
VAL O    O N N 461 
VAL CB   C N N 462 
VAL CG1  C N N 463 
VAL CG2  C N N 464 
VAL OXT  O N N 465 
VAL H    H N N 466 
VAL H2   H N N 467 
VAL HA   H N N 468 
VAL HB   H N N 469 
VAL HG11 H N N 470 
VAL HG12 H N N 471 
VAL HG13 H N N 472 
VAL HG21 H N N 473 
VAL HG22 H N N 474 
VAL HG23 H N N 475 
VAL HXT  H N N 476 
# 
loop_
_chem_comp_bond.comp_id 
_chem_comp_bond.atom_id_1 
_chem_comp_bond.atom_id_2 
_chem_comp_bond.value_order 
_chem_comp_bond.pdbx_aromatic_flag 
_chem_comp_bond.pdbx_stereo_config 
_chem_comp_bond.pdbx_ordinal 
ALA N   CA   sing N N 1   
ALA N   H    sing N N 2   
ALA N   H2   sing N N 3   
ALA CA  C    sing N N 4   
ALA CA  CB   sing N N 5   
ALA CA  HA   sing N N 6   
ALA C   O    doub N N 7   
ALA C   OXT  sing N N 8   
ALA CB  HB1  sing N N 9   
ALA CB  HB2  sing N N 10  
ALA CB  HB3  sing N N 11  
ALA OXT HXT  sing N N 12  
ARG N   CA   sing N N 13  
ARG N   H    sing N N 14  
ARG N   H2   sing N N 15  
ARG CA  C    sing N N 16  
ARG CA  CB   sing N N 17  
ARG CA  HA   sing N N 18  
ARG C   O    doub N N 19  
ARG C   OXT  sing N N 20  
ARG CB  CG   sing N N 21  
ARG CB  HB2  sing N N 22  
ARG CB  HB3  sing N N 23  
ARG CG  CD   sing N N 24  
ARG CG  HG2  sing N N 25  
ARG CG  HG3  sing N N 26  
ARG CD  NE   sing N N 27  
ARG CD  HD2  sing N N 28  
ARG CD  HD3  sing N N 29  
ARG NE  CZ   sing N N 30  
ARG NE  HE   sing N N 31  
ARG CZ  NH1  sing N N 32  
ARG CZ  NH2  doub N N 33  
ARG NH1 HH11 sing N N 34  
ARG NH1 HH12 sing N N 35  
ARG NH2 HH21 sing N N 36  
ARG NH2 HH22 sing N N 37  
ARG OXT HXT  sing N N 38  
ASN N   CA   sing N N 39  
ASN N   H    sing N N 40  
ASN N   H2   sing N N 41  
ASN CA  C    sing N N 42  
ASN CA  CB   sing N N 43  
ASN CA  HA   sing N N 44  
ASN C   O    doub N N 45  
ASN C   OXT  sing N N 46  
ASN CB  CG   sing N N 47  
ASN CB  HB2  sing N N 48  
ASN CB  HB3  sing N N 49  
ASN CG  OD1  doub N N 50  
ASN CG  ND2  sing N N 51  
ASN ND2 HD21 sing N N 52  
ASN ND2 HD22 sing N N 53  
ASN OXT HXT  sing N N 54  
ASP N   CA   sing N N 55  
ASP N   H    sing N N 56  
ASP N   H2   sing N N 57  
ASP CA  C    sing N N 58  
ASP CA  CB   sing N N 59  
ASP CA  HA   sing N N 60  
ASP C   O    doub N N 61  
ASP C   OXT  sing N N 62  
ASP CB  CG   sing N N 63  
ASP CB  HB2  sing N N 64  
ASP CB  HB3  sing N N 65  
ASP CG  OD1  doub N N 66  
ASP CG  OD2  sing N N 67  
ASP OD2 HD2  sing N N 68  
ASP OXT HXT  sing N N 69  
CYS N   CA   sing N N 70  
CYS N   H    sing N N 71  
CYS N   H2   sing N N 72  
CYS CA  C    sing N N 73  
CYS CA  CB   sing N N 74  
CYS CA  HA   sing N N 75  
CYS C   O    doub N N 76  
CYS C   OXT  sing N N 77  
CYS CB  SG   sing N N 78  
CYS CB  HB2  sing N N 79  
CYS CB  HB3  sing N N 80  
CYS SG  HG   sing N N 81  
CYS OXT HXT  sing N N 82  
EDO C1  O1   sing N N 83  
EDO C1  C2   sing N N 84  
EDO C1  H11  sing N N 85  
EDO C1  H12  sing N N 86  
EDO O1  HO1  sing N N 87  
EDO C2  O2   sing N N 88  
EDO C2  H21  sing N N 89  
EDO C2  H22  sing N N 90  
EDO O2  HO2  sing N N 91  
GLN N   CA   sing N N 92  
GLN N   H    sing N N 93  
GLN N   H2   sing N N 94  
GLN CA  C    sing N N 95  
GLN CA  CB   sing N N 96  
GLN CA  HA   sing N N 97  
GLN C   O    doub N N 98  
GLN C   OXT  sing N N 99  
GLN CB  CG   sing N N 100 
GLN CB  HB2  sing N N 101 
GLN CB  HB3  sing N N 102 
GLN CG  CD   sing N N 103 
GLN CG  HG2  sing N N 104 
GLN CG  HG3  sing N N 105 
GLN CD  OE1  doub N N 106 
GLN CD  NE2  sing N N 107 
GLN NE2 HE21 sing N N 108 
GLN NE2 HE22 sing N N 109 
GLN OXT HXT  sing N N 110 
GLU N   CA   sing N N 111 
GLU N   H    sing N N 112 
GLU N   H2   sing N N 113 
GLU CA  C    sing N N 114 
GLU CA  CB   sing N N 115 
GLU CA  HA   sing N N 116 
GLU C   O    doub N N 117 
GLU C   OXT  sing N N 118 
GLU CB  CG   sing N N 119 
GLU CB  HB2  sing N N 120 
GLU CB  HB3  sing N N 121 
GLU CG  CD   sing N N 122 
GLU CG  HG2  sing N N 123 
GLU CG  HG3  sing N N 124 
GLU CD  OE1  doub N N 125 
GLU CD  OE2  sing N N 126 
GLU OE2 HE2  sing N N 127 
GLU OXT HXT  sing N N 128 
GLY N   CA   sing N N 129 
GLY N   H    sing N N 130 
GLY N   H2   sing N N 131 
GLY CA  C    sing N N 132 
GLY CA  HA2  sing N N 133 
GLY CA  HA3  sing N N 134 
GLY C   O    doub N N 135 
GLY C   OXT  sing N N 136 
GLY OXT HXT  sing N N 137 
HIS N   CA   sing N N 138 
HIS N   H    sing N N 139 
HIS N   H2   sing N N 140 
HIS CA  C    sing N N 141 
HIS CA  CB   sing N N 142 
HIS CA  HA   sing N N 143 
HIS C   O    doub N N 144 
HIS C   OXT  sing N N 145 
HIS CB  CG   sing N N 146 
HIS CB  HB2  sing N N 147 
HIS CB  HB3  sing N N 148 
HIS CG  ND1  sing Y N 149 
HIS CG  CD2  doub Y N 150 
HIS ND1 CE1  doub Y N 151 
HIS ND1 HD1  sing N N 152 
HIS CD2 NE2  sing Y N 153 
HIS CD2 HD2  sing N N 154 
HIS CE1 NE2  sing Y N 155 
HIS CE1 HE1  sing N N 156 
HIS NE2 HE2  sing N N 157 
HIS OXT HXT  sing N N 158 
HOH O   H1   sing N N 159 
HOH O   H2   sing N N 160 
ILE N   CA   sing N N 161 
ILE N   H    sing N N 162 
ILE N   H2   sing N N 163 
ILE CA  C    sing N N 164 
ILE CA  CB   sing N N 165 
ILE CA  HA   sing N N 166 
ILE C   O    doub N N 167 
ILE C   OXT  sing N N 168 
ILE CB  CG1  sing N N 169 
ILE CB  CG2  sing N N 170 
ILE CB  HB   sing N N 171 
ILE CG1 CD1  sing N N 172 
ILE CG1 HG12 sing N N 173 
ILE CG1 HG13 sing N N 174 
ILE CG2 HG21 sing N N 175 
ILE CG2 HG22 sing N N 176 
ILE CG2 HG23 sing N N 177 
ILE CD1 HD11 sing N N 178 
ILE CD1 HD12 sing N N 179 
ILE CD1 HD13 sing N N 180 
ILE OXT HXT  sing N N 181 
LEU N   CA   sing N N 182 
LEU N   H    sing N N 183 
LEU N   H2   sing N N 184 
LEU CA  C    sing N N 185 
LEU CA  CB   sing N N 186 
LEU CA  HA   sing N N 187 
LEU C   O    doub N N 188 
LEU C   OXT  sing N N 189 
LEU CB  CG   sing N N 190 
LEU CB  HB2  sing N N 191 
LEU CB  HB3  sing N N 192 
LEU CG  CD1  sing N N 193 
LEU CG  CD2  sing N N 194 
LEU CG  HG   sing N N 195 
LEU CD1 HD11 sing N N 196 
LEU CD1 HD12 sing N N 197 
LEU CD1 HD13 sing N N 198 
LEU CD2 HD21 sing N N 199 
LEU CD2 HD22 sing N N 200 
LEU CD2 HD23 sing N N 201 
LEU OXT HXT  sing N N 202 
LYS N   CA   sing N N 203 
LYS N   H    sing N N 204 
LYS N   H2   sing N N 205 
LYS CA  C    sing N N 206 
LYS CA  CB   sing N N 207 
LYS CA  HA   sing N N 208 
LYS C   O    doub N N 209 
LYS C   OXT  sing N N 210 
LYS CB  CG   sing N N 211 
LYS CB  HB2  sing N N 212 
LYS CB  HB3  sing N N 213 
LYS CG  CD   sing N N 214 
LYS CG  HG2  sing N N 215 
LYS CG  HG3  sing N N 216 
LYS CD  CE   sing N N 217 
LYS CD  HD2  sing N N 218 
LYS CD  HD3  sing N N 219 
LYS CE  NZ   sing N N 220 
LYS CE  HE2  sing N N 221 
LYS CE  HE3  sing N N 222 
LYS NZ  HZ1  sing N N 223 
LYS NZ  HZ2  sing N N 224 
LYS NZ  HZ3  sing N N 225 
LYS OXT HXT  sing N N 226 
MET N   CA   sing N N 227 
MET N   H    sing N N 228 
MET N   H2   sing N N 229 
MET CA  C    sing N N 230 
MET CA  CB   sing N N 231 
MET CA  HA   sing N N 232 
MET C   O    doub N N 233 
MET C   OXT  sing N N 234 
MET CB  CG   sing N N 235 
MET CB  HB2  sing N N 236 
MET CB  HB3  sing N N 237 
MET CG  SD   sing N N 238 
MET CG  HG2  sing N N 239 
MET CG  HG3  sing N N 240 
MET SD  CE   sing N N 241 
MET CE  HE1  sing N N 242 
MET CE  HE2  sing N N 243 
MET CE  HE3  sing N N 244 
MET OXT HXT  sing N N 245 
MJD CBG CBU  sing N N 246 
MJD CBG NBF  sing N N 247 
MJD CBG CBN  sing N N 248 
MJD NBF CBD  sing N N 249 
MJD CBD NBE  doub Y N 250 
MJD CBD OBC  sing Y N 251 
MJD NBE CAZ  sing Y N 252 
MJD OBC CAY  sing Y N 253 
MJD CAZ CAY  doub Y N 254 
MJD CAZ CBA  sing Y N 255 
MJD CAY CAX  sing Y N 256 
MJD CBA CBB  doub Y N 257 
MJD CAX CAS  doub Y N 258 
MJD CBB CAS  sing Y N 259 
MJD CAS SAR  sing N N 260 
MJD SAR OAU  doub N N 261 
MJD SAR OAV  doub N N 262 
MJD SAR NAQ  sing N N 263 
MJD CBP NAQ  sing N N 264 
MJD CBP CBQ  sing N N 265 
MJD NAQ CAP  sing N N 266 
MJD CAP CAT  sing N N 267 
MJD CBR CBQ  sing N N 268 
MJD CBQ CBS  sing N N 269 
MJD CAT OBO  sing N N 270 
MJD CAT CAO  sing N N 271 
MJD CAW CAO  sing N N 272 
MJD CAW CBH  sing N N 273 
MJD CBI CBH  doub Y N 274 
MJD CBI CBJ  sing Y N 275 
MJD FBV CBJ  sing N N 276 
MJD CAO NAN  sing N N 277 
MJD CBH CBM  sing Y N 278 
MJD CBJ CBK  doub Y N 279 
MJD CBM CBL  doub Y N 280 
MJD CBK CBL  sing Y N 281 
MJD NAN CAL  sing N N 282 
MJD CBL FBT  sing N N 283 
MJD OAM CAL  doub N N 284 
MJD CAL OAK  sing N N 285 
MJD OAK CAF  sing N N 286 
MJD CAF CAD  sing N N 287 
MJD CAF CAG  sing N N 288 
MJD CAC CAD  sing N N 289 
MJD CAC OAB  sing N N 290 
MJD CAD CAE  sing N N 291 
MJD CAG CAJ  sing N N 292 
MJD CAG CAH  sing N N 293 
MJD OAB CAA  sing N N 294 
MJD CAJ OAI  sing N N 295 
MJD CAE CAH  sing N N 296 
MJD CAE CAA  sing N N 297 
MJD CAA OAI  sing N N 298 
MJD CAE H1   sing N N 299 
MJD CAH H2   sing N N 300 
MJD CAH H3   sing N N 301 
MJD CAG H4   sing N N 302 
MJD CAJ H5   sing N N 303 
MJD CAJ H6   sing N N 304 
MJD CAA H7   sing N N 305 
MJD CAC H8   sing N N 306 
MJD CAC H9   sing N N 307 
MJD CAD H10  sing N N 308 
MJD CAF H11  sing N N 309 
MJD NAN H12  sing N N 310 
MJD CAO H13  sing N N 311 
MJD CAW H14  sing N N 312 
MJD CAW H15  sing N N 313 
MJD CBI H16  sing N N 314 
MJD CBK H17  sing N N 315 
MJD CBM H18  sing N N 316 
MJD CAT H19  sing N N 317 
MJD OBO H20  sing N N 318 
MJD CAP H21  sing N N 319 
MJD CAP H22  sing N N 320 
MJD CBP H23  sing N N 321 
MJD CBP H24  sing N N 322 
MJD CBQ H25  sing N N 323 
MJD CBS H26  sing N N 324 
MJD CBS H27  sing N N 325 
MJD CBS H28  sing N N 326 
MJD CBR H29  sing N N 327 
MJD CBR H30  sing N N 328 
MJD CBR H31  sing N N 329 
MJD CAX H32  sing N N 330 
MJD CBB H33  sing N N 331 
MJD CBA H34  sing N N 332 
MJD NBF H35  sing N N 333 
MJD CBG H36  sing N N 334 
MJD CBU H37  sing N N 335 
MJD CBU H38  sing N N 336 
MJD CBU H39  sing N N 337 
MJD CBN H40  sing N N 338 
MJD CBN H41  sing N N 339 
MJD CBN H42  sing N N 340 
PHE N   CA   sing N N 341 
PHE N   H    sing N N 342 
PHE N   H2   sing N N 343 
PHE CA  C    sing N N 344 
PHE CA  CB   sing N N 345 
PHE CA  HA   sing N N 346 
PHE C   O    doub N N 347 
PHE C   OXT  sing N N 348 
PHE CB  CG   sing N N 349 
PHE CB  HB2  sing N N 350 
PHE CB  HB3  sing N N 351 
PHE CG  CD1  doub Y N 352 
PHE CG  CD2  sing Y N 353 
PHE CD1 CE1  sing Y N 354 
PHE CD1 HD1  sing N N 355 
PHE CD2 CE2  doub Y N 356 
PHE CD2 HD2  sing N N 357 
PHE CE1 CZ   doub Y N 358 
PHE CE1 HE1  sing N N 359 
PHE CE2 CZ   sing Y N 360 
PHE CE2 HE2  sing N N 361 
PHE CZ  HZ   sing N N 362 
PHE OXT HXT  sing N N 363 
PRO N   CA   sing N N 364 
PRO N   CD   sing N N 365 
PRO N   H    sing N N 366 
PRO CA  C    sing N N 367 
PRO CA  CB   sing N N 368 
PRO CA  HA   sing N N 369 
PRO C   O    doub N N 370 
PRO C   OXT  sing N N 371 
PRO CB  CG   sing N N 372 
PRO CB  HB2  sing N N 373 
PRO CB  HB3  sing N N 374 
PRO CG  CD   sing N N 375 
PRO CG  HG2  sing N N 376 
PRO CG  HG3  sing N N 377 
PRO CD  HD2  sing N N 378 
PRO CD  HD3  sing N N 379 
PRO OXT HXT  sing N N 380 
THR N   CA   sing N N 381 
THR N   H    sing N N 382 
THR N   H2   sing N N 383 
THR CA  C    sing N N 384 
THR CA  CB   sing N N 385 
THR CA  HA   sing N N 386 
THR C   O    doub N N 387 
THR C   OXT  sing N N 388 
THR CB  OG1  sing N N 389 
THR CB  CG2  sing N N 390 
THR CB  HB   sing N N 391 
THR OG1 HG1  sing N N 392 
THR CG2 HG21 sing N N 393 
THR CG2 HG22 sing N N 394 
THR CG2 HG23 sing N N 395 
THR OXT HXT  sing N N 396 
TRP N   CA   sing N N 397 
TRP N   H    sing N N 398 
TRP N   H2   sing N N 399 
TRP CA  C    sing N N 400 
TRP CA  CB   sing N N 401 
TRP CA  HA   sing N N 402 
TRP C   O    doub N N 403 
TRP C   OXT  sing N N 404 
TRP CB  CG   sing N N 405 
TRP CB  HB2  sing N N 406 
TRP CB  HB3  sing N N 407 
TRP CG  CD1  doub Y N 408 
TRP CG  CD2  sing Y N 409 
TRP CD1 NE1  sing Y N 410 
TRP CD1 HD1  sing N N 411 
TRP CD2 CE2  doub Y N 412 
TRP CD2 CE3  sing Y N 413 
TRP NE1 CE2  sing Y N 414 
TRP NE1 HE1  sing N N 415 
TRP CE2 CZ2  sing Y N 416 
TRP CE3 CZ3  doub Y N 417 
TRP CE3 HE3  sing N N 418 
TRP CZ2 CH2  doub Y N 419 
TRP CZ2 HZ2  sing N N 420 
TRP CZ3 CH2  sing Y N 421 
TRP CZ3 HZ3  sing N N 422 
TRP CH2 HH2  sing N N 423 
TRP OXT HXT  sing N N 424 
TYR N   CA   sing N N 425 
TYR N   H    sing N N 426 
TYR N   H2   sing N N 427 
TYR CA  C    sing N N 428 
TYR CA  CB   sing N N 429 
TYR CA  HA   sing N N 430 
TYR C   O    doub N N 431 
TYR C   OXT  sing N N 432 
TYR CB  CG   sing N N 433 
TYR CB  HB2  sing N N 434 
TYR CB  HB3  sing N N 435 
TYR CG  CD1  doub Y N 436 
TYR CG  CD2  sing Y N 437 
TYR CD1 CE1  sing Y N 438 
TYR CD1 HD1  sing N N 439 
TYR CD2 CE2  doub Y N 440 
TYR CD2 HD2  sing N N 441 
TYR CE1 CZ   doub Y N 442 
TYR CE1 HE1  sing N N 443 
TYR CE2 CZ   sing Y N 444 
TYR CE2 HE2  sing N N 445 
TYR CZ  OH   sing N N 446 
TYR OH  HH   sing N N 447 
TYR OXT HXT  sing N N 448 
VAL N   CA   sing N N 449 
VAL N   H    sing N N 450 
VAL N   H2   sing N N 451 
VAL CA  C    sing N N 452 
VAL CA  CB   sing N N 453 
VAL CA  HA   sing N N 454 
VAL C   O    doub N N 455 
VAL C   OXT  sing N N 456 
VAL CB  CG1  sing N N 457 
VAL CB  CG2  sing N N 458 
VAL CB  HB   sing N N 459 
VAL CG1 HG11 sing N N 460 
VAL CG1 HG12 sing N N 461 
VAL CG1 HG13 sing N N 462 
VAL CG2 HG21 sing N N 463 
VAL CG2 HG22 sing N N 464 
VAL CG2 HG23 sing N N 465 
VAL OXT HXT  sing N N 466 
# 
_pdbx_audit_support.funding_organization   'National Institutes of Health/National Cancer Institute (NIH/NCI)' 
_pdbx_audit_support.country                'United States' 
_pdbx_audit_support.grant_number           ? 
_pdbx_audit_support.ordinal                1 
# 
_pdbx_entity_instance_feature.ordinal        1 
_pdbx_entity_instance_feature.comp_id        MJD 
_pdbx_entity_instance_feature.asym_id        ? 
_pdbx_entity_instance_feature.seq_num        ? 
_pdbx_entity_instance_feature.auth_comp_id   MJD 
_pdbx_entity_instance_feature.auth_asym_id   ? 
_pdbx_entity_instance_feature.auth_seq_num   ? 
_pdbx_entity_instance_feature.feature_type   'SUBJECT OF INVESTIGATION' 
_pdbx_entity_instance_feature.details        ? 
# 
loop_
_pdbx_entity_nonpoly.entity_id 
_pdbx_entity_nonpoly.name 
_pdbx_entity_nonpoly.comp_id 
2 1,2-ETHANEDIOL EDO 
3 
;(3S,3aR,5R,7aS,8S)-hexahydro-4H-3,5-methanofuro[2,3-b]pyran-8-yl {(2S,3R)-1-(3,5-difluorophenyl)-3-hydroxy-4-[(2-methylpropyl)({2-[(propan-2-yl)amino]-1,3-benzoxazol-6-yl}sulfonyl)amino]butan-2-yl}carbamate
;
MJD 
4 water HOH 
# 
_pdbx_initial_refinement_model.id               1 
_pdbx_initial_refinement_model.entity_id_list   ? 
_pdbx_initial_refinement_model.type             'experimental model' 
_pdbx_initial_refinement_model.source_name      PDB 
_pdbx_initial_refinement_model.accession_code   5TYR 
_pdbx_initial_refinement_model.details          ? 
# 
_pdbx_struct_assembly_auth_evidence.id                     1 
_pdbx_struct_assembly_auth_evidence.assembly_id            1 
_pdbx_struct_assembly_auth_evidence.experimental_support   'gel filtration' 
_pdbx_struct_assembly_auth_evidence.details                ? 
# 
